data_4E4C
# 
_entry.id   4E4C 
# 
_audit_conform.dict_name       mmcif_pdbx.dic 
_audit_conform.dict_version    5.399 
_audit_conform.dict_location   http://mmcif.pdb.org/dictionaries/ascii/mmcif_pdbx.dic 
# 
loop_
_database_2.database_id 
_database_2.database_code 
_database_2.pdbx_database_accession 
_database_2.pdbx_DOI 
PDB   4E4C         pdb_00004e4c 10.2210/pdb4e4c/pdb 
RCSB  RCSB071152   ?            ?                   
WWPDB D_1000071152 ?            ?                   
# 
loop_
_pdbx_audit_revision_history.ordinal 
_pdbx_audit_revision_history.data_content_type 
_pdbx_audit_revision_history.major_revision 
_pdbx_audit_revision_history.minor_revision 
_pdbx_audit_revision_history.revision_date 
1 'Structure model' 1 0 2012-03-28 
2 'Structure model' 1 1 2023-09-13 
3 'Structure model' 1 2 2024-11-20 
# 
_pdbx_audit_revision_details.ordinal             1 
_pdbx_audit_revision_details.revision_ordinal    1 
_pdbx_audit_revision_details.data_content_type   'Structure model' 
_pdbx_audit_revision_details.provider            repository 
_pdbx_audit_revision_details.type                'Initial release' 
_pdbx_audit_revision_details.description         ? 
_pdbx_audit_revision_details.details             ? 
# 
loop_
_pdbx_audit_revision_group.ordinal 
_pdbx_audit_revision_group.revision_ordinal 
_pdbx_audit_revision_group.data_content_type 
_pdbx_audit_revision_group.group 
1 2 'Structure model' 'Data collection'        
2 2 'Structure model' 'Database references'    
3 2 'Structure model' 'Derived calculations'   
4 2 'Structure model' 'Refinement description' 
5 3 'Structure model' 'Structure summary'      
# 
loop_
_pdbx_audit_revision_category.ordinal 
_pdbx_audit_revision_category.revision_ordinal 
_pdbx_audit_revision_category.data_content_type 
_pdbx_audit_revision_category.category 
1 2 'Structure model' chem_comp_atom                
2 2 'Structure model' chem_comp_bond                
3 2 'Structure model' database_2                    
4 2 'Structure model' pdbx_initial_refinement_model 
5 2 'Structure model' struct_site                   
6 3 'Structure model' pdbx_entry_details            
7 3 'Structure model' pdbx_modification_feature     
# 
loop_
_pdbx_audit_revision_item.ordinal 
_pdbx_audit_revision_item.revision_ordinal 
_pdbx_audit_revision_item.data_content_type 
_pdbx_audit_revision_item.item 
1 2 'Structure model' '_database_2.pdbx_DOI'                
2 2 'Structure model' '_database_2.pdbx_database_accession' 
3 2 'Structure model' '_struct_site.pdbx_auth_asym_id'      
4 2 'Structure model' '_struct_site.pdbx_auth_comp_id'      
5 2 'Structure model' '_struct_site.pdbx_auth_seq_id'       
# 
_pdbx_database_status.status_code                     REL 
_pdbx_database_status.entry_id                        4E4C 
_pdbx_database_status.recvd_initial_deposition_date   2012-03-12 
_pdbx_database_status.deposit_site                    RCSB 
_pdbx_database_status.process_site                    RCSB 
_pdbx_database_status.status_code_sf                  REL 
_pdbx_database_status.status_code_mr                  ? 
_pdbx_database_status.SG_entry                        ? 
_pdbx_database_status.status_code_cs                  ? 
_pdbx_database_status.methods_development_category    ? 
_pdbx_database_status.pdb_format_compatible           Y 
_pdbx_database_status.status_code_nmr_data            ? 
# 
_pdbx_database_related.db_name        PDB 
_pdbx_database_related.db_id          1AE7 
_pdbx_database_related.details        . 
_pdbx_database_related.content_type   unspecified 
# 
loop_
_audit_author.name 
_audit_author.pdbx_ordinal 
'Ullah, A.'      1 
'Spencer, P.'    2 
'Murakami, M.T.' 3 
'Arni, R.K.'     4 
# 
_citation.id                        primary 
_citation.title                     'High resolution structure of Notexin' 
_citation.journal_abbrev            'To be Published' 
_citation.journal_volume            ? 
_citation.page_first                ? 
_citation.page_last                 ? 
_citation.year                      ? 
_citation.journal_id_ASTM           ? 
_citation.country                   ? 
_citation.journal_id_ISSN           ? 
_citation.journal_id_CSD            0353 
_citation.book_publisher            ? 
_citation.pdbx_database_id_PubMed   ? 
_citation.pdbx_database_id_DOI      ? 
# 
loop_
_citation_author.citation_id 
_citation_author.name 
_citation_author.ordinal 
_citation_author.identifier_ORCID 
primary 'Ullah, A.'      1 ? 
primary 'Spencer, P.'    2 ? 
primary 'Murakami, M.T.' 3 ? 
primary 'Arni, R.K.'     4 ? 
# 
loop_
_entity.id 
_entity.type 
_entity.src_method 
_entity.pdbx_description 
_entity.formula_weight 
_entity.pdbx_number_of_molecules 
_entity.pdbx_ec 
_entity.pdbx_mutation 
_entity.pdbx_fragment 
_entity.details 
1 polymer     nat 'Phospholipase A2'                     13612.487 1  3.1.1.4 ? ? ? 
2 non-polymer syn 'SULFATE ION'                          96.063    2  ?       ? ? ? 
3 non-polymer syn '2-(N-MORPHOLINO)-ETHANESULFONIC ACID' 195.237   1  ?       ? ? ? 
4 water       nat water                                  18.015    86 ?       ? ? ? 
# 
_entity_name_com.entity_id   1 
_entity_name_com.name        'Notexin, Phosphatidylcholine 2-acylhydrolase' 
# 
_entity_poly.entity_id                      1 
_entity_poly.type                           'polypeptide(L)' 
_entity_poly.nstd_linkage                   no 
_entity_poly.nstd_monomer                   no 
_entity_poly.pdbx_seq_one_letter_code       
;NLVQFSYLIQCANHGKRPTWHYMDYGCYCGAGGSGTPVDELDRCCKIHDDCYDEAGKKGCFPKMSAYDYYCGENGPYCRN
IKKKCLRFVCDCDVEAAFCFAKAPYNNANWNIDTKKRCQ
;
_entity_poly.pdbx_seq_one_letter_code_can   
;NLVQFSYLIQCANHGKRPTWHYMDYGCYCGAGGSGTPVDELDRCCKIHDDCYDEAGKKGCFPKMSAYDYYCGENGPYCRN
IKKKCLRFVCDCDVEAAFCFAKAPYNNANWNIDTKKRCQ
;
_entity_poly.pdbx_strand_id                 A 
_entity_poly.pdbx_target_identifier         ? 
# 
loop_
_pdbx_entity_nonpoly.entity_id 
_pdbx_entity_nonpoly.name 
_pdbx_entity_nonpoly.comp_id 
2 'SULFATE ION'                          SO4 
3 '2-(N-MORPHOLINO)-ETHANESULFONIC ACID' MES 
4 water                                  HOH 
# 
loop_
_entity_poly_seq.entity_id 
_entity_poly_seq.num 
_entity_poly_seq.mon_id 
_entity_poly_seq.hetero 
1 1   ASN n 
1 2   LEU n 
1 3   VAL n 
1 4   GLN n 
1 5   PHE n 
1 6   SER n 
1 7   TYR n 
1 8   LEU n 
1 9   ILE n 
1 10  GLN n 
1 11  CYS n 
1 12  ALA n 
1 13  ASN n 
1 14  HIS n 
1 15  GLY n 
1 16  LYS n 
1 17  ARG n 
1 18  PRO n 
1 19  THR n 
1 20  TRP n 
1 21  HIS n 
1 22  TYR n 
1 23  MET n 
1 24  ASP n 
1 25  TYR n 
1 26  GLY n 
1 27  CYS n 
1 28  TYR n 
1 29  CYS n 
1 30  GLY n 
1 31  ALA n 
1 32  GLY n 
1 33  GLY n 
1 34  SER n 
1 35  GLY n 
1 36  THR n 
1 37  PRO n 
1 38  VAL n 
1 39  ASP n 
1 40  GLU n 
1 41  LEU n 
1 42  ASP n 
1 43  ARG n 
1 44  CYS n 
1 45  CYS n 
1 46  LYS n 
1 47  ILE n 
1 48  HIS n 
1 49  ASP n 
1 50  ASP n 
1 51  CYS n 
1 52  TYR n 
1 53  ASP n 
1 54  GLU n 
1 55  ALA n 
1 56  GLY n 
1 57  LYS n 
1 58  LYS n 
1 59  GLY n 
1 60  CYS n 
1 61  PHE n 
1 62  PRO n 
1 63  LYS n 
1 64  MET n 
1 65  SER n 
1 66  ALA n 
1 67  TYR n 
1 68  ASP n 
1 69  TYR n 
1 70  TYR n 
1 71  CYS n 
1 72  GLY n 
1 73  GLU n 
1 74  ASN n 
1 75  GLY n 
1 76  PRO n 
1 77  TYR n 
1 78  CYS n 
1 79  ARG n 
1 80  ASN n 
1 81  ILE n 
1 82  LYS n 
1 83  LYS n 
1 84  LYS n 
1 85  CYS n 
1 86  LEU n 
1 87  ARG n 
1 88  PHE n 
1 89  VAL n 
1 90  CYS n 
1 91  ASP n 
1 92  CYS n 
1 93  ASP n 
1 94  VAL n 
1 95  GLU n 
1 96  ALA n 
1 97  ALA n 
1 98  PHE n 
1 99  CYS n 
1 100 PHE n 
1 101 ALA n 
1 102 LYS n 
1 103 ALA n 
1 104 PRO n 
1 105 TYR n 
1 106 ASN n 
1 107 ASN n 
1 108 ALA n 
1 109 ASN n 
1 110 TRP n 
1 111 ASN n 
1 112 ILE n 
1 113 ASP n 
1 114 THR n 
1 115 LYS n 
1 116 LYS n 
1 117 ARG n 
1 118 CYS n 
1 119 GLN n 
# 
_entity_src_nat.entity_id                  1 
_entity_src_nat.pdbx_src_id                1 
_entity_src_nat.pdbx_alt_source_flag       sample 
_entity_src_nat.pdbx_beg_seq_num           ? 
_entity_src_nat.pdbx_end_seq_num           ? 
_entity_src_nat.common_name                'Mainland tiger snake' 
_entity_src_nat.pdbx_organism_scientific   'Notechis scutatus scutatus' 
_entity_src_nat.pdbx_ncbi_taxonomy_id      70142 
_entity_src_nat.genus                      ? 
_entity_src_nat.species                    ? 
_entity_src_nat.strain                     ? 
_entity_src_nat.tissue                     ? 
_entity_src_nat.tissue_fraction            ? 
_entity_src_nat.pdbx_secretion             ? 
_entity_src_nat.pdbx_fragment              ? 
_entity_src_nat.pdbx_variant               ? 
_entity_src_nat.pdbx_cell_line             ? 
_entity_src_nat.pdbx_atcc                  ? 
_entity_src_nat.pdbx_cellular_location     ? 
_entity_src_nat.pdbx_organ                 ? 
_entity_src_nat.pdbx_organelle             ? 
_entity_src_nat.pdbx_cell                  ? 
_entity_src_nat.pdbx_plasmid_name          ? 
_entity_src_nat.pdbx_plasmid_details       ? 
_entity_src_nat.details                    ? 
# 
loop_
_chem_comp.id 
_chem_comp.type 
_chem_comp.mon_nstd_flag 
_chem_comp.name 
_chem_comp.pdbx_synonyms 
_chem_comp.formula 
_chem_comp.formula_weight 
ALA 'L-peptide linking' y ALANINE                                ? 'C3 H7 N O2'     89.093  
ARG 'L-peptide linking' y ARGININE                               ? 'C6 H15 N4 O2 1' 175.209 
ASN 'L-peptide linking' y ASPARAGINE                             ? 'C4 H8 N2 O3'    132.118 
ASP 'L-peptide linking' y 'ASPARTIC ACID'                        ? 'C4 H7 N O4'     133.103 
CYS 'L-peptide linking' y CYSTEINE                               ? 'C3 H7 N O2 S'   121.158 
GLN 'L-peptide linking' y GLUTAMINE                              ? 'C5 H10 N2 O3'   146.144 
GLU 'L-peptide linking' y 'GLUTAMIC ACID'                        ? 'C5 H9 N O4'     147.129 
GLY 'peptide linking'   y GLYCINE                                ? 'C2 H5 N O2'     75.067  
HIS 'L-peptide linking' y HISTIDINE                              ? 'C6 H10 N3 O2 1' 156.162 
HOH non-polymer         . WATER                                  ? 'H2 O'           18.015  
ILE 'L-peptide linking' y ISOLEUCINE                             ? 'C6 H13 N O2'    131.173 
LEU 'L-peptide linking' y LEUCINE                                ? 'C6 H13 N O2'    131.173 
LYS 'L-peptide linking' y LYSINE                                 ? 'C6 H15 N2 O2 1' 147.195 
MES non-polymer         . '2-(N-MORPHOLINO)-ETHANESULFONIC ACID' ? 'C6 H13 N O4 S'  195.237 
MET 'L-peptide linking' y METHIONINE                             ? 'C5 H11 N O2 S'  149.211 
PHE 'L-peptide linking' y PHENYLALANINE                          ? 'C9 H11 N O2'    165.189 
PRO 'L-peptide linking' y PROLINE                                ? 'C5 H9 N O2'     115.130 
SER 'L-peptide linking' y SERINE                                 ? 'C3 H7 N O3'     105.093 
SO4 non-polymer         . 'SULFATE ION'                          ? 'O4 S -2'        96.063  
THR 'L-peptide linking' y THREONINE                              ? 'C4 H9 N O3'     119.119 
TRP 'L-peptide linking' y TRYPTOPHAN                             ? 'C11 H12 N2 O2'  204.225 
TYR 'L-peptide linking' y TYROSINE                               ? 'C9 H11 N O3'    181.189 
VAL 'L-peptide linking' y VALINE                                 ? 'C5 H11 N O2'    117.146 
# 
loop_
_pdbx_poly_seq_scheme.asym_id 
_pdbx_poly_seq_scheme.entity_id 
_pdbx_poly_seq_scheme.seq_id 
_pdbx_poly_seq_scheme.mon_id 
_pdbx_poly_seq_scheme.ndb_seq_num 
_pdbx_poly_seq_scheme.pdb_seq_num 
_pdbx_poly_seq_scheme.auth_seq_num 
_pdbx_poly_seq_scheme.pdb_mon_id 
_pdbx_poly_seq_scheme.auth_mon_id 
_pdbx_poly_seq_scheme.pdb_strand_id 
_pdbx_poly_seq_scheme.pdb_ins_code 
_pdbx_poly_seq_scheme.hetero 
A 1 1   ASN 1   1   1   ASN ASN A . n 
A 1 2   LEU 2   2   2   LEU LEU A . n 
A 1 3   VAL 3   3   3   VAL VAL A . n 
A 1 4   GLN 4   4   4   GLN GLN A . n 
A 1 5   PHE 5   5   5   PHE PHE A . n 
A 1 6   SER 6   6   6   SER SER A . n 
A 1 7   TYR 7   7   7   TYR TYR A . n 
A 1 8   LEU 8   8   8   LEU LEU A . n 
A 1 9   ILE 9   9   9   ILE ILE A . n 
A 1 10  GLN 10  10  10  GLN GLN A . n 
A 1 11  CYS 11  11  11  CYS CYS A . n 
A 1 12  ALA 12  12  12  ALA ALA A . n 
A 1 13  ASN 13  13  13  ASN ASN A . n 
A 1 14  HIS 14  14  14  HIS HIS A . n 
A 1 15  GLY 15  15  15  GLY GLY A . n 
A 1 16  LYS 16  16  16  LYS LYS A . n 
A 1 17  ARG 17  17  17  ARG ARG A . n 
A 1 18  PRO 18  18  18  PRO PRO A . n 
A 1 19  THR 19  19  19  THR THR A . n 
A 1 20  TRP 20  20  20  TRP TRP A . n 
A 1 21  HIS 21  21  21  HIS HIS A . n 
A 1 22  TYR 22  22  22  TYR TYR A . n 
A 1 23  MET 23  23  23  MET MET A . n 
A 1 24  ASP 24  24  24  ASP ASP A . n 
A 1 25  TYR 25  25  25  TYR TYR A . n 
A 1 26  GLY 26  26  26  GLY GLY A . n 
A 1 27  CYS 27  27  27  CYS CYS A . n 
A 1 28  TYR 28  28  28  TYR TYR A . n 
A 1 29  CYS 29  29  29  CYS CYS A . n 
A 1 30  GLY 30  30  30  GLY GLY A . n 
A 1 31  ALA 31  31  31  ALA ALA A . n 
A 1 32  GLY 32  32  32  GLY GLY A . n 
A 1 33  GLY 33  33  33  GLY GLY A . n 
A 1 34  SER 34  34  34  SER SER A . n 
A 1 35  GLY 35  35  35  GLY GLY A . n 
A 1 36  THR 36  36  36  THR THR A . n 
A 1 37  PRO 37  37  37  PRO PRO A . n 
A 1 38  VAL 38  38  38  VAL VAL A . n 
A 1 39  ASP 39  39  39  ASP ASP A . n 
A 1 40  GLU 40  40  40  GLU GLU A . n 
A 1 41  LEU 41  41  41  LEU LEU A . n 
A 1 42  ASP 42  42  42  ASP ASP A . n 
A 1 43  ARG 43  43  43  ARG ARG A . n 
A 1 44  CYS 44  44  44  CYS CYS A . n 
A 1 45  CYS 45  45  45  CYS CYS A . n 
A 1 46  LYS 46  46  46  LYS LYS A . n 
A 1 47  ILE 47  47  47  ILE ILE A . n 
A 1 48  HIS 48  48  48  HIS HIS A . n 
A 1 49  ASP 49  49  49  ASP ASP A . n 
A 1 50  ASP 50  50  50  ASP ASP A . n 
A 1 51  CYS 51  51  51  CYS CYS A . n 
A 1 52  TYR 52  52  52  TYR TYR A . n 
A 1 53  ASP 53  53  53  ASP ASP A . n 
A 1 54  GLU 54  54  54  GLU GLU A . n 
A 1 55  ALA 55  55  55  ALA ALA A . n 
A 1 56  GLY 56  56  56  GLY GLY A . n 
A 1 57  LYS 57  57  57  LYS LYS A . n 
A 1 58  LYS 58  58  58  LYS LYS A . n 
A 1 59  GLY 59  59  59  GLY GLY A . n 
A 1 60  CYS 60  60  60  CYS CYS A . n 
A 1 61  PHE 61  61  61  PHE PHE A . n 
A 1 62  PRO 62  62  62  PRO PRO A . n 
A 1 63  LYS 63  63  63  LYS LYS A . n 
A 1 64  MET 64  64  64  MET MET A . n 
A 1 65  SER 65  65  65  SER SER A . n 
A 1 66  ALA 66  66  66  ALA ALA A . n 
A 1 67  TYR 67  67  67  TYR TYR A . n 
A 1 68  ASP 68  68  68  ASP ASP A . n 
A 1 69  TYR 69  69  69  TYR TYR A . n 
A 1 70  TYR 70  70  70  TYR TYR A . n 
A 1 71  CYS 71  71  71  CYS CYS A . n 
A 1 72  GLY 72  72  72  GLY GLY A . n 
A 1 73  GLU 73  73  73  GLU GLU A . n 
A 1 74  ASN 74  74  74  ASN ASN A . n 
A 1 75  GLY 75  75  75  GLY GLY A . n 
A 1 76  PRO 76  76  76  PRO PRO A . n 
A 1 77  TYR 77  77  77  TYR TYR A . n 
A 1 78  CYS 78  78  78  CYS CYS A . n 
A 1 79  ARG 79  79  79  ARG ARG A . n 
A 1 80  ASN 80  80  80  ASN ASN A . n 
A 1 81  ILE 81  81  81  ILE ILE A . n 
A 1 82  LYS 82  82  82  LYS LYS A . n 
A 1 83  LYS 83  83  83  LYS LYS A . n 
A 1 84  LYS 84  84  84  LYS LYS A . n 
A 1 85  CYS 85  85  85  CYS CYS A . n 
A 1 86  LEU 86  86  86  LEU LEU A . n 
A 1 87  ARG 87  87  87  ARG ARG A . n 
A 1 88  PHE 88  88  88  PHE PHE A . n 
A 1 89  VAL 89  89  89  VAL VAL A . n 
A 1 90  CYS 90  90  90  CYS CYS A . n 
A 1 91  ASP 91  91  91  ASP ASP A . n 
A 1 92  CYS 92  92  92  CYS CYS A . n 
A 1 93  ASP 93  93  93  ASP ASP A . n 
A 1 94  VAL 94  94  94  VAL VAL A . n 
A 1 95  GLU 95  95  95  GLU GLU A . n 
A 1 96  ALA 96  96  96  ALA ALA A . n 
A 1 97  ALA 97  97  97  ALA ALA A . n 
A 1 98  PHE 98  98  98  PHE PHE A . n 
A 1 99  CYS 99  99  99  CYS CYS A . n 
A 1 100 PHE 100 100 100 PHE PHE A . n 
A 1 101 ALA 101 101 101 ALA ALA A . n 
A 1 102 LYS 102 102 102 LYS LYS A . n 
A 1 103 ALA 103 103 103 ALA ALA A . n 
A 1 104 PRO 104 104 104 PRO PRO A . n 
A 1 105 TYR 105 105 105 TYR TYR A . n 
A 1 106 ASN 106 106 106 ASN ASN A . n 
A 1 107 ASN 107 107 107 ASN ASN A . n 
A 1 108 ALA 108 108 108 ALA ALA A . n 
A 1 109 ASN 109 109 109 ASN ASN A . n 
A 1 110 TRP 110 110 110 TRP TRP A . n 
A 1 111 ASN 111 111 111 ASN ASN A . n 
A 1 112 ILE 112 112 112 ILE ILE A . n 
A 1 113 ASP 113 113 113 ASP ASP A . n 
A 1 114 THR 114 114 114 THR THR A . n 
A 1 115 LYS 115 115 115 LYS LYS A . n 
A 1 116 LYS 116 116 116 LYS LYS A . n 
A 1 117 ARG 117 117 117 ARG ARG A . n 
A 1 118 CYS 118 118 118 CYS CYS A . n 
A 1 119 GLN 119 119 ?   ?   ?   A . n 
# 
loop_
_pdbx_nonpoly_scheme.asym_id 
_pdbx_nonpoly_scheme.entity_id 
_pdbx_nonpoly_scheme.mon_id 
_pdbx_nonpoly_scheme.ndb_seq_num 
_pdbx_nonpoly_scheme.pdb_seq_num 
_pdbx_nonpoly_scheme.auth_seq_num 
_pdbx_nonpoly_scheme.pdb_mon_id 
_pdbx_nonpoly_scheme.auth_mon_id 
_pdbx_nonpoly_scheme.pdb_strand_id 
_pdbx_nonpoly_scheme.pdb_ins_code 
B 2 SO4 1  201 119 SO4 SO4 A . 
C 2 SO4 1  202 120 SO4 SO4 A . 
D 3 MES 1  203 194 MES MES A . 
E 4 HOH 1  301 121 HOH HOH A . 
E 4 HOH 2  302 122 HOH HOH A . 
E 4 HOH 3  303 123 HOH HOH A . 
E 4 HOH 4  304 124 HOH HOH A . 
E 4 HOH 5  305 125 HOH HOH A . 
E 4 HOH 6  306 126 HOH HOH A . 
E 4 HOH 7  307 127 HOH HOH A . 
E 4 HOH 8  308 129 HOH HOH A . 
E 4 HOH 9  309 130 HOH HOH A . 
E 4 HOH 10 310 131 HOH HOH A . 
E 4 HOH 11 311 132 HOH HOH A . 
E 4 HOH 12 312 133 HOH HOH A . 
E 4 HOH 13 313 134 HOH HOH A . 
E 4 HOH 14 314 135 HOH HOH A . 
E 4 HOH 15 315 136 HOH HOH A . 
E 4 HOH 16 316 137 HOH HOH A . 
E 4 HOH 17 317 138 HOH HOH A . 
E 4 HOH 18 318 139 HOH HOH A . 
E 4 HOH 19 319 140 HOH HOH A . 
E 4 HOH 20 320 141 HOH HOH A . 
E 4 HOH 21 321 142 HOH HOH A . 
E 4 HOH 22 322 143 HOH HOH A . 
E 4 HOH 23 323 144 HOH HOH A . 
E 4 HOH 24 324 145 HOH HOH A . 
E 4 HOH 25 325 146 HOH HOH A . 
E 4 HOH 26 326 147 HOH HOH A . 
E 4 HOH 27 327 148 HOH HOH A . 
E 4 HOH 28 328 149 HOH HOH A . 
E 4 HOH 29 329 150 HOH HOH A . 
E 4 HOH 30 330 151 HOH HOH A . 
E 4 HOH 31 331 153 HOH HOH A . 
E 4 HOH 32 332 154 HOH HOH A . 
E 4 HOH 33 333 155 HOH HOH A . 
E 4 HOH 34 334 156 HOH HOH A . 
E 4 HOH 35 335 157 HOH HOH A . 
E 4 HOH 36 336 158 HOH HOH A . 
E 4 HOH 37 337 159 HOH HOH A . 
E 4 HOH 38 338 160 HOH HOH A . 
E 4 HOH 39 339 161 HOH HOH A . 
E 4 HOH 40 340 163 HOH HOH A . 
E 4 HOH 41 341 164 HOH HOH A . 
E 4 HOH 42 342 165 HOH HOH A . 
E 4 HOH 43 343 166 HOH HOH A . 
E 4 HOH 44 344 167 HOH HOH A . 
E 4 HOH 45 345 168 HOH HOH A . 
E 4 HOH 46 346 169 HOH HOH A . 
E 4 HOH 47 347 170 HOH HOH A . 
E 4 HOH 48 348 171 HOH HOH A . 
E 4 HOH 49 349 172 HOH HOH A . 
E 4 HOH 50 350 173 HOH HOH A . 
E 4 HOH 51 351 174 HOH HOH A . 
E 4 HOH 52 352 175 HOH HOH A . 
E 4 HOH 53 353 176 HOH HOH A . 
E 4 HOH 54 354 177 HOH HOH A . 
E 4 HOH 55 355 178 HOH HOH A . 
E 4 HOH 56 356 179 HOH HOH A . 
E 4 HOH 57 357 180 HOH HOH A . 
E 4 HOH 58 358 181 HOH HOH A . 
E 4 HOH 59 359 182 HOH HOH A . 
E 4 HOH 60 360 183 HOH HOH A . 
E 4 HOH 61 361 184 HOH HOH A . 
E 4 HOH 62 362 186 HOH HOH A . 
E 4 HOH 63 363 187 HOH HOH A . 
E 4 HOH 64 364 188 HOH HOH A . 
E 4 HOH 65 365 189 HOH HOH A . 
E 4 HOH 66 366 190 HOH HOH A . 
E 4 HOH 67 367 191 HOH HOH A . 
E 4 HOH 68 368 192 HOH HOH A . 
E 4 HOH 69 369 193 HOH HOH A . 
E 4 HOH 70 370 194 HOH HOH A . 
E 4 HOH 71 371 195 HOH HOH A . 
E 4 HOH 72 372 196 HOH HOH A . 
E 4 HOH 73 373 197 HOH HOH A . 
E 4 HOH 74 374 198 HOH HOH A . 
E 4 HOH 75 375 199 HOH HOH A . 
E 4 HOH 76 376 200 HOH HOH A . 
E 4 HOH 77 377 201 HOH HOH A . 
E 4 HOH 78 378 202 HOH HOH A . 
E 4 HOH 79 379 203 HOH HOH A . 
E 4 HOH 80 380 204 HOH HOH A . 
E 4 HOH 81 381 205 HOH HOH A . 
E 4 HOH 82 382 206 HOH HOH A . 
E 4 HOH 83 383 207 HOH HOH A . 
E 4 HOH 84 384 208 HOH HOH A . 
E 4 HOH 85 385 209 HOH HOH A . 
E 4 HOH 86 386 210 HOH HOH A . 
# 
loop_
_software.name 
_software.classification 
_software.version 
_software.citation_id 
_software.pdbx_ordinal 
NatXray   'data collection' software ? 1 
MOLREP    phasing           .        ? 2 
REFMAC    refinement        5.5.0109 ? 3 
DENZO     'data reduction'  .        ? 4 
SCALEPACK 'data scaling'    .        ? 5 
# 
_cell.entry_id           4E4C 
_cell.length_a           74.100 
_cell.length_b           74.100 
_cell.length_c           48.738 
_cell.angle_alpha        90.00 
_cell.angle_beta         90.00 
_cell.angle_gamma        120.00 
_cell.Z_PDB              6 
_cell.pdbx_unique_axis   ? 
_cell.length_a_esd       ? 
_cell.length_b_esd       ? 
_cell.length_c_esd       ? 
_cell.angle_alpha_esd    ? 
_cell.angle_beta_esd     ? 
_cell.angle_gamma_esd    ? 
# 
_symmetry.entry_id                         4E4C 
_symmetry.space_group_name_H-M             'P 31 2 1' 
_symmetry.pdbx_full_space_group_name_H-M   ? 
_symmetry.cell_setting                     ? 
_symmetry.Int_Tables_number                152 
_symmetry.space_group_name_Hall            ? 
# 
_exptl.entry_id          4E4C 
_exptl.method            'X-RAY DIFFRACTION' 
_exptl.crystals_number   1 
# 
_exptl_crystal.id                    1 
_exptl_crystal.density_meas          ? 
_exptl_crystal.density_Matthews      2.84 
_exptl_crystal.density_percent_sol   56.65 
_exptl_crystal.description           ? 
_exptl_crystal.F_000                 ? 
_exptl_crystal.preparation           ? 
# 
_exptl_crystal_grow.crystal_id      1 
_exptl_crystal_grow.method          'VAPOR DIFFUSION, HANGING DROP' 
_exptl_crystal_grow.temp            292 
_exptl_crystal_grow.temp_details    ? 
_exptl_crystal_grow.pH              6.0 
_exptl_crystal_grow.pdbx_details    '100 mM MES, 2.5 ammonium sulfate, pH 6.0, VAPOR DIFFUSION, HANGING DROP, temperature 292K' 
_exptl_crystal_grow.pdbx_pH_range   ? 
# 
_diffrn.id                     1 
_diffrn.ambient_temp           100 
_diffrn.ambient_temp_details   ? 
_diffrn.crystal_id             1 
# 
_diffrn_detector.diffrn_id              1 
_diffrn_detector.detector               CCD 
_diffrn_detector.type                   'MARMOSAIC 225 mm CCD' 
_diffrn_detector.pdbx_collection_date   2012-02-10 
_diffrn_detector.details                ? 
# 
_diffrn_radiation.diffrn_id                        1 
_diffrn_radiation.wavelength_id                    1 
_diffrn_radiation.pdbx_monochromatic_or_laue_m_l   M 
_diffrn_radiation.monochromator                    'Si(111)' 
_diffrn_radiation.pdbx_diffrn_protocol             'SINGLE WAVELENGTH' 
_diffrn_radiation.pdbx_scattering_type             x-ray 
# 
_diffrn_radiation_wavelength.id           1 
_diffrn_radiation_wavelength.wavelength   1.46 
_diffrn_radiation_wavelength.wt           1.0 
# 
_diffrn_source.diffrn_id                   1 
_diffrn_source.source                      SYNCHROTRON 
_diffrn_source.type                        'LNLS BEAMLINE W01B-MX2' 
_diffrn_source.pdbx_synchrotron_site       LNLS 
_diffrn_source.pdbx_synchrotron_beamline   W01B-MX2 
_diffrn_source.pdbx_wavelength             ? 
_diffrn_source.pdbx_wavelength_list        1.46 
# 
_reflns.entry_id                     4E4C 
_reflns.observed_criterion_sigma_I   2 
_reflns.observed_criterion_sigma_F   1.0 
_reflns.d_resolution_low             30 
_reflns.d_resolution_high            1.80 
_reflns.number_obs                   13984 
_reflns.number_all                   16425 
_reflns.percent_possible_obs         95.4 
_reflns.pdbx_Rmerge_I_obs            0.074 
_reflns.pdbx_netI_over_sigmaI        ? 
_reflns.B_iso_Wilson_estimate        ? 
_reflns.pdbx_redundancy              ? 
_reflns.R_free_details               ? 
_reflns.limit_h_max                  ? 
_reflns.limit_h_min                  ? 
_reflns.limit_k_max                  ? 
_reflns.limit_k_min                  ? 
_reflns.limit_l_max                  ? 
_reflns.limit_l_min                  ? 
_reflns.observed_criterion_F_max     ? 
_reflns.observed_criterion_F_min     ? 
_reflns.pdbx_chi_squared             ? 
_reflns.pdbx_scaling_rejects         ? 
_reflns.pdbx_Rsym_value              ? 
_reflns.pdbx_ordinal                 1 
_reflns.pdbx_diffrn_id               1 
# 
_reflns_shell.d_res_high             1.80 
_reflns_shell.d_res_low              1.86 
_reflns_shell.percent_possible_all   99.9 
_reflns_shell.Rmerge_I_obs           0.377 
_reflns_shell.pdbx_Rsym_value        ? 
_reflns_shell.meanI_over_sigI_obs    ? 
_reflns_shell.pdbx_redundancy        ? 
_reflns_shell.percent_possible_obs   ? 
_reflns_shell.number_unique_all      ? 
_reflns_shell.number_measured_all    ? 
_reflns_shell.number_measured_obs    ? 
_reflns_shell.number_unique_obs      ? 
_reflns_shell.pdbx_chi_squared       ? 
_reflns_shell.pdbx_ordinal           1 
_reflns_shell.pdbx_diffrn_id         1 
# 
_refine.entry_id                                 4E4C 
_refine.ls_number_reflns_obs                     13045 
_refine.ls_number_reflns_all                     13045 
_refine.pdbx_ls_sigma_I                          ? 
_refine.pdbx_ls_sigma_F                          ? 
_refine.pdbx_data_cutoff_high_absF               ? 
_refine.pdbx_data_cutoff_low_absF                ? 
_refine.pdbx_data_cutoff_high_rms_absF           ? 
_refine.ls_d_res_low                             26.80 
_refine.ls_d_res_high                            1.80 
_refine.ls_percent_reflns_obs                    93.77 
_refine.ls_R_factor_obs                          0.26569 
_refine.ls_R_factor_R_work                       0.26275 
_refine.ls_R_factor_R_free                       0.32247 
_refine.ls_R_factor_R_free_error                 ? 
_refine.ls_R_factor_R_free_error_details         ? 
_refine.ls_percent_reflns_R_free                 5.0 
_refine.ls_number_reflns_R_free                  683 
_refine.ls_number_parameters                     ? 
_refine.ls_number_restraints                     ? 
_refine.occupancy_min                            ? 
_refine.occupancy_max                            ? 
_refine.correlation_coeff_Fo_to_Fc               0.900 
_refine.correlation_coeff_Fo_to_Fc_free          0.848 
_refine.B_iso_mean                               21.623 
_refine.aniso_B[1][1]                            0.21 
_refine.aniso_B[2][2]                            0.21 
_refine.aniso_B[3][3]                            -0.32 
_refine.aniso_B[1][2]                            0.11 
_refine.aniso_B[1][3]                            0.00 
_refine.aniso_B[2][3]                            0.00 
_refine.solvent_model_details                    MASK 
_refine.solvent_model_param_ksol                 ? 
_refine.solvent_model_param_bsol                 ? 
_refine.pdbx_solvent_vdw_probe_radii             1.40 
_refine.pdbx_solvent_ion_probe_radii             0.80 
_refine.pdbx_solvent_shrinkage_radii             0.80 
_refine.pdbx_ls_cross_valid_method               THROUGHOUT 
_refine.details                                  ? 
_refine.pdbx_starting_model                      'PDB entry 1AE7' 
_refine.pdbx_method_to_determine_struct          'MOLECULAR REPLACEMENT' 
_refine.pdbx_isotropic_thermal_model             ? 
_refine.pdbx_stereochemistry_target_values       'MAXIMUM LIKELIHOOD' 
_refine.pdbx_stereochem_target_val_spec_case     ? 
_refine.pdbx_R_Free_selection_details            RANDOM 
_refine.pdbx_overall_ESU_R                       0.169 
_refine.pdbx_overall_ESU_R_Free                  0.171 
_refine.overall_SU_ML                            0.135 
_refine.pdbx_overall_phase_error                 ? 
_refine.overall_SU_B                             4.505 
_refine.overall_SU_R_Cruickshank_DPI             ? 
_refine.ls_redundancy_reflns_obs                 ? 
_refine.B_iso_min                                ? 
_refine.B_iso_max                                ? 
_refine.overall_SU_R_free                        ? 
_refine.ls_wR_factor_R_free                      ? 
_refine.ls_wR_factor_R_work                      ? 
_refine.overall_FOM_free_R_set                   ? 
_refine.overall_FOM_work_R_set                   ? 
_refine.ls_R_factor_all                          ? 
_refine.pdbx_diffrn_id                           1 
_refine.pdbx_refine_id                           'X-RAY DIFFRACTION' 
_refine.pdbx_TLS_residual_ADP_flag               ? 
_refine.pdbx_overall_SU_R_free_Cruickshank_DPI   ? 
_refine.pdbx_overall_SU_R_Blow_DPI               ? 
_refine.pdbx_overall_SU_R_free_Blow_DPI          ? 
# 
_refine_hist.pdbx_refine_id                   'X-RAY DIFFRACTION' 
_refine_hist.cycle_id                         LAST 
_refine_hist.pdbx_number_atoms_protein        936 
_refine_hist.pdbx_number_atoms_nucleic_acid   0 
_refine_hist.pdbx_number_atoms_ligand         22 
_refine_hist.number_atoms_solvent             86 
_refine_hist.number_atoms_total               1044 
_refine_hist.d_res_high                       1.80 
_refine_hist.d_res_low                        26.80 
# 
loop_
_refine_ls_restr.type 
_refine_ls_restr.dev_ideal 
_refine_ls_restr.dev_ideal_target 
_refine_ls_restr.weight 
_refine_ls_restr.number 
_refine_ls_restr.pdbx_restraint_function 
_refine_ls_restr.pdbx_refine_id 
r_bond_refined_d       0.017  0.022  ? 989  ? 'X-RAY DIFFRACTION' 
r_angle_refined_deg    1.600  1.954  ? 1338 ? 'X-RAY DIFFRACTION' 
r_dihedral_angle_1_deg 6.725  5.000  ? 117  ? 'X-RAY DIFFRACTION' 
r_dihedral_angle_2_deg 31.861 23.878 ? 49   ? 'X-RAY DIFFRACTION' 
r_dihedral_angle_3_deg 17.908 15.000 ? 155  ? 'X-RAY DIFFRACTION' 
r_dihedral_angle_4_deg 23.898 15.000 ? 5    ? 'X-RAY DIFFRACTION' 
r_chiral_restr         0.116  0.200  ? 124  ? 'X-RAY DIFFRACTION' 
r_gen_planes_refined   0.007  0.021  ? 766  ? 'X-RAY DIFFRACTION' 
r_mcbond_it            1.036  1.500  ? 584  ? 'X-RAY DIFFRACTION' 
r_mcangle_it           1.861  2.000  ? 928  ? 'X-RAY DIFFRACTION' 
r_scbond_it            2.864  3.000  ? 405  ? 'X-RAY DIFFRACTION' 
r_scangle_it           4.420  4.500  ? 410  ? 'X-RAY DIFFRACTION' 
# 
_refine_ls_shell.pdbx_total_number_of_bins_used   20 
_refine_ls_shell.d_res_high                       1.80 
_refine_ls_shell.d_res_low                        1.846 
_refine_ls_shell.number_reflns_R_work             975 
_refine_ls_shell.R_factor_R_work                  0.358 
_refine_ls_shell.percent_reflns_obs               96.62 
_refine_ls_shell.R_factor_R_free                  0.451 
_refine_ls_shell.R_factor_R_free_error            ? 
_refine_ls_shell.percent_reflns_R_free            ? 
_refine_ls_shell.number_reflns_R_free             55 
_refine_ls_shell.number_reflns_all                ? 
_refine_ls_shell.R_factor_all                     ? 
_refine_ls_shell.number_reflns_obs                ? 
_refine_ls_shell.redundancy_reflns_obs            ? 
_refine_ls_shell.pdbx_refine_id                   'X-RAY DIFFRACTION' 
# 
_struct.entry_id                  4E4C 
_struct.title                     'Crystal structure of Notexin at 1.8 A resolution' 
_struct.pdbx_model_details        ? 
_struct.pdbx_CASP_flag            ? 
_struct.pdbx_model_type_details   ? 
# 
_struct_keywords.entry_id        4E4C 
_struct_keywords.pdbx_keywords   HYDROLASE 
_struct_keywords.text            HYDROLASE 
# 
loop_
_struct_asym.id 
_struct_asym.pdbx_blank_PDB_chainid_flag 
_struct_asym.pdbx_modified 
_struct_asym.entity_id 
_struct_asym.details 
A N N 1 ? 
B N N 2 ? 
C N N 2 ? 
D N N 3 ? 
E N N 4 ? 
# 
_struct_ref.id                         1 
_struct_ref.db_name                    UNP 
_struct_ref.db_code                    PA22_NOTSC 
_struct_ref.pdbx_db_accession          P00608 
_struct_ref.entity_id                  1 
_struct_ref.pdbx_seq_one_letter_code   
;NLVQFSYLIQCANHGKRPTWHYMDYGCYCGAGGSGTPVDELDRCCKIHDDCYDEAGKKGCFPKMSAYDYYCGENGPYCRN
IKKKCLRFVCDCDVEAAFCFAKAPYNNANWNIDTKKRCQ
;
_struct_ref.pdbx_align_begin           1 
_struct_ref.pdbx_db_isoform            ? 
# 
_struct_ref_seq.align_id                      1 
_struct_ref_seq.ref_id                        1 
_struct_ref_seq.pdbx_PDB_id_code              4E4C 
_struct_ref_seq.pdbx_strand_id                A 
_struct_ref_seq.seq_align_beg                 1 
_struct_ref_seq.pdbx_seq_align_beg_ins_code   ? 
_struct_ref_seq.seq_align_end                 119 
_struct_ref_seq.pdbx_seq_align_end_ins_code   ? 
_struct_ref_seq.pdbx_db_accession             P00608 
_struct_ref_seq.db_align_beg                  1 
_struct_ref_seq.pdbx_db_align_beg_ins_code    ? 
_struct_ref_seq.db_align_end                  119 
_struct_ref_seq.pdbx_db_align_end_ins_code    ? 
_struct_ref_seq.pdbx_auth_seq_align_beg       1 
_struct_ref_seq.pdbx_auth_seq_align_end       119 
# 
_pdbx_struct_assembly.id                   1 
_pdbx_struct_assembly.details              software_defined_assembly 
_pdbx_struct_assembly.method_details       PISA 
_pdbx_struct_assembly.oligomeric_details   dimeric 
_pdbx_struct_assembly.oligomeric_count     2 
# 
loop_
_pdbx_struct_assembly_prop.biol_id 
_pdbx_struct_assembly_prop.type 
_pdbx_struct_assembly_prop.value 
_pdbx_struct_assembly_prop.details 
1 'ABSA (A^2)' 1830  ? 
1 MORE         -64   ? 
1 'SSA (A^2)'  13780 ? 
# 
_pdbx_struct_assembly_gen.assembly_id       1 
_pdbx_struct_assembly_gen.oper_expression   1,2 
_pdbx_struct_assembly_gen.asym_id_list      A,B,C,D,E 
# 
loop_
_pdbx_struct_oper_list.id 
_pdbx_struct_oper_list.type 
_pdbx_struct_oper_list.name 
_pdbx_struct_oper_list.symmetry_operation 
_pdbx_struct_oper_list.matrix[1][1] 
_pdbx_struct_oper_list.matrix[1][2] 
_pdbx_struct_oper_list.matrix[1][3] 
_pdbx_struct_oper_list.vector[1] 
_pdbx_struct_oper_list.matrix[2][1] 
_pdbx_struct_oper_list.matrix[2][2] 
_pdbx_struct_oper_list.matrix[2][3] 
_pdbx_struct_oper_list.vector[2] 
_pdbx_struct_oper_list.matrix[3][1] 
_pdbx_struct_oper_list.matrix[3][2] 
_pdbx_struct_oper_list.matrix[3][3] 
_pdbx_struct_oper_list.vector[3] 
1 'identity operation'         1_555 x,y,z          1.0000000000  0.0000000000  0.0000000000 0.0000000000   0.0000000000  1.0000000000 0.0000000000  0.0000000000   0.0000000000 0.0000000000  1.0000000000  0.0000000000   
2 'crystal symmetry operation' 6_555 -x,-x+y,-z+1/3 -0.8293905662 -0.4551875356 0.3239067708 -19.0514377374 -0.4551875356 0.2144445237 -0.8641862379 -20.8347648968 0.3239067708 -0.8641862379 -0.3850539575 -19.2443346229 
# 
_struct_biol.id        1 
_struct_biol.details   'THE BIOLOGICAL ASSEMBLY IS UNKNOWN AS PER AUTHORS' 
# 
loop_
_struct_conf.conf_type_id 
_struct_conf.id 
_struct_conf.pdbx_PDB_helix_id 
_struct_conf.beg_label_comp_id 
_struct_conf.beg_label_asym_id 
_struct_conf.beg_label_seq_id 
_struct_conf.pdbx_beg_PDB_ins_code 
_struct_conf.end_label_comp_id 
_struct_conf.end_label_asym_id 
_struct_conf.end_label_seq_id 
_struct_conf.pdbx_end_PDB_ins_code 
_struct_conf.beg_auth_comp_id 
_struct_conf.beg_auth_asym_id 
_struct_conf.beg_auth_seq_id 
_struct_conf.end_auth_comp_id 
_struct_conf.end_auth_asym_id 
_struct_conf.end_auth_seq_id 
_struct_conf.pdbx_PDB_helix_class 
_struct_conf.details 
_struct_conf.pdbx_PDB_helix_length 
HELX_P HELX_P1 1 ASN A 1   ? ASN A 13  ? ASN A 1   ASN A 13  1 ? 13 
HELX_P HELX_P2 2 PRO A 18  ? MET A 23  ? PRO A 18  MET A 23  5 ? 6  
HELX_P HELX_P3 3 ASP A 39  ? LYS A 58  ? ASP A 39  LYS A 58  1 ? 20 
HELX_P HELX_P4 4 LYS A 83  ? ALA A 103 ? LYS A 83  ALA A 103 1 ? 21 
HELX_P HELX_P5 5 ASN A 106 ? TRP A 110 ? ASN A 106 TRP A 110 5 ? 5  
HELX_P HELX_P6 6 ASP A 113 ? CYS A 118 ? ASP A 113 CYS A 118 1 ? 6  
# 
_struct_conf_type.id          HELX_P 
_struct_conf_type.criteria    ? 
_struct_conf_type.reference   ? 
# 
loop_
_struct_conn.id 
_struct_conn.conn_type_id 
_struct_conn.pdbx_leaving_atom_flag 
_struct_conn.pdbx_PDB_id 
_struct_conn.ptnr1_label_asym_id 
_struct_conn.ptnr1_label_comp_id 
_struct_conn.ptnr1_label_seq_id 
_struct_conn.ptnr1_label_atom_id 
_struct_conn.pdbx_ptnr1_label_alt_id 
_struct_conn.pdbx_ptnr1_PDB_ins_code 
_struct_conn.pdbx_ptnr1_standard_comp_id 
_struct_conn.ptnr1_symmetry 
_struct_conn.ptnr2_label_asym_id 
_struct_conn.ptnr2_label_comp_id 
_struct_conn.ptnr2_label_seq_id 
_struct_conn.ptnr2_label_atom_id 
_struct_conn.pdbx_ptnr2_label_alt_id 
_struct_conn.pdbx_ptnr2_PDB_ins_code 
_struct_conn.ptnr1_auth_asym_id 
_struct_conn.ptnr1_auth_comp_id 
_struct_conn.ptnr1_auth_seq_id 
_struct_conn.ptnr2_auth_asym_id 
_struct_conn.ptnr2_auth_comp_id 
_struct_conn.ptnr2_auth_seq_id 
_struct_conn.ptnr2_symmetry 
_struct_conn.pdbx_ptnr3_label_atom_id 
_struct_conn.pdbx_ptnr3_label_seq_id 
_struct_conn.pdbx_ptnr3_label_comp_id 
_struct_conn.pdbx_ptnr3_label_asym_id 
_struct_conn.pdbx_ptnr3_label_alt_id 
_struct_conn.pdbx_ptnr3_PDB_ins_code 
_struct_conn.details 
_struct_conn.pdbx_dist_value 
_struct_conn.pdbx_value_order 
_struct_conn.pdbx_role 
disulf1 disulf ? ? A CYS 11 SG ? ? ? 1_555 A CYS 71  SG ? ? A CYS 11 A CYS 71  1_555 ? ? ? ? ? ? ? 2.035 ? ? 
disulf2 disulf ? ? A CYS 27 SG ? ? ? 1_555 A CYS 118 SG ? ? A CYS 27 A CYS 118 1_555 ? ? ? ? ? ? ? 2.037 ? ? 
disulf3 disulf ? ? A CYS 29 SG ? ? ? 1_555 A CYS 45  SG ? ? A CYS 29 A CYS 45  1_555 ? ? ? ? ? ? ? 2.059 ? ? 
disulf4 disulf ? ? A CYS 44 SG ? ? ? 1_555 A CYS 99  SG ? ? A CYS 44 A CYS 99  1_555 ? ? ? ? ? ? ? 2.021 ? ? 
disulf5 disulf ? ? A CYS 51 SG ? ? ? 1_555 A CYS 92  SG ? ? A CYS 51 A CYS 92  1_555 ? ? ? ? ? ? ? 2.067 ? ? 
disulf6 disulf ? ? A CYS 60 SG ? ? ? 1_555 A CYS 85  SG ? ? A CYS 60 A CYS 85  1_555 ? ? ? ? ? ? ? 2.116 ? ? 
disulf7 disulf ? ? A CYS 78 SG ? ? ? 1_555 A CYS 90  SG ? ? A CYS 78 A CYS 90  1_555 ? ? ? ? ? ? ? 2.068 ? ? 
# 
_struct_conn_type.id          disulf 
_struct_conn_type.criteria    ? 
_struct_conn_type.reference   ? 
# 
loop_
_pdbx_modification_feature.ordinal 
_pdbx_modification_feature.label_comp_id 
_pdbx_modification_feature.label_asym_id 
_pdbx_modification_feature.label_seq_id 
_pdbx_modification_feature.label_alt_id 
_pdbx_modification_feature.modified_residue_label_comp_id 
_pdbx_modification_feature.modified_residue_label_asym_id 
_pdbx_modification_feature.modified_residue_label_seq_id 
_pdbx_modification_feature.modified_residue_label_alt_id 
_pdbx_modification_feature.auth_comp_id 
_pdbx_modification_feature.auth_asym_id 
_pdbx_modification_feature.auth_seq_id 
_pdbx_modification_feature.PDB_ins_code 
_pdbx_modification_feature.symmetry 
_pdbx_modification_feature.modified_residue_auth_comp_id 
_pdbx_modification_feature.modified_residue_auth_asym_id 
_pdbx_modification_feature.modified_residue_auth_seq_id 
_pdbx_modification_feature.modified_residue_PDB_ins_code 
_pdbx_modification_feature.modified_residue_symmetry 
_pdbx_modification_feature.comp_id_linking_atom 
_pdbx_modification_feature.modified_residue_id_linking_atom 
_pdbx_modification_feature.modified_residue_id 
_pdbx_modification_feature.ref_pcm_id 
_pdbx_modification_feature.ref_comp_id 
_pdbx_modification_feature.type 
_pdbx_modification_feature.category 
1 CYS A 11 ? CYS A 71  ? CYS A 11 ? 1_555 CYS A 71  ? 1_555 SG SG . . . None 'Disulfide bridge' 
2 CYS A 27 ? CYS A 118 ? CYS A 27 ? 1_555 CYS A 118 ? 1_555 SG SG . . . None 'Disulfide bridge' 
3 CYS A 29 ? CYS A 45  ? CYS A 29 ? 1_555 CYS A 45  ? 1_555 SG SG . . . None 'Disulfide bridge' 
4 CYS A 44 ? CYS A 99  ? CYS A 44 ? 1_555 CYS A 99  ? 1_555 SG SG . . . None 'Disulfide bridge' 
5 CYS A 51 ? CYS A 92  ? CYS A 51 ? 1_555 CYS A 92  ? 1_555 SG SG . . . None 'Disulfide bridge' 
6 CYS A 60 ? CYS A 85  ? CYS A 60 ? 1_555 CYS A 85  ? 1_555 SG SG . . . None 'Disulfide bridge' 
7 CYS A 78 ? CYS A 90  ? CYS A 78 ? 1_555 CYS A 90  ? 1_555 SG SG . . . None 'Disulfide bridge' 
# 
_struct_sheet.id               A 
_struct_sheet.type             ? 
_struct_sheet.number_strands   2 
_struct_sheet.details          ? 
# 
_struct_sheet_order.sheet_id     A 
_struct_sheet_order.range_id_1   1 
_struct_sheet_order.range_id_2   2 
_struct_sheet_order.offset       ? 
_struct_sheet_order.sense        anti-parallel 
# 
loop_
_struct_sheet_range.sheet_id 
_struct_sheet_range.id 
_struct_sheet_range.beg_label_comp_id 
_struct_sheet_range.beg_label_asym_id 
_struct_sheet_range.beg_label_seq_id 
_struct_sheet_range.pdbx_beg_PDB_ins_code 
_struct_sheet_range.end_label_comp_id 
_struct_sheet_range.end_label_asym_id 
_struct_sheet_range.end_label_seq_id 
_struct_sheet_range.pdbx_end_PDB_ins_code 
_struct_sheet_range.beg_auth_comp_id 
_struct_sheet_range.beg_auth_asym_id 
_struct_sheet_range.beg_auth_seq_id 
_struct_sheet_range.end_auth_comp_id 
_struct_sheet_range.end_auth_asym_id 
_struct_sheet_range.end_auth_seq_id 
A 1 TYR A 69 ? GLY A 72 ? TYR A 69 GLY A 72 
A 2 GLY A 75 ? CYS A 78 ? GLY A 75 CYS A 78 
# 
_pdbx_struct_sheet_hbond.sheet_id                A 
_pdbx_struct_sheet_hbond.range_id_1              1 
_pdbx_struct_sheet_hbond.range_id_2              2 
_pdbx_struct_sheet_hbond.range_1_label_atom_id   N 
_pdbx_struct_sheet_hbond.range_1_label_comp_id   TYR 
_pdbx_struct_sheet_hbond.range_1_label_asym_id   A 
_pdbx_struct_sheet_hbond.range_1_label_seq_id    70 
_pdbx_struct_sheet_hbond.range_1_PDB_ins_code    ? 
_pdbx_struct_sheet_hbond.range_1_auth_atom_id    N 
_pdbx_struct_sheet_hbond.range_1_auth_comp_id    TYR 
_pdbx_struct_sheet_hbond.range_1_auth_asym_id    A 
_pdbx_struct_sheet_hbond.range_1_auth_seq_id     70 
_pdbx_struct_sheet_hbond.range_2_label_atom_id   O 
_pdbx_struct_sheet_hbond.range_2_label_comp_id   TYR 
_pdbx_struct_sheet_hbond.range_2_label_asym_id   A 
_pdbx_struct_sheet_hbond.range_2_label_seq_id    77 
_pdbx_struct_sheet_hbond.range_2_PDB_ins_code    ? 
_pdbx_struct_sheet_hbond.range_2_auth_atom_id    O 
_pdbx_struct_sheet_hbond.range_2_auth_comp_id    TYR 
_pdbx_struct_sheet_hbond.range_2_auth_asym_id    A 
_pdbx_struct_sheet_hbond.range_2_auth_seq_id     77 
# 
loop_
_struct_site.id 
_struct_site.pdbx_evidence_code 
_struct_site.pdbx_auth_asym_id 
_struct_site.pdbx_auth_comp_id 
_struct_site.pdbx_auth_seq_id 
_struct_site.pdbx_auth_ins_code 
_struct_site.pdbx_num_residues 
_struct_site.details 
AC1 Software A SO4 201 ? 10 'BINDING SITE FOR RESIDUE SO4 A 201' 
AC2 Software A SO4 202 ? 9  'BINDING SITE FOR RESIDUE SO4 A 202' 
AC3 Software A MES 203 ? 6  'BINDING SITE FOR RESIDUE MES A 203' 
# 
loop_
_struct_site_gen.id 
_struct_site_gen.site_id 
_struct_site_gen.pdbx_num_res 
_struct_site_gen.label_comp_id 
_struct_site_gen.label_asym_id 
_struct_site_gen.label_seq_id 
_struct_site_gen.pdbx_auth_ins_code 
_struct_site_gen.auth_comp_id 
_struct_site_gen.auth_asym_id 
_struct_site_gen.auth_seq_id 
_struct_site_gen.label_atom_id 
_struct_site_gen.label_alt_id 
_struct_site_gen.symmetry 
_struct_site_gen.details 
1  AC1 10 ASN A 80  ? ASN A 80  . ? 1_555 ? 
2  AC1 10 ILE A 81  ? ILE A 81  . ? 1_555 ? 
3  AC1 10 LYS A 82  ? LYS A 82  . ? 1_555 ? 
4  AC1 10 LYS A 83  ? LYS A 83  . ? 1_555 ? 
5  AC1 10 TRP A 110 ? TRP A 110 . ? 5_544 ? 
6  AC1 10 ASN A 111 ? ASN A 111 . ? 5_544 ? 
7  AC1 10 HOH E .   ? HOH A 308 . ? 1_555 ? 
8  AC1 10 HOH E .   ? HOH A 326 . ? 5_544 ? 
9  AC1 10 HOH E .   ? HOH A 333 . ? 1_555 ? 
10 AC1 10 HOH E .   ? HOH A 367 . ? 1_555 ? 
11 AC2 9  ARG A 17  ? ARG A 17  . ? 1_555 ? 
12 AC2 9  ARG A 17  ? ARG A 17  . ? 6_555 ? 
13 AC2 9  PRO A 104 ? PRO A 104 . ? 6_555 ? 
14 AC2 9  TYR A 105 ? TYR A 105 . ? 6_555 ? 
15 AC2 9  ASN A 107 ? ASN A 107 . ? 1_555 ? 
16 AC2 9  HOH E .   ? HOH A 310 . ? 6_555 ? 
17 AC2 9  HOH E .   ? HOH A 310 . ? 1_555 ? 
18 AC2 9  HOH E .   ? HOH A 321 . ? 1_555 ? 
19 AC2 9  HOH E .   ? HOH A 325 . ? 5_444 ? 
20 AC3 6  SER A 6   ? SER A 6   . ? 1_555 ? 
21 AC3 6  PRO A 18  ? PRO A 18  . ? 1_555 ? 
22 AC3 6  THR A 19  ? THR A 19  . ? 1_555 ? 
23 AC3 6  TRP A 20  ? TRP A 20  . ? 1_555 ? 
24 AC3 6  PHE A 61  ? PHE A 61  . ? 6_554 ? 
25 AC3 6  HOH E .   ? HOH A 356 . ? 1_555 ? 
# 
_pdbx_entry_details.entry_id                   4E4C 
_pdbx_entry_details.compound_details           ? 
_pdbx_entry_details.source_details             ? 
_pdbx_entry_details.nonpolymer_details         ? 
_pdbx_entry_details.sequence_details           ? 
_pdbx_entry_details.has_ligand_of_interest     ? 
_pdbx_entry_details.has_protein_modification   Y 
# 
_pdbx_validate_close_contact.id               1 
_pdbx_validate_close_contact.PDB_model_num    1 
_pdbx_validate_close_contact.auth_atom_id_1   CB 
_pdbx_validate_close_contact.auth_asym_id_1   A 
_pdbx_validate_close_contact.auth_comp_id_1   CYS 
_pdbx_validate_close_contact.auth_seq_id_1    71 
_pdbx_validate_close_contact.PDB_ins_code_1   ? 
_pdbx_validate_close_contact.label_alt_id_1   ? 
_pdbx_validate_close_contact.auth_atom_id_2   O 
_pdbx_validate_close_contact.auth_asym_id_2   A 
_pdbx_validate_close_contact.auth_comp_id_2   HOH 
_pdbx_validate_close_contact.auth_seq_id_2    347 
_pdbx_validate_close_contact.PDB_ins_code_2   ? 
_pdbx_validate_close_contact.label_alt_id_2   ? 
_pdbx_validate_close_contact.dist             2.08 
# 
_pdbx_validate_torsion.id              1 
_pdbx_validate_torsion.PDB_model_num   1 
_pdbx_validate_torsion.auth_comp_id    ILE 
_pdbx_validate_torsion.auth_asym_id    A 
_pdbx_validate_torsion.auth_seq_id     81 
_pdbx_validate_torsion.PDB_ins_code    ? 
_pdbx_validate_torsion.label_alt_id    ? 
_pdbx_validate_torsion.phi             -126.37 
_pdbx_validate_torsion.psi             -53.14 
# 
_pdbx_struct_special_symmetry.id              1 
_pdbx_struct_special_symmetry.PDB_model_num   1 
_pdbx_struct_special_symmetry.auth_asym_id    A 
_pdbx_struct_special_symmetry.auth_comp_id    HOH 
_pdbx_struct_special_symmetry.auth_seq_id     310 
_pdbx_struct_special_symmetry.PDB_ins_code    ? 
_pdbx_struct_special_symmetry.label_asym_id   E 
_pdbx_struct_special_symmetry.label_comp_id   HOH 
_pdbx_struct_special_symmetry.label_seq_id    . 
# 
_pdbx_unobs_or_zero_occ_residues.id               1 
_pdbx_unobs_or_zero_occ_residues.PDB_model_num    1 
_pdbx_unobs_or_zero_occ_residues.polymer_flag     Y 
_pdbx_unobs_or_zero_occ_residues.occupancy_flag   1 
_pdbx_unobs_or_zero_occ_residues.auth_asym_id     A 
_pdbx_unobs_or_zero_occ_residues.auth_comp_id     GLN 
_pdbx_unobs_or_zero_occ_residues.auth_seq_id      119 
_pdbx_unobs_or_zero_occ_residues.PDB_ins_code     ? 
_pdbx_unobs_or_zero_occ_residues.label_asym_id    A 
_pdbx_unobs_or_zero_occ_residues.label_comp_id    GLN 
_pdbx_unobs_or_zero_occ_residues.label_seq_id     119 
# 
loop_
_chem_comp_atom.comp_id 
_chem_comp_atom.atom_id 
_chem_comp_atom.type_symbol 
_chem_comp_atom.pdbx_aromatic_flag 
_chem_comp_atom.pdbx_stereo_config 
_chem_comp_atom.pdbx_ordinal 
ALA N    N N N 1   
ALA CA   C N S 2   
ALA C    C N N 3   
ALA O    O N N 4   
ALA CB   C N N 5   
ALA OXT  O N N 6   
ALA H    H N N 7   
ALA H2   H N N 8   
ALA HA   H N N 9   
ALA HB1  H N N 10  
ALA HB2  H N N 11  
ALA HB3  H N N 12  
ALA HXT  H N N 13  
ARG N    N N N 14  
ARG CA   C N S 15  
ARG C    C N N 16  
ARG O    O N N 17  
ARG CB   C N N 18  
ARG CG   C N N 19  
ARG CD   C N N 20  
ARG NE   N N N 21  
ARG CZ   C N N 22  
ARG NH1  N N N 23  
ARG NH2  N N N 24  
ARG OXT  O N N 25  
ARG H    H N N 26  
ARG H2   H N N 27  
ARG HA   H N N 28  
ARG HB2  H N N 29  
ARG HB3  H N N 30  
ARG HG2  H N N 31  
ARG HG3  H N N 32  
ARG HD2  H N N 33  
ARG HD3  H N N 34  
ARG HE   H N N 35  
ARG HH11 H N N 36  
ARG HH12 H N N 37  
ARG HH21 H N N 38  
ARG HH22 H N N 39  
ARG HXT  H N N 40  
ASN N    N N N 41  
ASN CA   C N S 42  
ASN C    C N N 43  
ASN O    O N N 44  
ASN CB   C N N 45  
ASN CG   C N N 46  
ASN OD1  O N N 47  
ASN ND2  N N N 48  
ASN OXT  O N N 49  
ASN H    H N N 50  
ASN H2   H N N 51  
ASN HA   H N N 52  
ASN HB2  H N N 53  
ASN HB3  H N N 54  
ASN HD21 H N N 55  
ASN HD22 H N N 56  
ASN HXT  H N N 57  
ASP N    N N N 58  
ASP CA   C N S 59  
ASP C    C N N 60  
ASP O    O N N 61  
ASP CB   C N N 62  
ASP CG   C N N 63  
ASP OD1  O N N 64  
ASP OD2  O N N 65  
ASP OXT  O N N 66  
ASP H    H N N 67  
ASP H2   H N N 68  
ASP HA   H N N 69  
ASP HB2  H N N 70  
ASP HB3  H N N 71  
ASP HD2  H N N 72  
ASP HXT  H N N 73  
CYS N    N N N 74  
CYS CA   C N R 75  
CYS C    C N N 76  
CYS O    O N N 77  
CYS CB   C N N 78  
CYS SG   S N N 79  
CYS OXT  O N N 80  
CYS H    H N N 81  
CYS H2   H N N 82  
CYS HA   H N N 83  
CYS HB2  H N N 84  
CYS HB3  H N N 85  
CYS HG   H N N 86  
CYS HXT  H N N 87  
GLN N    N N N 88  
GLN CA   C N S 89  
GLN C    C N N 90  
GLN O    O N N 91  
GLN CB   C N N 92  
GLN CG   C N N 93  
GLN CD   C N N 94  
GLN OE1  O N N 95  
GLN NE2  N N N 96  
GLN OXT  O N N 97  
GLN H    H N N 98  
GLN H2   H N N 99  
GLN HA   H N N 100 
GLN HB2  H N N 101 
GLN HB3  H N N 102 
GLN HG2  H N N 103 
GLN HG3  H N N 104 
GLN HE21 H N N 105 
GLN HE22 H N N 106 
GLN HXT  H N N 107 
GLU N    N N N 108 
GLU CA   C N S 109 
GLU C    C N N 110 
GLU O    O N N 111 
GLU CB   C N N 112 
GLU CG   C N N 113 
GLU CD   C N N 114 
GLU OE1  O N N 115 
GLU OE2  O N N 116 
GLU OXT  O N N 117 
GLU H    H N N 118 
GLU H2   H N N 119 
GLU HA   H N N 120 
GLU HB2  H N N 121 
GLU HB3  H N N 122 
GLU HG2  H N N 123 
GLU HG3  H N N 124 
GLU HE2  H N N 125 
GLU HXT  H N N 126 
GLY N    N N N 127 
GLY CA   C N N 128 
GLY C    C N N 129 
GLY O    O N N 130 
GLY OXT  O N N 131 
GLY H    H N N 132 
GLY H2   H N N 133 
GLY HA2  H N N 134 
GLY HA3  H N N 135 
GLY HXT  H N N 136 
HIS N    N N N 137 
HIS CA   C N S 138 
HIS C    C N N 139 
HIS O    O N N 140 
HIS CB   C N N 141 
HIS CG   C Y N 142 
HIS ND1  N Y N 143 
HIS CD2  C Y N 144 
HIS CE1  C Y N 145 
HIS NE2  N Y N 146 
HIS OXT  O N N 147 
HIS H    H N N 148 
HIS H2   H N N 149 
HIS HA   H N N 150 
HIS HB2  H N N 151 
HIS HB3  H N N 152 
HIS HD1  H N N 153 
HIS HD2  H N N 154 
HIS HE1  H N N 155 
HIS HE2  H N N 156 
HIS HXT  H N N 157 
HOH O    O N N 158 
HOH H1   H N N 159 
HOH H2   H N N 160 
ILE N    N N N 161 
ILE CA   C N S 162 
ILE C    C N N 163 
ILE O    O N N 164 
ILE CB   C N S 165 
ILE CG1  C N N 166 
ILE CG2  C N N 167 
ILE CD1  C N N 168 
ILE OXT  O N N 169 
ILE H    H N N 170 
ILE H2   H N N 171 
ILE HA   H N N 172 
ILE HB   H N N 173 
ILE HG12 H N N 174 
ILE HG13 H N N 175 
ILE HG21 H N N 176 
ILE HG22 H N N 177 
ILE HG23 H N N 178 
ILE HD11 H N N 179 
ILE HD12 H N N 180 
ILE HD13 H N N 181 
ILE HXT  H N N 182 
LEU N    N N N 183 
LEU CA   C N S 184 
LEU C    C N N 185 
LEU O    O N N 186 
LEU CB   C N N 187 
LEU CG   C N N 188 
LEU CD1  C N N 189 
LEU CD2  C N N 190 
LEU OXT  O N N 191 
LEU H    H N N 192 
LEU H2   H N N 193 
LEU HA   H N N 194 
LEU HB2  H N N 195 
LEU HB3  H N N 196 
LEU HG   H N N 197 
LEU HD11 H N N 198 
LEU HD12 H N N 199 
LEU HD13 H N N 200 
LEU HD21 H N N 201 
LEU HD22 H N N 202 
LEU HD23 H N N 203 
LEU HXT  H N N 204 
LYS N    N N N 205 
LYS CA   C N S 206 
LYS C    C N N 207 
LYS O    O N N 208 
LYS CB   C N N 209 
LYS CG   C N N 210 
LYS CD   C N N 211 
LYS CE   C N N 212 
LYS NZ   N N N 213 
LYS OXT  O N N 214 
LYS H    H N N 215 
LYS H2   H N N 216 
LYS HA   H N N 217 
LYS HB2  H N N 218 
LYS HB3  H N N 219 
LYS HG2  H N N 220 
LYS HG3  H N N 221 
LYS HD2  H N N 222 
LYS HD3  H N N 223 
LYS HE2  H N N 224 
LYS HE3  H N N 225 
LYS HZ1  H N N 226 
LYS HZ2  H N N 227 
LYS HZ3  H N N 228 
LYS HXT  H N N 229 
MES O1   O N N 230 
MES C2   C N N 231 
MES C3   C N N 232 
MES N4   N N N 233 
MES C5   C N N 234 
MES C6   C N N 235 
MES C7   C N N 236 
MES C8   C N N 237 
MES S    S N N 238 
MES O1S  O N N 239 
MES O2S  O N N 240 
MES O3S  O N N 241 
MES H21  H N N 242 
MES H22  H N N 243 
MES H31  H N N 244 
MES H32  H N N 245 
MES HN4  H N N 246 
MES H51  H N N 247 
MES H52  H N N 248 
MES H61  H N N 249 
MES H62  H N N 250 
MES H71  H N N 251 
MES H72  H N N 252 
MES H81  H N N 253 
MES H82  H N N 254 
MET N    N N N 255 
MET CA   C N S 256 
MET C    C N N 257 
MET O    O N N 258 
MET CB   C N N 259 
MET CG   C N N 260 
MET SD   S N N 261 
MET CE   C N N 262 
MET OXT  O N N 263 
MET H    H N N 264 
MET H2   H N N 265 
MET HA   H N N 266 
MET HB2  H N N 267 
MET HB3  H N N 268 
MET HG2  H N N 269 
MET HG3  H N N 270 
MET HE1  H N N 271 
MET HE2  H N N 272 
MET HE3  H N N 273 
MET HXT  H N N 274 
PHE N    N N N 275 
PHE CA   C N S 276 
PHE C    C N N 277 
PHE O    O N N 278 
PHE CB   C N N 279 
PHE CG   C Y N 280 
PHE CD1  C Y N 281 
PHE CD2  C Y N 282 
PHE CE1  C Y N 283 
PHE CE2  C Y N 284 
PHE CZ   C Y N 285 
PHE OXT  O N N 286 
PHE H    H N N 287 
PHE H2   H N N 288 
PHE HA   H N N 289 
PHE HB2  H N N 290 
PHE HB3  H N N 291 
PHE HD1  H N N 292 
PHE HD2  H N N 293 
PHE HE1  H N N 294 
PHE HE2  H N N 295 
PHE HZ   H N N 296 
PHE HXT  H N N 297 
PRO N    N N N 298 
PRO CA   C N S 299 
PRO C    C N N 300 
PRO O    O N N 301 
PRO CB   C N N 302 
PRO CG   C N N 303 
PRO CD   C N N 304 
PRO OXT  O N N 305 
PRO H    H N N 306 
PRO HA   H N N 307 
PRO HB2  H N N 308 
PRO HB3  H N N 309 
PRO HG2  H N N 310 
PRO HG3  H N N 311 
PRO HD2  H N N 312 
PRO HD3  H N N 313 
PRO HXT  H N N 314 
SER N    N N N 315 
SER CA   C N S 316 
SER C    C N N 317 
SER O    O N N 318 
SER CB   C N N 319 
SER OG   O N N 320 
SER OXT  O N N 321 
SER H    H N N 322 
SER H2   H N N 323 
SER HA   H N N 324 
SER HB2  H N N 325 
SER HB3  H N N 326 
SER HG   H N N 327 
SER HXT  H N N 328 
SO4 S    S N N 329 
SO4 O1   O N N 330 
SO4 O2   O N N 331 
SO4 O3   O N N 332 
SO4 O4   O N N 333 
THR N    N N N 334 
THR CA   C N S 335 
THR C    C N N 336 
THR O    O N N 337 
THR CB   C N R 338 
THR OG1  O N N 339 
THR CG2  C N N 340 
THR OXT  O N N 341 
THR H    H N N 342 
THR H2   H N N 343 
THR HA   H N N 344 
THR HB   H N N 345 
THR HG1  H N N 346 
THR HG21 H N N 347 
THR HG22 H N N 348 
THR HG23 H N N 349 
THR HXT  H N N 350 
TRP N    N N N 351 
TRP CA   C N S 352 
TRP C    C N N 353 
TRP O    O N N 354 
TRP CB   C N N 355 
TRP CG   C Y N 356 
TRP CD1  C Y N 357 
TRP CD2  C Y N 358 
TRP NE1  N Y N 359 
TRP CE2  C Y N 360 
TRP CE3  C Y N 361 
TRP CZ2  C Y N 362 
TRP CZ3  C Y N 363 
TRP CH2  C Y N 364 
TRP OXT  O N N 365 
TRP H    H N N 366 
TRP H2   H N N 367 
TRP HA   H N N 368 
TRP HB2  H N N 369 
TRP HB3  H N N 370 
TRP HD1  H N N 371 
TRP HE1  H N N 372 
TRP HE3  H N N 373 
TRP HZ2  H N N 374 
TRP HZ3  H N N 375 
TRP HH2  H N N 376 
TRP HXT  H N N 377 
TYR N    N N N 378 
TYR CA   C N S 379 
TYR C    C N N 380 
TYR O    O N N 381 
TYR CB   C N N 382 
TYR CG   C Y N 383 
TYR CD1  C Y N 384 
TYR CD2  C Y N 385 
TYR CE1  C Y N 386 
TYR CE2  C Y N 387 
TYR CZ   C Y N 388 
TYR OH   O N N 389 
TYR OXT  O N N 390 
TYR H    H N N 391 
TYR H2   H N N 392 
TYR HA   H N N 393 
TYR HB2  H N N 394 
TYR HB3  H N N 395 
TYR HD1  H N N 396 
TYR HD2  H N N 397 
TYR HE1  H N N 398 
TYR HE2  H N N 399 
TYR HH   H N N 400 
TYR HXT  H N N 401 
VAL N    N N N 402 
VAL CA   C N S 403 
VAL C    C N N 404 
VAL O    O N N 405 
VAL CB   C N N 406 
VAL CG1  C N N 407 
VAL CG2  C N N 408 
VAL OXT  O N N 409 
VAL H    H N N 410 
VAL H2   H N N 411 
VAL HA   H N N 412 
VAL HB   H N N 413 
VAL HG11 H N N 414 
VAL HG12 H N N 415 
VAL HG13 H N N 416 
VAL HG21 H N N 417 
VAL HG22 H N N 418 
VAL HG23 H N N 419 
VAL HXT  H N N 420 
# 
loop_
_chem_comp_bond.comp_id 
_chem_comp_bond.atom_id_1 
_chem_comp_bond.atom_id_2 
_chem_comp_bond.value_order 
_chem_comp_bond.pdbx_aromatic_flag 
_chem_comp_bond.pdbx_stereo_config 
_chem_comp_bond.pdbx_ordinal 
ALA N   CA   sing N N 1   
ALA N   H    sing N N 2   
ALA N   H2   sing N N 3   
ALA CA  C    sing N N 4   
ALA CA  CB   sing N N 5   
ALA CA  HA   sing N N 6   
ALA C   O    doub N N 7   
ALA C   OXT  sing N N 8   
ALA CB  HB1  sing N N 9   
ALA CB  HB2  sing N N 10  
ALA CB  HB3  sing N N 11  
ALA OXT HXT  sing N N 12  
ARG N   CA   sing N N 13  
ARG N   H    sing N N 14  
ARG N   H2   sing N N 15  
ARG CA  C    sing N N 16  
ARG CA  CB   sing N N 17  
ARG CA  HA   sing N N 18  
ARG C   O    doub N N 19  
ARG C   OXT  sing N N 20  
ARG CB  CG   sing N N 21  
ARG CB  HB2  sing N N 22  
ARG CB  HB3  sing N N 23  
ARG CG  CD   sing N N 24  
ARG CG  HG2  sing N N 25  
ARG CG  HG3  sing N N 26  
ARG CD  NE   sing N N 27  
ARG CD  HD2  sing N N 28  
ARG CD  HD3  sing N N 29  
ARG NE  CZ   sing N N 30  
ARG NE  HE   sing N N 31  
ARG CZ  NH1  sing N N 32  
ARG CZ  NH2  doub N N 33  
ARG NH1 HH11 sing N N 34  
ARG NH1 HH12 sing N N 35  
ARG NH2 HH21 sing N N 36  
ARG NH2 HH22 sing N N 37  
ARG OXT HXT  sing N N 38  
ASN N   CA   sing N N 39  
ASN N   H    sing N N 40  
ASN N   H2   sing N N 41  
ASN CA  C    sing N N 42  
ASN CA  CB   sing N N 43  
ASN CA  HA   sing N N 44  
ASN C   O    doub N N 45  
ASN C   OXT  sing N N 46  
ASN CB  CG   sing N N 47  
ASN CB  HB2  sing N N 48  
ASN CB  HB3  sing N N 49  
ASN CG  OD1  doub N N 50  
ASN CG  ND2  sing N N 51  
ASN ND2 HD21 sing N N 52  
ASN ND2 HD22 sing N N 53  
ASN OXT HXT  sing N N 54  
ASP N   CA   sing N N 55  
ASP N   H    sing N N 56  
ASP N   H2   sing N N 57  
ASP CA  C    sing N N 58  
ASP CA  CB   sing N N 59  
ASP CA  HA   sing N N 60  
ASP C   O    doub N N 61  
ASP C   OXT  sing N N 62  
ASP CB  CG   sing N N 63  
ASP CB  HB2  sing N N 64  
ASP CB  HB3  sing N N 65  
ASP CG  OD1  doub N N 66  
ASP CG  OD2  sing N N 67  
ASP OD2 HD2  sing N N 68  
ASP OXT HXT  sing N N 69  
CYS N   CA   sing N N 70  
CYS N   H    sing N N 71  
CYS N   H2   sing N N 72  
CYS CA  C    sing N N 73  
CYS CA  CB   sing N N 74  
CYS CA  HA   sing N N 75  
CYS C   O    doub N N 76  
CYS C   OXT  sing N N 77  
CYS CB  SG   sing N N 78  
CYS CB  HB2  sing N N 79  
CYS CB  HB3  sing N N 80  
CYS SG  HG   sing N N 81  
CYS OXT HXT  sing N N 82  
GLN N   CA   sing N N 83  
GLN N   H    sing N N 84  
GLN N   H2   sing N N 85  
GLN CA  C    sing N N 86  
GLN CA  CB   sing N N 87  
GLN CA  HA   sing N N 88  
GLN C   O    doub N N 89  
GLN C   OXT  sing N N 90  
GLN CB  CG   sing N N 91  
GLN CB  HB2  sing N N 92  
GLN CB  HB3  sing N N 93  
GLN CG  CD   sing N N 94  
GLN CG  HG2  sing N N 95  
GLN CG  HG3  sing N N 96  
GLN CD  OE1  doub N N 97  
GLN CD  NE2  sing N N 98  
GLN NE2 HE21 sing N N 99  
GLN NE2 HE22 sing N N 100 
GLN OXT HXT  sing N N 101 
GLU N   CA   sing N N 102 
GLU N   H    sing N N 103 
GLU N   H2   sing N N 104 
GLU CA  C    sing N N 105 
GLU CA  CB   sing N N 106 
GLU CA  HA   sing N N 107 
GLU C   O    doub N N 108 
GLU C   OXT  sing N N 109 
GLU CB  CG   sing N N 110 
GLU CB  HB2  sing N N 111 
GLU CB  HB3  sing N N 112 
GLU CG  CD   sing N N 113 
GLU CG  HG2  sing N N 114 
GLU CG  HG3  sing N N 115 
GLU CD  OE1  doub N N 116 
GLU CD  OE2  sing N N 117 
GLU OE2 HE2  sing N N 118 
GLU OXT HXT  sing N N 119 
GLY N   CA   sing N N 120 
GLY N   H    sing N N 121 
GLY N   H2   sing N N 122 
GLY CA  C    sing N N 123 
GLY CA  HA2  sing N N 124 
GLY CA  HA3  sing N N 125 
GLY C   O    doub N N 126 
GLY C   OXT  sing N N 127 
GLY OXT HXT  sing N N 128 
HIS N   CA   sing N N 129 
HIS N   H    sing N N 130 
HIS N   H2   sing N N 131 
HIS CA  C    sing N N 132 
HIS CA  CB   sing N N 133 
HIS CA  HA   sing N N 134 
HIS C   O    doub N N 135 
HIS C   OXT  sing N N 136 
HIS CB  CG   sing N N 137 
HIS CB  HB2  sing N N 138 
HIS CB  HB3  sing N N 139 
HIS CG  ND1  sing Y N 140 
HIS CG  CD2  doub Y N 141 
HIS ND1 CE1  doub Y N 142 
HIS ND1 HD1  sing N N 143 
HIS CD2 NE2  sing Y N 144 
HIS CD2 HD2  sing N N 145 
HIS CE1 NE2  sing Y N 146 
HIS CE1 HE1  sing N N 147 
HIS NE2 HE2  sing N N 148 
HIS OXT HXT  sing N N 149 
HOH O   H1   sing N N 150 
HOH O   H2   sing N N 151 
ILE N   CA   sing N N 152 
ILE N   H    sing N N 153 
ILE N   H2   sing N N 154 
ILE CA  C    sing N N 155 
ILE CA  CB   sing N N 156 
ILE CA  HA   sing N N 157 
ILE C   O    doub N N 158 
ILE C   OXT  sing N N 159 
ILE CB  CG1  sing N N 160 
ILE CB  CG2  sing N N 161 
ILE CB  HB   sing N N 162 
ILE CG1 CD1  sing N N 163 
ILE CG1 HG12 sing N N 164 
ILE CG1 HG13 sing N N 165 
ILE CG2 HG21 sing N N 166 
ILE CG2 HG22 sing N N 167 
ILE CG2 HG23 sing N N 168 
ILE CD1 HD11 sing N N 169 
ILE CD1 HD12 sing N N 170 
ILE CD1 HD13 sing N N 171 
ILE OXT HXT  sing N N 172 
LEU N   CA   sing N N 173 
LEU N   H    sing N N 174 
LEU N   H2   sing N N 175 
LEU CA  C    sing N N 176 
LEU CA  CB   sing N N 177 
LEU CA  HA   sing N N 178 
LEU C   O    doub N N 179 
LEU C   OXT  sing N N 180 
LEU CB  CG   sing N N 181 
LEU CB  HB2  sing N N 182 
LEU CB  HB3  sing N N 183 
LEU CG  CD1  sing N N 184 
LEU CG  CD2  sing N N 185 
LEU CG  HG   sing N N 186 
LEU CD1 HD11 sing N N 187 
LEU CD1 HD12 sing N N 188 
LEU CD1 HD13 sing N N 189 
LEU CD2 HD21 sing N N 190 
LEU CD2 HD22 sing N N 191 
LEU CD2 HD23 sing N N 192 
LEU OXT HXT  sing N N 193 
LYS N   CA   sing N N 194 
LYS N   H    sing N N 195 
LYS N   H2   sing N N 196 
LYS CA  C    sing N N 197 
LYS CA  CB   sing N N 198 
LYS CA  HA   sing N N 199 
LYS C   O    doub N N 200 
LYS C   OXT  sing N N 201 
LYS CB  CG   sing N N 202 
LYS CB  HB2  sing N N 203 
LYS CB  HB3  sing N N 204 
LYS CG  CD   sing N N 205 
LYS CG  HG2  sing N N 206 
LYS CG  HG3  sing N N 207 
LYS CD  CE   sing N N 208 
LYS CD  HD2  sing N N 209 
LYS CD  HD3  sing N N 210 
LYS CE  NZ   sing N N 211 
LYS CE  HE2  sing N N 212 
LYS CE  HE3  sing N N 213 
LYS NZ  HZ1  sing N N 214 
LYS NZ  HZ2  sing N N 215 
LYS NZ  HZ3  sing N N 216 
LYS OXT HXT  sing N N 217 
MES O1  C2   sing N N 218 
MES O1  C6   sing N N 219 
MES C2  C3   sing N N 220 
MES C2  H21  sing N N 221 
MES C2  H22  sing N N 222 
MES C3  N4   sing N N 223 
MES C3  H31  sing N N 224 
MES C3  H32  sing N N 225 
MES N4  C5   sing N N 226 
MES N4  C7   sing N N 227 
MES N4  HN4  sing N N 228 
MES C5  C6   sing N N 229 
MES C5  H51  sing N N 230 
MES C5  H52  sing N N 231 
MES C6  H61  sing N N 232 
MES C6  H62  sing N N 233 
MES C7  C8   sing N N 234 
MES C7  H71  sing N N 235 
MES C7  H72  sing N N 236 
MES C8  S    sing N N 237 
MES C8  H81  sing N N 238 
MES C8  H82  sing N N 239 
MES S   O1S  doub N N 240 
MES S   O2S  doub N N 241 
MES S   O3S  sing N N 242 
MET N   CA   sing N N 243 
MET N   H    sing N N 244 
MET N   H2   sing N N 245 
MET CA  C    sing N N 246 
MET CA  CB   sing N N 247 
MET CA  HA   sing N N 248 
MET C   O    doub N N 249 
MET C   OXT  sing N N 250 
MET CB  CG   sing N N 251 
MET CB  HB2  sing N N 252 
MET CB  HB3  sing N N 253 
MET CG  SD   sing N N 254 
MET CG  HG2  sing N N 255 
MET CG  HG3  sing N N 256 
MET SD  CE   sing N N 257 
MET CE  HE1  sing N N 258 
MET CE  HE2  sing N N 259 
MET CE  HE3  sing N N 260 
MET OXT HXT  sing N N 261 
PHE N   CA   sing N N 262 
PHE N   H    sing N N 263 
PHE N   H2   sing N N 264 
PHE CA  C    sing N N 265 
PHE CA  CB   sing N N 266 
PHE CA  HA   sing N N 267 
PHE C   O    doub N N 268 
PHE C   OXT  sing N N 269 
PHE CB  CG   sing N N 270 
PHE CB  HB2  sing N N 271 
PHE CB  HB3  sing N N 272 
PHE CG  CD1  doub Y N 273 
PHE CG  CD2  sing Y N 274 
PHE CD1 CE1  sing Y N 275 
PHE CD1 HD1  sing N N 276 
PHE CD2 CE2  doub Y N 277 
PHE CD2 HD2  sing N N 278 
PHE CE1 CZ   doub Y N 279 
PHE CE1 HE1  sing N N 280 
PHE CE2 CZ   sing Y N 281 
PHE CE2 HE2  sing N N 282 
PHE CZ  HZ   sing N N 283 
PHE OXT HXT  sing N N 284 
PRO N   CA   sing N N 285 
PRO N   CD   sing N N 286 
PRO N   H    sing N N 287 
PRO CA  C    sing N N 288 
PRO CA  CB   sing N N 289 
PRO CA  HA   sing N N 290 
PRO C   O    doub N N 291 
PRO C   OXT  sing N N 292 
PRO CB  CG   sing N N 293 
PRO CB  HB2  sing N N 294 
PRO CB  HB3  sing N N 295 
PRO CG  CD   sing N N 296 
PRO CG  HG2  sing N N 297 
PRO CG  HG3  sing N N 298 
PRO CD  HD2  sing N N 299 
PRO CD  HD3  sing N N 300 
PRO OXT HXT  sing N N 301 
SER N   CA   sing N N 302 
SER N   H    sing N N 303 
SER N   H2   sing N N 304 
SER CA  C    sing N N 305 
SER CA  CB   sing N N 306 
SER CA  HA   sing N N 307 
SER C   O    doub N N 308 
SER C   OXT  sing N N 309 
SER CB  OG   sing N N 310 
SER CB  HB2  sing N N 311 
SER CB  HB3  sing N N 312 
SER OG  HG   sing N N 313 
SER OXT HXT  sing N N 314 
SO4 S   O1   doub N N 315 
SO4 S   O2   doub N N 316 
SO4 S   O3   sing N N 317 
SO4 S   O4   sing N N 318 
THR N   CA   sing N N 319 
THR N   H    sing N N 320 
THR N   H2   sing N N 321 
THR CA  C    sing N N 322 
THR CA  CB   sing N N 323 
THR CA  HA   sing N N 324 
THR C   O    doub N N 325 
THR C   OXT  sing N N 326 
THR CB  OG1  sing N N 327 
THR CB  CG2  sing N N 328 
THR CB  HB   sing N N 329 
THR OG1 HG1  sing N N 330 
THR CG2 HG21 sing N N 331 
THR CG2 HG22 sing N N 332 
THR CG2 HG23 sing N N 333 
THR OXT HXT  sing N N 334 
TRP N   CA   sing N N 335 
TRP N   H    sing N N 336 
TRP N   H2   sing N N 337 
TRP CA  C    sing N N 338 
TRP CA  CB   sing N N 339 
TRP CA  HA   sing N N 340 
TRP C   O    doub N N 341 
TRP C   OXT  sing N N 342 
TRP CB  CG   sing N N 343 
TRP CB  HB2  sing N N 344 
TRP CB  HB3  sing N N 345 
TRP CG  CD1  doub Y N 346 
TRP CG  CD2  sing Y N 347 
TRP CD1 NE1  sing Y N 348 
TRP CD1 HD1  sing N N 349 
TRP CD2 CE2  doub Y N 350 
TRP CD2 CE3  sing Y N 351 
TRP NE1 CE2  sing Y N 352 
TRP NE1 HE1  sing N N 353 
TRP CE2 CZ2  sing Y N 354 
TRP CE3 CZ3  doub Y N 355 
TRP CE3 HE3  sing N N 356 
TRP CZ2 CH2  doub Y N 357 
TRP CZ2 HZ2  sing N N 358 
TRP CZ3 CH2  sing Y N 359 
TRP CZ3 HZ3  sing N N 360 
TRP CH2 HH2  sing N N 361 
TRP OXT HXT  sing N N 362 
TYR N   CA   sing N N 363 
TYR N   H    sing N N 364 
TYR N   H2   sing N N 365 
TYR CA  C    sing N N 366 
TYR CA  CB   sing N N 367 
TYR CA  HA   sing N N 368 
TYR C   O    doub N N 369 
TYR C   OXT  sing N N 370 
TYR CB  CG   sing N N 371 
TYR CB  HB2  sing N N 372 
TYR CB  HB3  sing N N 373 
TYR CG  CD1  doub Y N 374 
TYR CG  CD2  sing Y N 375 
TYR CD1 CE1  sing Y N 376 
TYR CD1 HD1  sing N N 377 
TYR CD2 CE2  doub Y N 378 
TYR CD2 HD2  sing N N 379 
TYR CE1 CZ   doub Y N 380 
TYR CE1 HE1  sing N N 381 
TYR CE2 CZ   sing Y N 382 
TYR CE2 HE2  sing N N 383 
TYR CZ  OH   sing N N 384 
TYR OH  HH   sing N N 385 
TYR OXT HXT  sing N N 386 
VAL N   CA   sing N N 387 
VAL N   H    sing N N 388 
VAL N   H2   sing N N 389 
VAL CA  C    sing N N 390 
VAL CA  CB   sing N N 391 
VAL CA  HA   sing N N 392 
VAL C   O    doub N N 393 
VAL C   OXT  sing N N 394 
VAL CB  CG1  sing N N 395 
VAL CB  CG2  sing N N 396 
VAL CB  HB   sing N N 397 
VAL CG1 HG11 sing N N 398 
VAL CG1 HG12 sing N N 399 
VAL CG1 HG13 sing N N 400 
VAL CG2 HG21 sing N N 401 
VAL CG2 HG22 sing N N 402 
VAL CG2 HG23 sing N N 403 
VAL OXT HXT  sing N N 404 
# 
_pdbx_initial_refinement_model.id               1 
_pdbx_initial_refinement_model.entity_id_list   ? 
_pdbx_initial_refinement_model.type             'experimental model' 
_pdbx_initial_refinement_model.source_name      PDB 
_pdbx_initial_refinement_model.accession_code   1AE7 
_pdbx_initial_refinement_model.details          'PDB entry 1AE7' 
# 
_atom_sites.entry_id                    4E4C 
_atom_sites.fract_transf_matrix[1][1]   0.01451613 
_atom_sites.fract_transf_matrix[1][2]   0.00156436 
_atom_sites.fract_transf_matrix[1][3]   -0.00544656 
_atom_sites.fract_transf_matrix[2][1]   0.01119954 
_atom_sites.fract_transf_matrix[2][2]   -0.00973372 
_atom_sites.fract_transf_matrix[2][3]   0.00475973 
_atom_sites.fract_transf_matrix[3][1]   -0.00444615 
_atom_sites.fract_transf_matrix[3][2]   -0.01269290 
_atom_sites.fract_transf_matrix[3][3]   -0.01549549 
_atom_sites.fract_transf_vector[1]      0.102146 
_atom_sites.fract_transf_vector[2]      -0.408905 
_atom_sites.fract_transf_vector[3]      -0.157012 
# 
loop_
_atom_type.symbol 
C 
N 
O 
S 
# 
loop_
_atom_site.group_PDB 
_atom_site.id 
_atom_site.type_symbol 
_atom_site.label_atom_id 
_atom_site.label_alt_id 
_atom_site.label_comp_id 
_atom_site.label_asym_id 
_atom_site.label_entity_id 
_atom_site.label_seq_id 
_atom_site.pdbx_PDB_ins_code 
_atom_site.Cartn_x 
_atom_site.Cartn_y 
_atom_site.Cartn_z 
_atom_site.occupancy 
_atom_site.B_iso_or_equiv 
_atom_site.pdbx_formal_charge 
_atom_site.auth_seq_id 
_atom_site.auth_comp_id 
_atom_site.auth_asym_id 
_atom_site.auth_atom_id 
_atom_site.pdbx_PDB_model_num 
ATOM   1    N N   . ASN A 1 1   ? -2.051  10.827  0.245   1.00 18.47 ? 1   ASN A N   1 
ATOM   2    C CA  . ASN A 1 1   ? -3.068  10.330  1.227   1.00 18.42 ? 1   ASN A CA  1 
ATOM   3    C C   . ASN A 1 1   ? -3.728  8.982   0.821   1.00 18.30 ? 1   ASN A C   1 
ATOM   4    O O   . ASN A 1 1   ? -3.412  8.414   -0.217  1.00 19.22 ? 1   ASN A O   1 
ATOM   5    C CB  . ASN A 1 1   ? -4.121  11.429  1.547   1.00 17.48 ? 1   ASN A CB  1 
ATOM   6    C CG  . ASN A 1 1   ? -4.916  11.827  0.329   1.00 18.44 ? 1   ASN A CG  1 
ATOM   7    O OD1 . ASN A 1 1   ? -5.352  10.968  -0.430  1.00 20.11 ? 1   ASN A OD1 1 
ATOM   8    N ND2 . ASN A 1 1   ? -5.106  13.127  0.121   1.00 18.36 ? 1   ASN A ND2 1 
ATOM   9    N N   . LEU A 1 2   ? -4.608  8.461   1.655   1.00 18.08 ? 2   LEU A N   1 
ATOM   10   C CA  . LEU A 1 2   ? -5.196  7.167   1.401   1.00 16.58 ? 2   LEU A CA  1 
ATOM   11   C C   . LEU A 1 2   ? -6.142  7.163   0.204   1.00 16.34 ? 2   LEU A C   1 
ATOM   12   O O   . LEU A 1 2   ? -6.244  6.168   -0.531  1.00 15.48 ? 2   LEU A O   1 
ATOM   13   C CB  . LEU A 1 2   ? -5.870  6.666   2.679   1.00 19.22 ? 2   LEU A CB  1 
ATOM   14   C CG  . LEU A 1 2   ? -5.064  5.584   3.393   1.00 21.63 ? 2   LEU A CG  1 
ATOM   15   C CD1 . LEU A 1 2   ? -4.516  6.022   4.737   1.00 25.82 ? 2   LEU A CD1 1 
ATOM   16   C CD2 . LEU A 1 2   ? -5.978  4.356   3.554   1.00 27.41 ? 2   LEU A CD2 1 
ATOM   17   N N   . VAL A 1 3   ? -6.821  8.281   -0.020  1.00 13.95 ? 3   VAL A N   1 
ATOM   18   C CA  . VAL A 1 3   ? -7.634  8.476   -1.230  1.00 14.47 ? 3   VAL A CA  1 
ATOM   19   C C   . VAL A 1 3   ? -6.821  8.283   -2.505  1.00 13.99 ? 3   VAL A C   1 
ATOM   20   O O   . VAL A 1 3   ? -7.255  7.544   -3.441  1.00 14.40 ? 3   VAL A O   1 
ATOM   21   C CB  . VAL A 1 3   ? -8.328  9.862   -1.191  1.00 13.00 ? 3   VAL A CB  1 
ATOM   22   C CG1 . VAL A 1 3   ? -8.877  10.258  -2.593  1.00 14.56 ? 3   VAL A CG1 1 
ATOM   23   C CG2 . VAL A 1 3   ? -9.448  9.846   -0.189  1.00 14.47 ? 3   VAL A CG2 1 
ATOM   24   N N   . GLN A 1 4   ? -5.634  8.922   -2.534  1.00 14.35 ? 4   GLN A N   1 
ATOM   25   C CA  . GLN A 1 4   ? -4.659  8.760   -3.617  1.00 12.74 ? 4   GLN A CA  1 
ATOM   26   C C   . GLN A 1 4   ? -4.077  7.346   -3.726  1.00 11.49 ? 4   GLN A C   1 
ATOM   27   O O   . GLN A 1 4   ? -3.952  6.827   -4.824  1.00 12.62 ? 4   GLN A O   1 
ATOM   28   C CB  . GLN A 1 4   ? -3.562  9.803   -3.513  1.00 11.18 ? 4   GLN A CB  1 
ATOM   29   C CG  . GLN A 1 4   ? -4.094  11.249  -3.583  1.00 12.32 ? 4   GLN A CG  1 
ATOM   30   C CD  . GLN A 1 4   ? -2.994  12.263  -3.384  1.00 16.56 ? 4   GLN A CD  1 
ATOM   31   O OE1 . GLN A 1 4   ? -2.132  12.118  -2.508  1.00 17.63 ? 4   GLN A OE1 1 
ATOM   32   N NE2 . GLN A 1 4   ? -3.048  13.328  -4.158  1.00 18.80 ? 4   GLN A NE2 1 
ATOM   33   N N   . PHE A 1 5   ? -3.745  6.702   -2.608  1.00 10.52 ? 5   PHE A N   1 
ATOM   34   C CA  . PHE A 1 5   ? -3.238  5.332   -2.643  1.00 10.02 ? 5   PHE A CA  1 
ATOM   35   C C   . PHE A 1 5   ? -4.288  4.430   -3.299  1.00 11.61 ? 5   PHE A C   1 
ATOM   36   O O   . PHE A 1 5   ? -3.936  3.581   -4.132  1.00 11.19 ? 5   PHE A O   1 
ATOM   37   C CB  . PHE A 1 5   ? -2.857  4.874   -1.207  1.00 11.63 ? 5   PHE A CB  1 
ATOM   38   C CG  . PHE A 1 5   ? -2.297  3.468   -1.091  1.00 12.18 ? 5   PHE A CG  1 
ATOM   39   C CD1 . PHE A 1 5   ? -1.511  2.907   -2.094  1.00 11.23 ? 5   PHE A CD1 1 
ATOM   40   C CD2 . PHE A 1 5   ? -2.463  2.761   0.110   1.00 15.07 ? 5   PHE A CD2 1 
ATOM   41   C CE1 . PHE A 1 5   ? -0.972  1.629   -1.966  1.00 13.95 ? 5   PHE A CE1 1 
ATOM   42   C CE2 . PHE A 1 5   ? -1.930  1.485   0.264   1.00 16.03 ? 5   PHE A CE2 1 
ATOM   43   C CZ  . PHE A 1 5   ? -1.160  0.921   -0.779  1.00 15.95 ? 5   PHE A CZ  1 
ATOM   44   N N   . SER A 1 6   ? -5.563  4.609   -2.932  1.00 11.96 ? 6   SER A N   1 
ATOM   45   C CA  . SER A 1 6   ? -6.616  3.818   -3.592  1.00 13.15 ? 6   SER A CA  1 
ATOM   46   C C   . SER A 1 6   ? -6.588  4.068   -5.133  1.00 13.21 ? 6   SER A C   1 
ATOM   47   O O   . SER A 1 6   ? -6.620  3.108   -5.910  1.00 13.68 ? 6   SER A O   1 
ATOM   48   C CB  . SER A 1 6   ? -8.029  4.102   -3.019  1.00 12.20 ? 6   SER A CB  1 
ATOM   49   O OG  . SER A 1 6   ? -9.020  3.383   -3.791  1.00 12.04 ? 6   SER A OG  1 
ATOM   50   N N   . TYR A 1 7   ? -6.445  5.317   -5.565  1.00 14.29 ? 7   TYR A N   1 
ATOM   51   C CA  . TYR A 1 7   ? -6.337  5.600   -7.020  1.00 14.64 ? 7   TYR A CA  1 
ATOM   52   C C   . TYR A 1 7   ? -5.148  4.860   -7.653  1.00 14.29 ? 7   TYR A C   1 
ATOM   53   O O   . TYR A 1 7   ? -5.301  4.296   -8.741  1.00 13.68 ? 7   TYR A O   1 
ATOM   54   C CB  . TYR A 1 7   ? -6.235  7.098   -7.300  1.00 16.30 ? 7   TYR A CB  1 
ATOM   55   C CG  . TYR A 1 7   ? -7.568  7.789   -7.389  1.00 22.75 ? 7   TYR A CG  1 
ATOM   56   C CD1 . TYR A 1 7   ? -8.514  7.405   -8.372  1.00 26.72 ? 7   TYR A CD1 1 
ATOM   57   C CD2 . TYR A 1 7   ? -7.893  8.833   -6.512  1.00 25.15 ? 7   TYR A CD2 1 
ATOM   58   C CE1 . TYR A 1 7   ? -9.752  8.036   -8.464  1.00 31.41 ? 7   TYR A CE1 1 
ATOM   59   C CE2 . TYR A 1 7   ? -9.139  9.471   -6.590  1.00 30.56 ? 7   TYR A CE2 1 
ATOM   60   C CZ  . TYR A 1 7   ? -10.056 9.069   -7.571  1.00 33.02 ? 7   TYR A CZ  1 
ATOM   61   O OH  . TYR A 1 7   ? -11.290 9.685   -7.683  1.00 38.91 ? 7   TYR A OH  1 
ATOM   62   N N   . LEU A 1 8   ? -3.982  4.820   -6.968  1.00 13.80 ? 8   LEU A N   1 
ATOM   63   C CA  . LEU A 1 8   ? -2.798  4.138   -7.511  1.00 13.01 ? 8   LEU A CA  1 
ATOM   64   C C   . LEU A 1 8   ? -3.013  2.640   -7.654  1.00 13.22 ? 8   LEU A C   1 
ATOM   65   O O   . LEU A 1 8   ? -2.600  2.058   -8.658  1.00 12.04 ? 8   LEU A O   1 
ATOM   66   C CB  . LEU A 1 8   ? -1.526  4.379   -6.671  1.00 11.44 ? 8   LEU A CB  1 
ATOM   67   C CG  . LEU A 1 8   ? -1.158  5.846   -6.363  1.00 13.34 ? 8   LEU A CG  1 
ATOM   68   C CD1 . LEU A 1 8   ? 0.320   6.012   -5.876  1.00 12.31 ? 8   LEU A CD1 1 
ATOM   69   C CD2 . LEU A 1 8   ? -1.421  6.740   -7.550  1.00 13.39 ? 8   LEU A CD2 1 
ATOM   70   N N   . ILE A 1 9   ? -3.616  2.049   -6.621  1.00 12.31 ? 9   ILE A N   1 
ATOM   71   C CA  . ILE A 1 9   ? -3.890  0.622   -6.606  1.00 12.80 ? 9   ILE A CA  1 
ATOM   72   C C   . ILE A 1 9   ? -4.767  0.247   -7.817  1.00 13.06 ? 9   ILE A C   1 
ATOM   73   O O   . ILE A 1 9   ? -4.489  -0.700  -8.559  1.00 12.81 ? 9   ILE A O   1 
ATOM   74   C CB  . ILE A 1 9   ? -4.547  0.184   -5.263  1.00 12.53 ? 9   ILE A CB  1 
ATOM   75   C CG1 . ILE A 1 9   ? -3.500  0.136   -4.143  1.00 12.66 ? 9   ILE A CG1 1 
ATOM   76   C CG2 . ILE A 1 9   ? -5.089  -1.223  -5.372  1.00 13.01 ? 9   ILE A CG2 1 
ATOM   77   C CD1 . ILE A 1 9   ? -4.088  0.129   -2.683  1.00 14.55 ? 9   ILE A CD1 1 
ATOM   78   N N   . GLN A 1 10  ? -5.834  1.001   -8.001  1.00 13.30 ? 10  GLN A N   1 
ATOM   79   C CA  . GLN A 1 10  ? -6.778  0.739   -9.075  1.00 15.64 ? 10  GLN A CA  1 
ATOM   80   C C   . GLN A 1 10  ? -6.113  1.004   -10.434 1.00 16.39 ? 10  GLN A C   1 
ATOM   81   O O   . GLN A 1 10  ? -6.428  0.325   -11.408 1.00 17.64 ? 10  GLN A O   1 
ATOM   82   C CB  . GLN A 1 10  ? -7.990  1.643   -8.941  1.00 16.36 ? 10  GLN A CB  1 
ATOM   83   C CG  . GLN A 1 10  ? -8.859  1.383   -7.730  1.00 16.27 ? 10  GLN A CG  1 
ATOM   84   C CD  . GLN A 1 10  ? -9.375  -0.054  -7.739  1.00 15.33 ? 10  GLN A CD  1 
ATOM   85   O OE1 . GLN A 1 10  ? -10.067 -0.466  -8.679  1.00 19.21 ? 10  GLN A OE1 1 
ATOM   86   N NE2 . GLN A 1 10  ? -8.983  -0.825  -6.750  1.00 14.24 ? 10  GLN A NE2 1 
ATOM   87   N N   . CYS A 1 11  ? -5.224  1.995   -10.494 1.00 17.07 ? 11  CYS A N   1 
ATOM   88   C CA  . CYS A 1 11  ? -4.469  2.264   -11.729 1.00 18.09 ? 11  CYS A CA  1 
ATOM   89   C C   . CYS A 1 11  ? -3.639  1.033   -12.040 1.00 17.92 ? 11  CYS A C   1 
ATOM   90   O O   . CYS A 1 11  ? -3.749  0.500   -13.141 1.00 20.06 ? 11  CYS A O   1 
ATOM   91   C CB  . CYS A 1 11  ? -3.574  3.504   -11.614 1.00 19.31 ? 11  CYS A CB  1 
ATOM   92   S SG  . CYS A 1 11  ? -2.493  3.792   -13.106 1.00 20.71 ? 11  CYS A SG  1 
ATOM   93   N N   . ALA A 1 12  ? -2.864  0.567   -11.047 1.00 18.96 ? 12  ALA A N   1 
ATOM   94   C CA  . ALA A 1 12  ? -1.925  -0.573  -11.176 1.00 18.23 ? 12  ALA A CA  1 
ATOM   95   C C   . ALA A 1 12  ? -2.576  -1.925  -11.510 1.00 19.41 ? 12  ALA A C   1 
ATOM   96   O O   . ALA A 1 12  ? -1.985  -2.763  -12.208 1.00 18.38 ? 12  ALA A O   1 
ATOM   97   C CB  . ALA A 1 12  ? -1.075  -0.701  -9.914  1.00 17.61 ? 12  ALA A CB  1 
ATOM   98   N N   . ASN A 1 13  ? -3.773  -2.155  -10.965 1.00 19.20 ? 13  ASN A N   1 
ATOM   99   C CA  . ASN A 1 13  ? -4.484  -3.417  -11.188 1.00 19.70 ? 13  ASN A CA  1 
ATOM   100  C C   . ASN A 1 13  ? -5.522  -3.320  -12.298 1.00 20.88 ? 13  ASN A C   1 
ATOM   101  O O   . ASN A 1 13  ? -6.274  -4.259  -12.519 1.00 21.56 ? 13  ASN A O   1 
ATOM   102  C CB  . ASN A 1 13  ? -5.057  -3.978  -9.865  1.00 18.89 ? 13  ASN A CB  1 
ATOM   103  C CG  . ASN A 1 13  ? -6.345  -3.282  -9.399  1.00 13.73 ? 13  ASN A CG  1 
ATOM   104  O OD1 . ASN A 1 13  ? -6.921  -2.467  -10.095 1.00 14.50 ? 13  ASN A OD1 1 
ATOM   105  N ND2 . ASN A 1 13  ? -6.781  -3.595  -8.170  1.00 12.73 ? 13  ASN A ND2 1 
ATOM   106  N N   . HIS A 1 14  ? -5.574  -2.179  -12.989 1.00 23.09 ? 14  HIS A N   1 
ATOM   107  C CA  . HIS A 1 14  ? -6.610  -1.905  -14.034 1.00 25.51 ? 14  HIS A CA  1 
ATOM   108  C C   . HIS A 1 14  ? -8.091  -2.034  -13.550 1.00 26.51 ? 14  HIS A C   1 
ATOM   109  O O   . HIS A 1 14  ? -8.996  -2.287  -14.355 1.00 26.35 ? 14  HIS A O   1 
ATOM   110  C CB  . HIS A 1 14  ? -6.376  -2.753  -15.307 1.00 26.81 ? 14  HIS A CB  1 
ATOM   111  C CG  . HIS A 1 14  ? -4.943  -2.806  -15.746 1.00 30.25 ? 14  HIS A CG  1 
ATOM   112  N ND1 . HIS A 1 14  ? -4.340  -1.779  -16.447 1.00 32.48 ? 14  HIS A ND1 1 
ATOM   113  C CD2 . HIS A 1 14  ? -3.990  -3.757  -15.574 1.00 35.10 ? 14  HIS A CD2 1 
ATOM   114  C CE1 . HIS A 1 14  ? -3.078  -2.097  -16.688 1.00 36.73 ? 14  HIS A CE1 1 
ATOM   115  N NE2 . HIS A 1 14  ? -2.838  -3.291  -16.167 1.00 36.52 ? 14  HIS A NE2 1 
ATOM   116  N N   . GLY A 1 15  ? -8.349  -1.853  -12.249 1.00 26.19 ? 15  GLY A N   1 
ATOM   117  C CA  . GLY A 1 15  ? -9.728  -1.982  -11.727 1.00 25.93 ? 15  GLY A CA  1 
ATOM   118  C C   . GLY A 1 15  ? -10.194 -3.421  -11.554 1.00 25.16 ? 15  GLY A C   1 
ATOM   119  O O   . GLY A 1 15  ? -11.379 -3.715  -11.645 1.00 26.37 ? 15  GLY A O   1 
ATOM   120  N N   . LYS A 1 16  ? -9.274  -4.314  -11.240 1.00 24.68 ? 16  LYS A N   1 
ATOM   121  C CA  . LYS A 1 16  ? -9.591  -5.731  -11.162 1.00 23.80 ? 16  LYS A CA  1 
ATOM   122  C C   . LYS A 1 16  ? -9.998  -6.269  -9.765  1.00 23.24 ? 16  LYS A C   1 
ATOM   123  O O   . LYS A 1 16  ? -10.738 -7.262  -9.686  1.00 23.56 ? 16  LYS A O   1 
ATOM   124  C CB  . LYS A 1 16  ? -8.518  -6.578  -11.854 1.00 23.67 ? 16  LYS A CB  1 
ATOM   125  C CG  . LYS A 1 16  ? -8.410  -6.280  -13.404 1.00 25.49 ? 16  LYS A CG  1 
ATOM   126  C CD  . LYS A 1 16  ? -7.352  -7.109  -14.109 1.00 28.47 ? 16  LYS A CD  1 
ATOM   127  C CE  . LYS A 1 16  ? -7.476  -7.037  -15.623 1.00 31.99 ? 16  LYS A CE  1 
ATOM   128  N NZ  . LYS A 1 16  ? -6.173  -7.412  -16.300 1.00 36.84 ? 16  LYS A NZ  1 
ATOM   129  N N   . ARG A 1 17  ? -9.550  -5.632  -8.675  1.00 21.05 ? 17  ARG A N   1 
ATOM   130  C CA  . ARG A 1 17  ? -10.288 -5.765  -7.415  1.00 18.45 ? 17  ARG A CA  1 
ATOM   131  C C   . ARG A 1 17  ? -10.460 -4.427  -6.695  1.00 17.38 ? 17  ARG A C   1 
ATOM   132  O O   . ARG A 1 17  ? -9.702  -3.531  -6.938  1.00 17.13 ? 17  ARG A O   1 
ATOM   133  C CB  . ARG A 1 17  ? -9.821  -6.906  -6.488  1.00 19.43 ? 17  ARG A CB  1 
ATOM   134  C CG  . ARG A 1 17  ? -8.568  -6.729  -5.743  1.00 19.59 ? 17  ARG A CG  1 
ATOM   135  C CD  . ARG A 1 17  ? -8.209  -8.015  -5.020  1.00 18.69 ? 17  ARG A CD  1 
ATOM   136  N NE  . ARG A 1 17  ? -8.006  -9.183  -5.901  1.00 17.58 ? 17  ARG A NE  1 
ATOM   137  C CZ  . ARG A 1 17  ? -8.819  -10.230 -5.973  1.00 18.91 ? 17  ARG A CZ  1 
ATOM   138  N NH1 . ARG A 1 17  ? -9.916  -10.312 -5.236  1.00 16.45 ? 17  ARG A NH1 1 
ATOM   139  N NH2 . ARG A 1 17  ? -8.515  -11.239 -6.764  1.00 18.13 ? 17  ARG A NH2 1 
ATOM   140  N N   . PRO A 1 18  ? -11.524 -4.282  -5.877  1.00 16.50 ? 18  PRO A N   1 
ATOM   141  C CA  . PRO A 1 18  ? -11.713 -3.028  -5.144  1.00 16.16 ? 18  PRO A CA  1 
ATOM   142  C C   . PRO A 1 18  ? -10.584 -2.870  -4.153  1.00 14.32 ? 18  PRO A C   1 
ATOM   143  O O   . PRO A 1 18  ? -10.036 -3.864  -3.671  1.00 13.77 ? 18  PRO A O   1 
ATOM   144  C CB  . PRO A 1 18  ? -13.026 -3.245  -4.389  1.00 14.99 ? 18  PRO A CB  1 
ATOM   145  C CG  . PRO A 1 18  ? -13.724 -4.431  -5.060  1.00 16.70 ? 18  PRO A CG  1 
ATOM   146  C CD  . PRO A 1 18  ? -12.645 -5.238  -5.703  1.00 16.74 ? 18  PRO A CD  1 
ATOM   147  N N   . THR A 1 19  ? -10.231 -1.632  -3.860  1.00 13.83 ? 19  THR A N   1 
ATOM   148  C CA  . THR A 1 19  ? -9.175  -1.337  -2.906  1.00 13.67 ? 19  THR A CA  1 
ATOM   149  C C   . THR A 1 19  ? -9.463  -1.934  -1.508  1.00 14.84 ? 19  THR A C   1 
ATOM   150  O O   . THR A 1 19  ? -8.527  -2.390  -0.783  1.00 14.00 ? 19  THR A O   1 
ATOM   151  C CB  . THR A 1 19  ? -8.928  0.190   -2.858  1.00 13.06 ? 19  THR A CB  1 
ATOM   152  O OG1 . THR A 1 19  ? -8.389  0.605   -4.123  1.00 12.17 ? 19  THR A OG1 1 
ATOM   153  C CG2 . THR A 1 19  ? -7.887  0.537   -1.787  1.00 14.08 ? 19  THR A CG2 1 
ATOM   154  N N   . TRP A 1 20  ? -10.742 -1.972  -1.154  1.00 14.39 ? 20  TRP A N   1 
ATOM   155  C CA  . TRP A 1 20  ? -11.103 -2.478  0.161   1.00 14.34 ? 20  TRP A CA  1 
ATOM   156  C C   . TRP A 1 20  ? -10.708 -3.954  0.378   1.00 13.57 ? 20  TRP A C   1 
ATOM   157  O O   . TRP A 1 20  ? -10.508 -4.376  1.496   1.00 13.69 ? 20  TRP A O   1 
ATOM   158  C CB  . TRP A 1 20  ? -12.569 -2.184  0.525   1.00 14.61 ? 20  TRP A CB  1 
ATOM   159  C CG  . TRP A 1 20  ? -13.626 -2.823  -0.336  1.00 13.33 ? 20  TRP A CG  1 
ATOM   160  C CD1 . TRP A 1 20  ? -14.301 -2.249  -1.363  1.00 11.53 ? 20  TRP A CD1 1 
ATOM   161  C CD2 . TRP A 1 20  ? -14.115 -4.158  -0.227  1.00 14.29 ? 20  TRP A CD2 1 
ATOM   162  N NE1 . TRP A 1 20  ? -15.212 -3.148  -1.906  1.00 15.21 ? 20  TRP A NE1 1 
ATOM   163  C CE2 . TRP A 1 20  ? -15.120 -4.324  -1.213  1.00 15.02 ? 20  TRP A CE2 1 
ATOM   164  C CE3 . TRP A 1 20  ? -13.855 -5.210  0.653   1.00 14.24 ? 20  TRP A CE3 1 
ATOM   165  C CZ2 . TRP A 1 20  ? -15.836 -5.533  -1.374  1.00 13.99 ? 20  TRP A CZ2 1 
ATOM   166  C CZ3 . TRP A 1 20  ? -14.564 -6.418  0.477   1.00 15.56 ? 20  TRP A CZ3 1 
ATOM   167  C CH2 . TRP A 1 20  ? -15.527 -6.557  -0.526  1.00 10.52 ? 20  TRP A CH2 1 
ATOM   168  N N   . HIS A 1 21  ? -10.498 -4.692  -0.710  1.00 13.99 ? 21  HIS A N   1 
ATOM   169  C CA  . HIS A 1 21  ? -10.010 -6.085  -0.624  1.00 15.30 ? 21  HIS A CA  1 
ATOM   170  C C   . HIS A 1 21  ? -8.601  -6.164  -0.019  1.00 14.18 ? 21  HIS A C   1 
ATOM   171  O O   . HIS A 1 21  ? -8.162  -7.251  0.336   1.00 15.49 ? 21  HIS A O   1 
ATOM   172  C CB  . HIS A 1 21  ? -9.984  -6.741  -2.016  1.00 14.93 ? 21  HIS A CB  1 
ATOM   173  C CG  . HIS A 1 21  ? -11.309 -7.238  -2.504  1.00 17.37 ? 21  HIS A CG  1 
ATOM   174  N ND1 . HIS A 1 21  ? -11.422 -8.289  -3.394  1.00 16.93 ? 21  HIS A ND1 1 
ATOM   175  C CD2 . HIS A 1 21  ? -12.580 -6.850  -2.211  1.00 16.16 ? 21  HIS A CD2 1 
ATOM   176  C CE1 . HIS A 1 21  ? -12.708 -8.520  -3.624  1.00 16.81 ? 21  HIS A CE1 1 
ATOM   177  N NE2 . HIS A 1 21  ? -13.424 -7.635  -2.951  1.00 17.20 ? 21  HIS A NE2 1 
ATOM   178  N N   . TYR A 1 22  ? -7.902  -5.020  0.095   1.00 14.13 ? 22  TYR A N   1 
ATOM   179  C CA  . TYR A 1 22  ? -6.513  -5.011  0.599   1.00 14.82 ? 22  TYR A CA  1 
ATOM   180  C C   . TYR A 1 22  ? -6.445  -4.445  2.005   1.00 16.28 ? 22  TYR A C   1 
ATOM   181  O O   . TYR A 1 22  ? -5.370  -4.235  2.544   1.00 17.54 ? 22  TYR A O   1 
ATOM   182  C CB  . TYR A 1 22  ? -5.561  -4.241  -0.324  1.00 14.22 ? 22  TYR A CB  1 
ATOM   183  C CG  . TYR A 1 22  ? -5.517  -4.770  -1.746  1.00 14.16 ? 22  TYR A CG  1 
ATOM   184  C CD1 . TYR A 1 22  ? -4.686  -5.840  -2.086  1.00 16.53 ? 22  TYR A CD1 1 
ATOM   185  C CD2 . TYR A 1 22  ? -6.325  -4.215  -2.750  1.00 13.43 ? 22  TYR A CD2 1 
ATOM   186  C CE1 . TYR A 1 22  ? -4.653  -6.328  -3.413  1.00 15.74 ? 22  TYR A CE1 1 
ATOM   187  C CE2 . TYR A 1 22  ? -6.302  -4.706  -4.057  1.00 15.04 ? 22  TYR A CE2 1 
ATOM   188  C CZ  . TYR A 1 22  ? -5.437  -5.747  -4.372  1.00 13.96 ? 22  TYR A CZ  1 
ATOM   189  O OH  . TYR A 1 22  ? -5.415  -6.273  -5.638  1.00 16.90 ? 22  TYR A OH  1 
ATOM   190  N N   . MET A 1 23  ? -7.611  -4.255  2.610   1.00 18.55 ? 23  MET A N   1 
ATOM   191  C CA  . MET A 1 23  ? -7.711  -3.557  3.869   1.00 19.15 ? 23  MET A CA  1 
ATOM   192  C C   . MET A 1 23  ? -7.957  -4.451  5.056   1.00 18.83 ? 23  MET A C   1 
ATOM   193  O O   . MET A 1 23  ? -7.953  -3.962  6.179   1.00 18.92 ? 23  MET A O   1 
ATOM   194  C CB  . MET A 1 23  ? -8.758  -2.466  3.758   1.00 20.87 ? 23  MET A CB  1 
ATOM   195  C CG  . MET A 1 23  ? -8.359  -1.502  2.599   1.00 23.66 ? 23  MET A CG  1 
ATOM   196  S SD  . MET A 1 23  ? -9.271  0.037   2.533   1.00 34.81 ? 23  MET A SD  1 
ATOM   197  C CE  . MET A 1 23  ? -8.428  0.924   3.870   1.00 35.02 ? 23  MET A CE  1 
ATOM   198  N N   . ASP A 1 24  ? -8.192  -5.736  4.824   1.00 16.45 ? 24  ASP A N   1 
ATOM   199  C CA  . ASP A 1 24  ? -8.202  -6.714  5.927   1.00 16.40 ? 24  ASP A CA  1 
ATOM   200  C C   . ASP A 1 24  ? -7.694  -8.081  5.459   1.00 16.27 ? 24  ASP A C   1 
ATOM   201  O O   . ASP A 1 24  ? -8.434  -9.052  5.474   1.00 14.73 ? 24  ASP A O   1 
ATOM   202  C CB  . ASP A 1 24  ? -9.622  -6.801  6.561   1.00 16.09 ? 24  ASP A CB  1 
ATOM   203  C CG  . ASP A 1 24  ? -9.685  -7.700  7.807   1.00 17.64 ? 24  ASP A CG  1 
ATOM   204  O OD1 . ASP A 1 24  ? -8.621  -8.074  8.415   1.00 17.05 ? 24  ASP A OD1 1 
ATOM   205  O OD2 . ASP A 1 24  ? -10.835 -8.084  8.146   1.00 17.18 ? 24  ASP A OD2 1 
ATOM   206  N N   . TYR A 1 25  ? -6.420  -8.139  5.034   1.00 17.20 ? 25  TYR A N   1 
ATOM   207  C CA  . TYR A 1 25  ? -5.827  -9.353  4.439   1.00 16.31 ? 25  TYR A CA  1 
ATOM   208  C C   . TYR A 1 25  ? -4.563  -9.752  5.219   1.00 17.14 ? 25  TYR A C   1 
ATOM   209  O O   . TYR A 1 25  ? -3.741  -8.884  5.532   1.00 16.90 ? 25  TYR A O   1 
ATOM   210  C CB  . TYR A 1 25  ? -5.521  -9.080  2.939   1.00 16.91 ? 25  TYR A CB  1 
ATOM   211  C CG  . TYR A 1 25  ? -4.947  -10.241 2.150   1.00 15.99 ? 25  TYR A CG  1 
ATOM   212  C CD1 . TYR A 1 25  ? -3.589  -10.562 2.229   1.00 15.13 ? 25  TYR A CD1 1 
ATOM   213  C CD2 . TYR A 1 25  ? -5.769  -10.999 1.314   1.00 14.67 ? 25  TYR A CD2 1 
ATOM   214  C CE1 . TYR A 1 25  ? -3.051  -11.644 1.511   1.00 15.91 ? 25  TYR A CE1 1 
ATOM   215  C CE2 . TYR A 1 25  ? -5.268  -12.069 0.607   1.00 15.06 ? 25  TYR A CE2 1 
ATOM   216  C CZ  . TYR A 1 25  ? -3.928  -12.381 0.678   1.00 16.47 ? 25  TYR A CZ  1 
ATOM   217  O OH  . TYR A 1 25  ? -3.452  -13.411 -0.072  1.00 16.09 ? 25  TYR A OH  1 
ATOM   218  N N   . GLY A 1 26  ? -4.403  -11.044 5.530   1.00 15.98 ? 26  GLY A N   1 
ATOM   219  C CA  . GLY A 1 26  ? -3.192  -11.513 6.247   1.00 16.38 ? 26  GLY A CA  1 
ATOM   220  C C   . GLY A 1 26  ? -2.989  -10.841 7.608   1.00 16.01 ? 26  GLY A C   1 
ATOM   221  O O   . GLY A 1 26  ? -3.938  -10.305 8.195   1.00 15.88 ? 26  GLY A O   1 
ATOM   222  N N   . CYS A 1 27  ? -1.735  -10.805 8.054   1.00 17.94 ? 27  CYS A N   1 
ATOM   223  C CA  . CYS A 1 27  ? -1.330  -10.089 9.279   1.00 18.88 ? 27  CYS A CA  1 
ATOM   224  C C   . CYS A 1 27  ? -1.082  -8.583  9.123   1.00 19.20 ? 27  CYS A C   1 
ATOM   225  O O   . CYS A 1 27  ? -1.148  -7.848  10.118  1.00 18.76 ? 27  CYS A O   1 
ATOM   226  C CB  . CYS A 1 27  ? -0.099  -10.765 9.853   1.00 20.12 ? 27  CYS A CB  1 
ATOM   227  S SG  . CYS A 1 27  ? -0.457  -12.492 10.214  1.00 27.11 ? 27  CYS A SG  1 
ATOM   228  N N   . TYR A 1 28  ? -0.822  -8.119  7.902   1.00 18.06 ? 28  TYR A N   1 
ATOM   229  C CA  . TYR A 1 28  ? -0.360  -6.723  7.696   1.00 19.34 ? 28  TYR A CA  1 
ATOM   230  C C   . TYR A 1 28  ? -1.215  -5.850  6.788   1.00 19.08 ? 28  TYR A C   1 
ATOM   231  O O   . TYR A 1 28  ? -1.091  -4.636  6.818   1.00 17.53 ? 28  TYR A O   1 
ATOM   232  C CB  . TYR A 1 28  ? 1.082   -6.723  7.165   1.00 19.60 ? 28  TYR A CB  1 
ATOM   233  C CG  . TYR A 1 28  ? 2.091   -7.182  8.182   1.00 22.92 ? 28  TYR A CG  1 
ATOM   234  C CD1 . TYR A 1 28  ? 2.317   -8.554  8.411   1.00 20.76 ? 28  TYR A CD1 1 
ATOM   235  C CD2 . TYR A 1 28  ? 2.822   -6.253  8.914   1.00 21.91 ? 28  TYR A CD2 1 
ATOM   236  C CE1 . TYR A 1 28  ? 3.226   -8.980  9.349   1.00 24.49 ? 28  TYR A CE1 1 
ATOM   237  C CE2 . TYR A 1 28  ? 3.734   -6.662  9.867   1.00 25.26 ? 28  TYR A CE2 1 
ATOM   238  C CZ  . TYR A 1 28  ? 3.941   -8.024  10.076  1.00 26.75 ? 28  TYR A CZ  1 
ATOM   239  O OH  . TYR A 1 28  ? 4.858   -8.414  11.014  1.00 26.46 ? 28  TYR A OH  1 
ATOM   240  N N   . CYS A 1 29  ? -2.031  -6.449  5.915   1.00 19.17 ? 29  CYS A N   1 
ATOM   241  C CA  . CYS A 1 29  ? -2.795  -5.619  5.008   1.00 20.25 ? 29  CYS A CA  1 
ATOM   242  C C   . CYS A 1 29  ? -3.989  -5.116  5.797   1.00 21.39 ? 29  CYS A C   1 
ATOM   243  O O   . CYS A 1 29  ? -4.922  -5.863  6.040   1.00 22.23 ? 29  CYS A O   1 
ATOM   244  C CB  . CYS A 1 29  ? -3.281  -6.396  3.790   1.00 19.64 ? 29  CYS A CB  1 
ATOM   245  S SG  . CYS A 1 29  ? -1.975  -7.096  2.799   1.00 21.55 ? 29  CYS A SG  1 
ATOM   246  N N   . GLY A 1 30  ? -3.927  -3.873  6.245   1.00 22.57 ? 30  GLY A N   1 
ATOM   247  C CA  . GLY A 1 30  ? -4.898  -3.399  7.236   1.00 24.94 ? 30  GLY A CA  1 
ATOM   248  C C   . GLY A 1 30  ? -4.154  -2.570  8.254   1.00 26.78 ? 30  GLY A C   1 
ATOM   249  O O   . GLY A 1 30  ? -2.945  -2.378  8.108   1.00 27.45 ? 30  GLY A O   1 
ATOM   250  N N   . ALA A 1 31  ? -4.858  -2.053  9.264   1.00 27.76 ? 31  ALA A N   1 
ATOM   251  C CA  . ALA A 1 31  ? -4.233  -1.082  10.180  1.00 29.09 ? 31  ALA A CA  1 
ATOM   252  C C   . ALA A 1 31  ? -2.962  -1.629  10.862  1.00 29.78 ? 31  ALA A C   1 
ATOM   253  O O   . ALA A 1 31  ? -1.829  -1.112  10.655  1.00 30.32 ? 31  ALA A O   1 
ATOM   254  C CB  . ALA A 1 31  ? -5.244  -0.572  11.215  1.00 28.92 ? 31  ALA A CB  1 
ATOM   255  N N   . GLY A 1 32  ? -3.114  -2.692  11.640  1.00 29.89 ? 32  GLY A N   1 
ATOM   256  C CA  . GLY A 1 32  ? -1.943  -3.188  12.375  1.00 31.20 ? 32  GLY A CA  1 
ATOM   257  C C   . GLY A 1 32  ? -0.836  -3.911  11.598  1.00 31.71 ? 32  GLY A C   1 
ATOM   258  O O   . GLY A 1 32  ? -0.701  -3.823  10.370  1.00 30.60 ? 32  GLY A O   1 
ATOM   259  N N   . GLY A 1 33  ? -0.038  -4.641  12.357  1.00 32.26 ? 33  GLY A N   1 
ATOM   260  C CA  . GLY A 1 33  ? 0.738   -5.691  11.796  1.00 32.98 ? 33  GLY A CA  1 
ATOM   261  C C   . GLY A 1 33  ? 1.850   -6.101  12.696  1.00 33.60 ? 33  GLY A C   1 
ATOM   262  O O   . GLY A 1 33  ? 2.706   -5.278  13.047  1.00 34.17 ? 33  GLY A O   1 
ATOM   263  N N   . SER A 1 34  ? 1.821   -7.375  13.067  1.00 33.77 ? 34  SER A N   1 
ATOM   264  C CA  . SER A 1 34  ? 3.011   -8.099  13.521  1.00 34.35 ? 34  SER A CA  1 
ATOM   265  C C   . SER A 1 34  ? 2.836   -9.591  13.210  1.00 33.48 ? 34  SER A C   1 
ATOM   266  O O   . SER A 1 34  ? 1.740   -10.041 12.888  1.00 33.45 ? 34  SER A O   1 
ATOM   267  C CB  . SER A 1 34  ? 3.253   -7.888  15.017  1.00 34.55 ? 34  SER A CB  1 
ATOM   268  O OG  . SER A 1 34  ? 2.216   -8.471  15.795  1.00 37.13 ? 34  SER A OG  1 
ATOM   269  N N   . GLY A 1 35  ? 3.921   -10.347 13.306  1.00 33.15 ? 35  GLY A N   1 
ATOM   270  C CA  . GLY A 1 35  ? 3.886   -11.777 13.055  1.00 32.43 ? 35  GLY A CA  1 
ATOM   271  C C   . GLY A 1 35  ? 4.580   -12.016 11.745  1.00 32.56 ? 35  GLY A C   1 
ATOM   272  O O   . GLY A 1 35  ? 5.020   -11.056 11.106  1.00 32.09 ? 35  GLY A O   1 
ATOM   273  N N   . THR A 1 36  ? 4.683   -13.280 11.332  1.00 31.91 ? 36  THR A N   1 
ATOM   274  C CA  . THR A 1 36  ? 5.191   -13.577 9.991   1.00 31.24 ? 36  THR A CA  1 
ATOM   275  C C   . THR A 1 36  ? 4.094   -13.319 8.943   1.00 30.51 ? 36  THR A C   1 
ATOM   276  O O   . THR A 1 36  ? 2.965   -13.834 9.070   1.00 30.09 ? 36  THR A O   1 
ATOM   277  C CB  . THR A 1 36  ? 5.636   -15.047 9.830   1.00 31.40 ? 36  THR A CB  1 
ATOM   278  O OG1 . THR A 1 36  ? 6.030   -15.586 11.098  1.00 33.23 ? 36  THR A OG1 1 
ATOM   279  C CG2 . THR A 1 36  ? 6.780   -15.139 8.849   1.00 31.40 ? 36  THR A CG2 1 
ATOM   280  N N   . PRO A 1 37  ? 4.417   -12.500 7.924   1.00 29.92 ? 37  PRO A N   1 
ATOM   281  C CA  . PRO A 1 37  ? 3.564   -12.296 6.761   1.00 28.78 ? 37  PRO A CA  1 
ATOM   282  C C   . PRO A 1 37  ? 3.154   -13.633 6.162   1.00 28.75 ? 37  PRO A C   1 
ATOM   283  O O   . PRO A 1 37  ? 4.005   -14.519 5.966   1.00 29.29 ? 37  PRO A O   1 
ATOM   284  C CB  . PRO A 1 37  ? 4.472   -11.521 5.795   1.00 29.40 ? 37  PRO A CB  1 
ATOM   285  C CG  . PRO A 1 37  ? 5.392   -10.791 6.668   1.00 28.31 ? 37  PRO A CG  1 
ATOM   286  C CD  . PRO A 1 37  ? 5.633   -11.667 7.860   1.00 29.65 ? 37  PRO A CD  1 
ATOM   287  N N   . VAL A 1 38  ? 1.859   -13.783 5.882   1.00 27.38 ? 38  VAL A N   1 
ATOM   288  C CA  . VAL A 1 38  ? 1.297   -15.085 5.500   1.00 25.91 ? 38  VAL A CA  1 
ATOM   289  C C   . VAL A 1 38  ? 1.562   -15.548 4.043   1.00 25.58 ? 38  VAL A C   1 
ATOM   290  O O   . VAL A 1 38  ? 1.405   -16.751 3.768   1.00 26.13 ? 38  VAL A O   1 
ATOM   291  C CB  . VAL A 1 38  ? -0.239  -15.245 5.914   1.00 25.60 ? 38  VAL A CB  1 
ATOM   292  C CG1 . VAL A 1 38  ? -0.459  -14.915 7.382   1.00 24.93 ? 38  VAL A CG1 1 
ATOM   293  C CG2 . VAL A 1 38  ? -1.169  -14.394 5.059   1.00 26.34 ? 38  VAL A CG2 1 
ATOM   294  N N   . ASP A 1 39  ? 1.940   -14.619 3.143   1.00 23.93 ? 39  ASP A N   1 
ATOM   295  C CA  . ASP A 1 39  ? 2.207   -14.884 1.711   1.00 23.11 ? 39  ASP A CA  1 
ATOM   296  C C   . ASP A 1 39  ? 2.899   -13.663 1.044   1.00 22.66 ? 39  ASP A C   1 
ATOM   297  O O   . ASP A 1 39  ? 3.154   -12.673 1.720   1.00 22.34 ? 39  ASP A O   1 
ATOM   298  C CB  . ASP A 1 39  ? 0.911   -15.330 0.967   1.00 22.97 ? 39  ASP A CB  1 
ATOM   299  C CG  . ASP A 1 39  ? -0.250  -14.288 1.039   1.00 23.54 ? 39  ASP A CG  1 
ATOM   300  O OD1 . ASP A 1 39  ? -0.072  -13.153 1.532   1.00 23.23 ? 39  ASP A OD1 1 
ATOM   301  O OD2 . ASP A 1 39  ? -1.374  -14.607 0.576   1.00 24.55 ? 39  ASP A OD2 1 
ATOM   302  N N   . GLU A 1 40  ? 3.215   -13.719 -0.260  1.00 22.00 ? 40  GLU A N   1 
ATOM   303  C CA  . GLU A 1 40  ? 3.745   -12.554 -1.008  1.00 20.79 ? 40  GLU A CA  1 
ATOM   304  C C   . GLU A 1 40  ? 2.902   -11.273 -0.839  1.00 19.84 ? 40  GLU A C   1 
ATOM   305  O O   . GLU A 1 40  ? 3.469   -10.177 -0.620  1.00 17.75 ? 40  GLU A O   1 
ATOM   306  C CB  . GLU A 1 40  ? 3.955   -12.862 -2.511  1.00 22.25 ? 40  GLU A CB  1 
ATOM   307  C CG  . GLU A 1 40  ? 4.472   -11.666 -3.410  1.00 26.01 ? 40  GLU A CG  1 
ATOM   308  C CD  . GLU A 1 40  ? 4.727   -12.035 -4.916  1.00 30.74 ? 40  GLU A CD  1 
ATOM   309  O OE1 . GLU A 1 40  ? 4.915   -11.113 -5.751  1.00 33.13 ? 40  GLU A OE1 1 
ATOM   310  O OE2 . GLU A 1 40  ? 4.738   -13.243 -5.269  1.00 35.75 ? 40  GLU A OE2 1 
ATOM   311  N N   . LEU A 1 41  ? 1.575   -11.376 -0.971  1.00 17.80 ? 41  LEU A N   1 
ATOM   312  C CA  . LEU A 1 41  ? 0.761   -10.147 -0.803  1.00 17.97 ? 41  LEU A CA  1 
ATOM   313  C C   . LEU A 1 41  ? 0.913   -9.543  0.599   1.00 17.09 ? 41  LEU A C   1 
ATOM   314  O O   . LEU A 1 41  ? 1.032   -8.324  0.743   1.00 15.97 ? 41  LEU A O   1 
ATOM   315  C CB  . LEU A 1 41  ? -0.706  -10.341 -1.194  1.00 18.95 ? 41  LEU A CB  1 
ATOM   316  C CG  . LEU A 1 41  ? -1.742  -9.213  -0.970  1.00 18.36 ? 41  LEU A CG  1 
ATOM   317  C CD1 . LEU A 1 41  ? -1.386  -7.925  -1.697  1.00 15.94 ? 41  LEU A CD1 1 
ATOM   318  C CD2 . LEU A 1 41  ? -3.196  -9.628  -1.357  1.00 18.68 ? 41  LEU A CD2 1 
ATOM   319  N N   . ASP A 1 42  ? 0.938   -10.389 1.628   1.00 16.87 ? 42  ASP A N   1 
ATOM   320  C CA  . ASP A 1 42  ? 1.081   -9.891  2.986   1.00 17.34 ? 42  ASP A CA  1 
ATOM   321  C C   . ASP A 1 42  ? 2.441   -9.202  3.176   1.00 16.64 ? 42  ASP A C   1 
ATOM   322  O O   . ASP A 1 42  ? 2.549   -8.211  3.904   1.00 16.61 ? 42  ASP A O   1 
ATOM   323  C CB  . ASP A 1 42  ? 0.855   -11.004 4.017   1.00 17.05 ? 42  ASP A CB  1 
ATOM   324  C CG  . ASP A 1 42  ? 0.368   -10.492 5.349   1.00 17.32 ? 42  ASP A CG  1 
ATOM   325  O OD1 . ASP A 1 42  ? -0.096  -9.328  5.454   1.00 16.79 ? 42  ASP A OD1 1 
ATOM   326  O OD2 . ASP A 1 42  ? 0.469   -11.260 6.335   1.00 20.95 ? 42  ASP A OD2 1 
ATOM   327  N N   . ARG A 1 43  ? 3.460   -9.716  2.482   1.00 16.98 ? 43  ARG A N   1 
ATOM   328  C CA  . ARG A 1 43  ? 4.804   -9.107  2.538   1.00 19.43 ? 43  ARG A CA  1 
ATOM   329  C C   . ARG A 1 43  ? 4.834   -7.727  1.910   1.00 18.08 ? 43  ARG A C   1 
ATOM   330  O O   . ARG A 1 43  ? 5.559   -6.863  2.384   1.00 18.43 ? 43  ARG A O   1 
ATOM   331  C CB  . ARG A 1 43  ? 5.861   -10.003 1.882   1.00 19.56 ? 43  ARG A CB  1 
ATOM   332  C CG  . ARG A 1 43  ? 6.329   -11.128 2.776   1.00 24.48 ? 43  ARG A CG  1 
ATOM   333  C CD  . ARG A 1 43  ? 7.317   -12.051 2.022   1.00 32.71 ? 43  ARG A CD  1 
ATOM   334  N NE  . ARG A 1 43  ? 6.766   -13.398 1.869   1.00 38.21 ? 43  ARG A NE  1 
ATOM   335  C CZ  . ARG A 1 43  ? 6.640   -14.044 0.714   1.00 39.57 ? 43  ARG A CZ  1 
ATOM   336  N NH1 . ARG A 1 43  ? 7.053   -13.495 -0.433  1.00 40.40 ? 43  ARG A NH1 1 
ATOM   337  N NH2 . ARG A 1 43  ? 6.105   -15.255 0.723   1.00 41.90 ? 43  ARG A NH2 1 
ATOM   338  N N   . CYS A 1 44  ? 4.059   -7.520  0.852   1.00 18.56 ? 44  CYS A N   1 
ATOM   339  C CA  . CYS A 1 44  ? 3.871   -6.191  0.290   1.00 18.81 ? 44  CYS A CA  1 
ATOM   340  C C   . CYS A 1 44  ? 3.349   -5.227  1.335   1.00 18.04 ? 44  CYS A C   1 
ATOM   341  O O   . CYS A 1 44  ? 3.805   -4.069  1.405   1.00 16.92 ? 44  CYS A O   1 
ATOM   342  C CB  . CYS A 1 44  ? 2.846   -6.187  -0.848  1.00 19.84 ? 44  CYS A CB  1 
ATOM   343  S SG  . CYS A 1 44  ? 3.238   -7.213  -2.255  1.00 23.06 ? 44  CYS A SG  1 
ATOM   344  N N   . CYS A 1 45  ? 2.361   -5.683  2.118   1.00 17.08 ? 45  CYS A N   1 
ATOM   345  C CA  . CYS A 1 45  ? 1.740   -4.788  3.081   1.00 16.72 ? 45  CYS A CA  1 
ATOM   346  C C   . CYS A 1 45  ? 2.684   -4.456  4.223   1.00 16.29 ? 45  CYS A C   1 
ATOM   347  O O   . CYS A 1 45  ? 2.650   -3.343  4.713   1.00 16.99 ? 45  CYS A O   1 
ATOM   348  C CB  . CYS A 1 45  ? 0.422   -5.336  3.607   1.00 16.26 ? 45  CYS A CB  1 
ATOM   349  S SG  . CYS A 1 45  ? -0.803  -5.491  2.264   1.00 19.50 ? 45  CYS A SG  1 
ATOM   350  N N   . LYS A 1 46  ? 3.530   -5.422  4.610   1.00 16.77 ? 46  LYS A N   1 
ATOM   351  C CA  . LYS A 1 46  ? 4.513   -5.254  5.697   1.00 17.93 ? 46  LYS A CA  1 
ATOM   352  C C   . LYS A 1 46  ? 5.515   -4.188  5.297   1.00 17.03 ? 46  LYS A C   1 
ATOM   353  O O   . LYS A 1 46  ? 5.773   -3.276  6.090   1.00 18.13 ? 46  LYS A O   1 
ATOM   354  C CB  . LYS A 1 46  ? 5.220   -6.563  6.031   1.00 17.41 ? 46  LYS A CB  1 
ATOM   355  C CG  . LYS A 1 46  ? 6.234   -6.418  7.167   1.00 21.21 ? 46  LYS A CG  1 
ATOM   356  C CD  . LYS A 1 46  ? 6.796   -7.774  7.636   1.00 24.34 ? 46  LYS A CD  1 
ATOM   357  C CE  . LYS A 1 46  ? 8.092   -7.646  8.464   1.00 26.83 ? 46  LYS A CE  1 
ATOM   358  N NZ  . LYS A 1 46  ? 7.972   -6.687  9.580   1.00 25.10 ? 46  LYS A NZ  1 
ATOM   359  N N   . ILE A 1 47  ? 6.018   -4.271  4.065   1.00 16.20 ? 47  ILE A N   1 
ATOM   360  C CA  . ILE A 1 47  ? 6.894   -3.239  3.494   1.00 15.73 ? 47  ILE A CA  1 
ATOM   361  C C   . ILE A 1 47  ? 6.210   -1.858  3.499   1.00 14.02 ? 47  ILE A C   1 
ATOM   362  O O   . ILE A 1 47  ? 6.803   -0.844  3.877   1.00 11.19 ? 47  ILE A O   1 
ATOM   363  C CB  . ILE A 1 47  ? 7.334   -3.617  2.072   1.00 16.40 ? 47  ILE A CB  1 
ATOM   364  C CG1 . ILE A 1 47  ? 8.392   -4.725  2.138   1.00 17.58 ? 47  ILE A CG1 1 
ATOM   365  C CG2 . ILE A 1 47  ? 7.867   -2.408  1.314   1.00 17.90 ? 47  ILE A CG2 1 
ATOM   366  C CD1 . ILE A 1 47  ? 8.443   -5.592  0.913   1.00 20.77 ? 47  ILE A CD1 1 
ATOM   367  N N   . HIS A 1 48  ? 4.945   -1.840  3.096   1.00 11.47 ? 48  HIS A N   1 
ATOM   368  C CA  . HIS A 1 48  ? 4.229   -0.595  3.078   1.00 11.95 ? 48  HIS A CA  1 
ATOM   369  C C   . HIS A 1 48  ? 4.075   0.037   4.484   1.00 11.77 ? 48  HIS A C   1 
ATOM   370  O O   . HIS A 1 48  ? 4.282   1.277   4.637   1.00 12.42 ? 48  HIS A O   1 
ATOM   371  C CB  . HIS A 1 48  ? 2.883   -0.742  2.345   1.00 11.52 ? 48  HIS A CB  1 
ATOM   372  C CG  . HIS A 1 48  ? 2.184   0.564   2.118   1.00 13.50 ? 48  HIS A CG  1 
ATOM   373  N ND1 . HIS A 1 48  ? 1.180   1.010   2.951   1.00 18.15 ? 48  HIS A ND1 1 
ATOM   374  C CD2 . HIS A 1 48  ? 2.325   1.507   1.154   1.00 14.65 ? 48  HIS A CD2 1 
ATOM   375  C CE1 . HIS A 1 48  ? 0.742   2.181   2.525   1.00 19.06 ? 48  HIS A CE1 1 
ATOM   376  N NE2 . HIS A 1 48  ? 1.407   2.498   1.423   1.00 16.21 ? 48  HIS A NE2 1 
ATOM   377  N N   . ASP A 1 49  ? 3.773   -0.787  5.491   1.00 11.64 ? 49  ASP A N   1 
ATOM   378  C CA  . ASP A 1 49  ? 3.666   -0.329  6.866   1.00 13.63 ? 49  ASP A CA  1 
ATOM   379  C C   . ASP A 1 49  ? 4.996   0.280   7.358   1.00 13.74 ? 49  ASP A C   1 
ATOM   380  O O   . ASP A 1 49  ? 5.001   1.366   7.991   1.00 14.45 ? 49  ASP A O   1 
ATOM   381  C CB  . ASP A 1 49  ? 3.346   -1.491  7.787   1.00 13.82 ? 49  ASP A CB  1 
ATOM   382  C CG  . ASP A 1 49  ? 1.894   -1.952  7.705   1.00 19.02 ? 49  ASP A CG  1 
ATOM   383  O OD1 . ASP A 1 49  ? 1.110   -1.433  6.838   1.00 22.51 ? 49  ASP A OD1 1 
ATOM   384  O OD2 . ASP A 1 49  ? 1.547   -2.833  8.548   1.00 22.65 ? 49  ASP A OD2 1 
ATOM   385  N N   . ASP A 1 50  ? 6.091   -0.420  7.079   1.00 14.57 ? 50  ASP A N   1 
ATOM   386  C CA  . ASP A 1 50  ? 7.465   0.052   7.418   1.00 14.48 ? 50  ASP A CA  1 
ATOM   387  C C   . ASP A 1 50  ? 7.768   1.371   6.676   1.00 14.14 ? 50  ASP A C   1 
ATOM   388  O O   . ASP A 1 50  ? 8.354   2.304   7.240   1.00 13.09 ? 50  ASP A O   1 
ATOM   389  C CB  . ASP A 1 50  ? 8.521   -1.002  7.055   1.00 15.84 ? 50  ASP A CB  1 
ATOM   390  C CG  . ASP A 1 50  ? 8.458   -2.248  7.934   1.00 19.41 ? 50  ASP A CG  1 
ATOM   391  O OD1 . ASP A 1 50  ? 7.801   -2.246  9.014   1.00 19.53 ? 50  ASP A OD1 1 
ATOM   392  O OD2 . ASP A 1 50  ? 9.090   -3.245  7.535   1.00 24.91 ? 50  ASP A OD2 1 
ATOM   393  N N   . CYS A 1 51  ? 7.345   1.462   5.415   1.00 13.11 ? 51  CYS A N   1 
ATOM   394  C CA  . CYS A 1 51  ? 7.478   2.701   4.657   1.00 13.78 ? 51  CYS A CA  1 
ATOM   395  C C   . CYS A 1 51  ? 6.686   3.883   5.316   1.00 13.68 ? 51  CYS A C   1 
ATOM   396  O O   . CYS A 1 51  ? 7.242   4.993   5.462   1.00 11.85 ? 51  CYS A O   1 
ATOM   397  C CB  . CYS A 1 51  ? 7.166   2.484   3.143   1.00 12.63 ? 51  CYS A CB  1 
ATOM   398  S SG  . CYS A 1 51  ? 7.890   3.754   1.994   1.00 20.10 ? 51  CYS A SG  1 
ATOM   399  N N   . TYR A 1 52  ? 5.431   3.656   5.726   1.00 12.98 ? 52  TYR A N   1 
ATOM   400  C CA  . TYR A 1 52  ? 4.640   4.695   6.413   1.00 14.29 ? 52  TYR A CA  1 
ATOM   401  C C   . TYR A 1 52  ? 5.193   5.098   7.781   1.00 13.64 ? 52  TYR A C   1 
ATOM   402  O O   . TYR A 1 52  ? 5.189   6.288   8.120   1.00 12.95 ? 52  TYR A O   1 
ATOM   403  C CB  . TYR A 1 52  ? 3.183   4.248   6.574   1.00 13.61 ? 52  TYR A CB  1 
ATOM   404  C CG  . TYR A 1 52  ? 2.311   4.686   5.429   1.00 16.18 ? 52  TYR A CG  1 
ATOM   405  C CD1 . TYR A 1 52  ? 2.843   4.857   4.138   1.00 15.05 ? 52  TYR A CD1 1 
ATOM   406  C CD2 . TYR A 1 52  ? 0.937   4.888   5.616   1.00 14.92 ? 52  TYR A CD2 1 
ATOM   407  C CE1 . TYR A 1 52  ? 2.041   5.275   3.080   1.00 15.85 ? 52  TYR A CE1 1 
ATOM   408  C CE2 . TYR A 1 52  ? 0.137   5.280   4.565   1.00 16.43 ? 52  TYR A CE2 1 
ATOM   409  C CZ  . TYR A 1 52  ? 0.694   5.467   3.304   1.00 16.11 ? 52  TYR A CZ  1 
ATOM   410  O OH  . TYR A 1 52  ? -0.121  5.869   2.287   1.00 17.21 ? 52  TYR A OH  1 
ATOM   411  N N   . ASP A 1 53  ? 5.687   4.116   8.532   1.00 13.36 ? 53  ASP A N   1 
ATOM   412  C CA  . ASP A 1 53  ? 6.313   4.383   9.845   1.00 14.91 ? 53  ASP A CA  1 
ATOM   413  C C   . ASP A 1 53  ? 7.538   5.285   9.658   1.00 14.56 ? 53  ASP A C   1 
ATOM   414  O O   . ASP A 1 53  ? 7.642   6.333   10.299  1.00 13.42 ? 53  ASP A O   1 
ATOM   415  C CB  . ASP A 1 53  ? 6.716   3.080   10.525  1.00 15.48 ? 53  ASP A CB  1 
ATOM   416  C CG  . ASP A 1 53  ? 7.213   3.302   11.943  1.00 18.70 ? 53  ASP A CG  1 
ATOM   417  O OD1 . ASP A 1 53  ? 6.463   3.912   12.739  1.00 19.89 ? 53  ASP A OD1 1 
ATOM   418  O OD2 . ASP A 1 53  ? 8.326   2.819   12.282  1.00 21.61 ? 53  ASP A OD2 1 
ATOM   419  N N   . GLU A 1 54  ? 8.429   4.903   8.732   1.00 15.20 ? 54  GLU A N   1 
ATOM   420  C CA  . GLU A 1 54  ? 9.567   5.772   8.343   1.00 16.70 ? 54  GLU A CA  1 
ATOM   421  C C   . GLU A 1 54  ? 9.111   7.196   7.968   1.00 16.61 ? 54  GLU A C   1 
ATOM   422  O O   . GLU A 1 54  ? 9.683   8.174   8.479   1.00 16.29 ? 54  GLU A O   1 
ATOM   423  C CB  . GLU A 1 54  ? 10.406  5.127   7.213   1.00 16.58 ? 54  GLU A CB  1 
ATOM   424  C CG  . GLU A 1 54  ? 11.502  6.051   6.664   1.00 19.30 ? 54  GLU A CG  1 
ATOM   425  C CD  . GLU A 1 54  ? 12.493  5.394   5.659   1.00 16.58 ? 54  GLU A CD  1 
ATOM   426  O OE1 . GLU A 1 54  ? 12.331  4.226   5.246   1.00 16.96 ? 54  GLU A OE1 1 
ATOM   427  O OE2 . GLU A 1 54  ? 13.460  6.082   5.302   1.00 17.32 ? 54  GLU A OE2 1 
ATOM   428  N N   . ALA A 1 55  ? 8.069   7.319   7.128   1.00 16.21 ? 55  ALA A N   1 
ATOM   429  C CA  . ALA A 1 55  ? 7.565   8.629   6.691   1.00 15.71 ? 55  ALA A CA  1 
ATOM   430  C C   . ALA A 1 55  ? 7.066   9.476   7.866   1.00 14.53 ? 55  ALA A C   1 
ATOM   431  O O   . ALA A 1 55  ? 7.312   10.649  7.886   1.00 15.49 ? 55  ALA A O   1 
ATOM   432  C CB  . ALA A 1 55  ? 6.445   8.496   5.592   1.00 16.03 ? 55  ALA A CB  1 
ATOM   433  N N   . GLY A 1 56  ? 6.384   8.868   8.820   1.00 14.93 ? 56  GLY A N   1 
ATOM   434  C CA  . GLY A 1 56  ? 5.889   9.582   10.016  1.00 15.26 ? 56  GLY A CA  1 
ATOM   435  C C   . GLY A 1 56  ? 7.049   10.037  10.901  1.00 15.67 ? 56  GLY A C   1 
ATOM   436  O O   . GLY A 1 56  ? 7.047   11.166  11.386  1.00 15.87 ? 56  GLY A O   1 
ATOM   437  N N   . LYS A 1 57  ? 8.057   9.189   11.058  1.00 14.64 ? 57  LYS A N   1 
ATOM   438  C CA  . LYS A 1 57  ? 9.287   9.605   11.764  1.00 15.15 ? 57  LYS A CA  1 
ATOM   439  C C   . LYS A 1 57  ? 10.115  10.737  11.070  1.00 15.41 ? 57  LYS A C   1 
ATOM   440  O O   . LYS A 1 57  ? 10.885  11.466  11.759  1.00 15.33 ? 57  LYS A O   1 
ATOM   441  C CB  . LYS A 1 57  ? 10.170  8.401   12.080  1.00 13.14 ? 57  LYS A CB  1 
ATOM   442  C CG  . LYS A 1 57  ? 9.558   7.367   13.062  1.00 15.15 ? 57  LYS A CG  1 
ATOM   443  C CD  . LYS A 1 57  ? 9.020   7.998   14.392  1.00 16.33 ? 57  LYS A CD  1 
ATOM   444  C CE  . LYS A 1 57  ? 8.433   6.968   15.404  1.00 18.57 ? 57  LYS A CE  1 
ATOM   445  N NZ  . LYS A 1 57  ? 7.617   7.668   16.491  1.00 19.29 ? 57  LYS A NZ  1 
ATOM   446  N N   . LYS A 1 58  ? 10.023  10.821  9.737   1.00 15.94 ? 58  LYS A N   1 
ATOM   447  C CA  . LYS A 1 58  ? 10.533  11.946  8.951   1.00 18.11 ? 58  LYS A CA  1 
ATOM   448  C C   . LYS A 1 58  ? 9.696   13.220  9.000   1.00 19.07 ? 58  LYS A C   1 
ATOM   449  O O   . LYS A 1 58  ? 10.079  14.215  8.416   1.00 19.86 ? 58  LYS A O   1 
ATOM   450  C CB  . LYS A 1 58  ? 10.733  11.574  7.468   1.00 17.21 ? 58  LYS A CB  1 
ATOM   451  C CG  . LYS A 1 58  ? 11.766  10.521  7.172   1.00 21.64 ? 58  LYS A CG  1 
ATOM   452  C CD  . LYS A 1 58  ? 12.049  10.529  5.661   1.00 25.84 ? 58  LYS A CD  1 
ATOM   453  C CE  . LYS A 1 58  ? 13.556  10.484  5.385   1.00 28.36 ? 58  LYS A CE  1 
ATOM   454  N NZ  . LYS A 1 58  ? 14.100  9.109   5.663   1.00 28.06 ? 58  LYS A NZ  1 
ATOM   455  N N   . GLY A 1 59  ? 8.535   13.195  9.660   1.00 20.46 ? 59  GLY A N   1 
ATOM   456  C CA  . GLY A 1 59  ? 7.673   14.373  9.700   1.00 19.49 ? 59  GLY A CA  1 
ATOM   457  C C   . GLY A 1 59  ? 6.882   14.552  8.420   1.00 20.28 ? 59  GLY A C   1 
ATOM   458  O O   . GLY A 1 59  ? 6.473   15.660  8.096   1.00 19.71 ? 59  GLY A O   1 
ATOM   459  N N   . CYS A 1 60  ? 6.643   13.455  7.699   1.00 19.75 ? 60  CYS A N   1 
ATOM   460  C CA  . CYS A 1 60  ? 5.897   13.515  6.434   1.00 20.57 ? 60  CYS A CA  1 
ATOM   461  C C   . CYS A 1 60  ? 4.397   13.187  6.483   1.00 19.99 ? 60  CYS A C   1 
ATOM   462  O O   . CYS A 1 60  ? 3.755   13.263  5.442   1.00 21.87 ? 60  CYS A O   1 
ATOM   463  C CB  . CYS A 1 60  ? 6.574   12.643  5.375   1.00 19.83 ? 60  CYS A CB  1 
ATOM   464  S SG  . CYS A 1 60  ? 8.303   13.012  5.017   1.00 24.94 ? 60  CYS A SG  1 
ATOM   465  N N   . PHE A 1 61  ? 3.801   12.823  7.621   1.00 18.98 ? 61  PHE A N   1 
ATOM   466  C CA  . PHE A 1 61  ? 2.305   12.642  7.627   1.00 18.82 ? 61  PHE A CA  1 
ATOM   467  C C   . PHE A 1 61  ? 1.716   11.886  6.383   1.00 18.48 ? 61  PHE A C   1 
ATOM   468  O O   . PHE A 1 61  ? 0.936   12.460  5.592   1.00 17.90 ? 61  PHE A O   1 
ATOM   469  C CB  . PHE A 1 61  ? 1.584   14.012  7.828   1.00 19.70 ? 61  PHE A CB  1 
ATOM   470  C CG  . PHE A 1 61  ? 2.089   14.781  9.040   1.00 21.93 ? 61  PHE A CG  1 
ATOM   471  C CD1 . PHE A 1 61  ? 1.656   14.449  10.318  1.00 25.64 ? 61  PHE A CD1 1 
ATOM   472  C CD2 . PHE A 1 61  ? 3.046   15.802  8.895   1.00 23.13 ? 61  PHE A CD2 1 
ATOM   473  C CE1 . PHE A 1 61  ? 2.157   15.129  11.454  1.00 27.39 ? 61  PHE A CE1 1 
ATOM   474  C CE2 . PHE A 1 61  ? 3.553   16.478  10.006  1.00 25.55 ? 61  PHE A CE2 1 
ATOM   475  C CZ  . PHE A 1 61  ? 3.105   16.149  11.287  1.00 28.59 ? 61  PHE A CZ  1 
ATOM   476  N N   . PRO A 1 62  ? 2.086   10.600  6.215   1.00 18.09 ? 62  PRO A N   1 
ATOM   477  C CA  . PRO A 1 62  ? 1.750   9.835   4.991   1.00 17.37 ? 62  PRO A CA  1 
ATOM   478  C C   . PRO A 1 62  ? 0.233   9.717   4.774   1.00 18.30 ? 62  PRO A C   1 
ATOM   479  O O   . PRO A 1 62  ? -0.234  9.526   3.647   1.00 16.03 ? 62  PRO A O   1 
ATOM   480  C CB  . PRO A 1 62  ? 2.337   8.441   5.281   1.00 18.03 ? 62  PRO A CB  1 
ATOM   481  C CG  . PRO A 1 62  ? 2.512   8.389   6.838   1.00 16.72 ? 62  PRO A CG  1 
ATOM   482  C CD  . PRO A 1 62  ? 2.866   9.796   7.183   1.00 16.56 ? 62  PRO A CD  1 
ATOM   483  N N   . LYS A 1 63  ? -0.534  9.838   5.846   1.00 18.32 ? 63  LYS A N   1 
ATOM   484  C CA  . LYS A 1 63  ? -1.990  9.710   5.713   1.00 20.34 ? 63  LYS A CA  1 
ATOM   485  C C   . LYS A 1 63  ? -2.717  11.048  5.498   1.00 22.07 ? 63  LYS A C   1 
ATOM   486  O O   . LYS A 1 63  ? -3.931  11.085  5.119   1.00 23.20 ? 63  LYS A O   1 
ATOM   487  C CB  . LYS A 1 63  ? -2.529  8.912   6.909   1.00 20.95 ? 63  LYS A CB  1 
ATOM   488  C CG  . LYS A 1 63  ? -1.979  7.481   6.910   1.00 21.53 ? 63  LYS A CG  1 
ATOM   489  C CD  . LYS A 1 63  ? -2.566  6.610   7.980   1.00 23.58 ? 63  LYS A CD  1 
ATOM   490  C CE  . LYS A 1 63  ? -2.145  7.046   9.375   1.00 26.59 ? 63  LYS A CE  1 
ATOM   491  N NZ  . LYS A 1 63  ? -0.717  7.579   9.464   1.00 31.74 ? 63  LYS A NZ  1 
ATOM   492  N N   . MET A 1 64  ? -1.973  12.134  5.699   1.00 21.62 ? 64  MET A N   1 
ATOM   493  C CA  . MET A 1 64  ? -2.487  13.486  5.604   1.00 23.15 ? 64  MET A CA  1 
ATOM   494  C C   . MET A 1 64  ? -2.060  14.243  4.336   1.00 23.23 ? 64  MET A C   1 
ATOM   495  O O   . MET A 1 64  ? -2.782  15.146  3.852   1.00 23.99 ? 64  MET A O   1 
ATOM   496  C CB  . MET A 1 64  ? -2.116  14.272  6.868   1.00 22.78 ? 64  MET A CB  1 
ATOM   497  C CG  . MET A 1 64  ? -2.520  13.534  8.166   1.00 25.14 ? 64  MET A CG  1 
ATOM   498  S SD  . MET A 1 64  ? -2.335  14.567  9.640   1.00 30.06 ? 64  MET A SD  1 
ATOM   499  C CE  . MET A 1 64  ? -2.869  13.424  10.938  1.00 29.95 ? 64  MET A CE  1 
ATOM   500  N N   . SER A 1 65  ? -0.914  13.859  3.798   1.00 22.89 ? 65  SER A N   1 
ATOM   501  C CA  . SER A 1 65  ? -0.286  14.578  2.683   1.00 23.51 ? 65  SER A CA  1 
ATOM   502  C C   . SER A 1 65  ? -0.854  14.195  1.307   1.00 22.03 ? 65  SER A C   1 
ATOM   503  O O   . SER A 1 65  ? -0.856  13.019  0.963   1.00 22.13 ? 65  SER A O   1 
ATOM   504  C CB  . SER A 1 65  ? 1.223   14.297  2.669   1.00 23.31 ? 65  SER A CB  1 
ATOM   505  O OG  . SER A 1 65  ? 1.806   14.766  3.866   1.00 28.77 ? 65  SER A OG  1 
ATOM   506  N N   . ALA A 1 66  ? -1.281  15.200  0.536   1.00 20.83 ? 66  ALA A N   1 
ATOM   507  C CA  . ALA A 1 66  ? -1.694  15.036  -0.869  1.00 20.19 ? 66  ALA A CA  1 
ATOM   508  C C   . ALA A 1 66  ? -0.486  15.244  -1.795  1.00 20.44 ? 66  ALA A C   1 
ATOM   509  O O   . ALA A 1 66  ? 0.114   16.337  -1.836  1.00 20.85 ? 66  ALA A O   1 
ATOM   510  C CB  . ALA A 1 66  ? -2.783  16.011  -1.217  1.00 20.98 ? 66  ALA A CB  1 
ATOM   511  N N   . TYR A 1 67  ? -0.138  14.203  -2.538  1.00 18.51 ? 67  TYR A N   1 
ATOM   512  C CA  . TYR A 1 67  ? 1.040   14.237  -3.395  1.00 18.51 ? 67  TYR A CA  1 
ATOM   513  C C   . TYR A 1 67  ? 0.609   14.354  -4.877  1.00 19.09 ? 67  TYR A C   1 
ATOM   514  O O   . TYR A 1 67  ? -0.588  14.286  -5.191  1.00 19.63 ? 67  TYR A O   1 
ATOM   515  C CB  . TYR A 1 67  ? 1.951   13.019  -3.146  1.00 18.02 ? 67  TYR A CB  1 
ATOM   516  C CG  . TYR A 1 67  ? 1.241   11.671  -3.146  1.00 17.55 ? 67  TYR A CG  1 
ATOM   517  C CD1 . TYR A 1 67  ? 0.720   11.145  -4.307  1.00 15.70 ? 67  TYR A CD1 1 
ATOM   518  C CD2 . TYR A 1 67  ? 1.139   10.911  -1.973  1.00 14.68 ? 67  TYR A CD2 1 
ATOM   519  C CE1 . TYR A 1 67  ? 0.073   9.934   -4.312  1.00 17.67 ? 67  TYR A CE1 1 
ATOM   520  C CE2 . TYR A 1 67  ? 0.493   9.672   -1.965  1.00 14.40 ? 67  TYR A CE2 1 
ATOM   521  C CZ  . TYR A 1 67  ? -0.042  9.194   -3.150  1.00 15.83 ? 67  TYR A CZ  1 
ATOM   522  O OH  . TYR A 1 67  ? -0.697  7.966   -3.192  1.00 11.20 ? 67  TYR A OH  1 
ATOM   523  N N   . ASP A 1 68  ? 1.577   14.537  -5.764  1.00 19.17 ? 68  ASP A N   1 
ATOM   524  C CA  . ASP A 1 68  ? 1.315   14.648  -7.202  1.00 20.01 ? 68  ASP A CA  1 
ATOM   525  C C   . ASP A 1 68  ? 1.685   13.326  -7.858  1.00 18.92 ? 68  ASP A C   1 
ATOM   526  O O   . ASP A 1 68  ? 2.763   12.795  -7.644  1.00 19.40 ? 68  ASP A O   1 
ATOM   527  C CB  . ASP A 1 68  ? 2.164   15.799  -7.775  1.00 21.39 ? 68  ASP A CB  1 
ATOM   528  C CG  . ASP A 1 68  ? 1.723   16.268  -9.188  1.00 25.33 ? 68  ASP A CG  1 
ATOM   529  O OD1 . ASP A 1 68  ? 0.900   15.617  -9.888  1.00 30.29 ? 68  ASP A OD1 1 
ATOM   530  O OD2 . ASP A 1 68  ? 2.224   17.337  -9.598  1.00 26.51 ? 68  ASP A OD2 1 
ATOM   531  N N   . TYR A 1 69  ? 0.774   12.783  -8.657  1.00 19.11 ? 69  TYR A N   1 
ATOM   532  C CA  . TYR A 1 69  ? 1.003   11.532  -9.371  1.00 18.22 ? 69  TYR A CA  1 
ATOM   533  C C   . TYR A 1 69  ? 0.267   11.601  -10.722 1.00 18.36 ? 69  TYR A C   1 
ATOM   534  O O   . TYR A 1 69  ? -0.542  12.502  -10.957 1.00 17.80 ? 69  TYR A O   1 
ATOM   535  C CB  . TYR A 1 69  ? 0.451   10.357  -8.564  1.00 19.47 ? 69  TYR A CB  1 
ATOM   536  C CG  . TYR A 1 69  ? -1.081  10.326  -8.497  1.00 19.82 ? 69  TYR A CG  1 
ATOM   537  C CD1 . TYR A 1 69  ? -1.763  10.964  -7.463  1.00 20.15 ? 69  TYR A CD1 1 
ATOM   538  C CD2 . TYR A 1 69  ? -1.834  9.646   -9.470  1.00 21.85 ? 69  TYR A CD2 1 
ATOM   539  C CE1 . TYR A 1 69  ? -3.147  10.933  -7.394  1.00 23.21 ? 69  TYR A CE1 1 
ATOM   540  C CE2 . TYR A 1 69  ? -3.234  9.610   -9.414  1.00 22.55 ? 69  TYR A CE2 1 
ATOM   541  C CZ  . TYR A 1 69  ? -3.865  10.249  -8.372  1.00 24.53 ? 69  TYR A CZ  1 
ATOM   542  O OH  . TYR A 1 69  ? -5.220  10.212  -8.282  1.00 27.20 ? 69  TYR A OH  1 
ATOM   543  N N   . TYR A 1 70  ? 0.554   10.635  -11.570 1.00 17.17 ? 70  TYR A N   1 
ATOM   544  C CA  . TYR A 1 70  ? -0.137  10.422  -12.831 1.00 19.21 ? 70  TYR A CA  1 
ATOM   545  C C   . TYR A 1 70  ? -0.408  8.930   -12.995 1.00 20.04 ? 70  TYR A C   1 
ATOM   546  O O   . TYR A 1 70  ? 0.414   8.086   -12.597 1.00 18.60 ? 70  TYR A O   1 
ATOM   547  C CB  . TYR A 1 70  ? 0.698   10.938  -14.019 1.00 18.79 ? 70  TYR A CB  1 
ATOM   548  C CG  . TYR A 1 70  ? -0.058  10.832  -15.332 1.00 22.38 ? 70  TYR A CG  1 
ATOM   549  C CD1 . TYR A 1 70  ? -1.243  11.571  -15.531 1.00 25.64 ? 70  TYR A CD1 1 
ATOM   550  C CD2 . TYR A 1 70  ? 0.370   9.953   -16.347 1.00 23.33 ? 70  TYR A CD2 1 
ATOM   551  C CE1 . TYR A 1 70  ? -1.983  11.454  -16.739 1.00 26.96 ? 70  TYR A CE1 1 
ATOM   552  C CE2 . TYR A 1 70  ? -0.365  9.834   -17.572 1.00 26.04 ? 70  TYR A CE2 1 
ATOM   553  C CZ  . TYR A 1 70  ? -1.534  10.582  -17.745 1.00 24.49 ? 70  TYR A CZ  1 
ATOM   554  O OH  . TYR A 1 70  ? -2.263  10.484  -18.919 1.00 28.36 ? 70  TYR A OH  1 
ATOM   555  N N   . CYS A 1 71  ? -1.571  8.604   -13.564 1.00 21.41 ? 71  CYS A N   1 
ATOM   556  C CA  . CYS A 1 71  ? -1.860  7.226   -13.920 1.00 24.65 ? 71  CYS A CA  1 
ATOM   557  C C   . CYS A 1 71  ? -1.785  7.060   -15.413 1.00 25.87 ? 71  CYS A C   1 
ATOM   558  O O   . CYS A 1 71  ? -2.672  7.533   -16.144 1.00 26.39 ? 71  CYS A O   1 
ATOM   559  C CB  . CYS A 1 71  ? -3.234  6.797   -13.442 1.00 24.81 ? 71  CYS A CB  1 
ATOM   560  S SG  . CYS A 1 71  ? -3.714  5.137   -14.025 1.00 31.69 ? 71  CYS A SG  1 
ATOM   561  N N   . GLY A 1 72  ? -0.712  6.418   -15.853 1.00 28.02 ? 72  GLY A N   1 
ATOM   562  C CA  . GLY A 1 72  ? -0.449  6.258   -17.278 1.00 30.29 ? 72  GLY A CA  1 
ATOM   563  C C   . GLY A 1 72  ? -1.026  4.959   -17.769 1.00 32.14 ? 72  GLY A C   1 
ATOM   564  O O   . GLY A 1 72  ? -1.702  4.258   -17.037 1.00 32.21 ? 72  GLY A O   1 
ATOM   565  N N   . GLU A 1 73  ? -0.775  4.620   -19.028 1.00 34.38 ? 73  GLU A N   1 
ATOM   566  C CA  . GLU A 1 73  ? -1.122  3.271   -19.477 1.00 36.29 ? 73  GLU A CA  1 
ATOM   567  C C   . GLU A 1 73  ? -0.075  2.295   -18.953 1.00 36.15 ? 73  GLU A C   1 
ATOM   568  O O   . GLU A 1 73  ? -0.343  1.110   -18.838 1.00 36.73 ? 73  GLU A O   1 
ATOM   569  C CB  . GLU A 1 73  ? -1.287  3.204   -21.000 1.00 37.22 ? 73  GLU A CB  1 
ATOM   570  C CG  . GLU A 1 73  ? -2.425  2.276   -21.444 1.00 41.13 ? 73  GLU A CG  1 
ATOM   571  C CD  . GLU A 1 73  ? -1.916  0.980   -22.059 1.00 46.04 ? 73  GLU A CD  1 
ATOM   572  O OE1 . GLU A 1 73  ? -0.863  0.459   -21.596 1.00 48.74 ? 73  GLU A OE1 1 
ATOM   573  O OE2 . GLU A 1 73  ? -2.565  0.486   -23.018 1.00 47.25 ? 73  GLU A OE2 1 
ATOM   574  N N   . ASN A 1 74  ? 1.106   2.824   -18.596 1.00 36.45 ? 74  ASN A N   1 
ATOM   575  C CA  . ASN A 1 74  ? 2.138   2.057   -17.843 1.00 35.95 ? 74  ASN A CA  1 
ATOM   576  C C   . ASN A 1 74  ? 1.771   1.733   -16.369 1.00 34.36 ? 74  ASN A C   1 
ATOM   577  O O   . ASN A 1 74  ? 2.484   0.969   -15.699 1.00 34.54 ? 74  ASN A O   1 
ATOM   578  C CB  . ASN A 1 74  ? 3.490   2.797   -17.851 1.00 36.38 ? 74  ASN A CB  1 
ATOM   579  C CG  . ASN A 1 74  ? 3.992   3.119   -19.269 1.00 38.47 ? 74  ASN A CG  1 
ATOM   580  O OD1 . ASN A 1 74  ? 3.842   4.255   -19.745 1.00 38.77 ? 74  ASN A OD1 1 
ATOM   581  N ND2 . ASN A 1 74  ? 4.588   2.115   -19.943 1.00 39.18 ? 74  ASN A ND2 1 
ATOM   582  N N   . GLY A 1 75  ? 0.679   2.306   -15.865 1.00 31.71 ? 75  GLY A N   1 
ATOM   583  C CA  . GLY A 1 75  ? 0.413   2.211   -14.432 1.00 27.86 ? 75  GLY A CA  1 
ATOM   584  C C   . GLY A 1 75  ? 0.806   3.526   -13.774 1.00 24.83 ? 75  GLY A C   1 
ATOM   585  O O   . GLY A 1 75  ? 1.120   4.515   -14.459 1.00 24.83 ? 75  GLY A O   1 
ATOM   586  N N   . PRO A 1 76  ? 0.772   3.572   -12.431 1.00 22.56 ? 76  PRO A N   1 
ATOM   587  C CA  . PRO A 1 76  ? 0.916   4.918   -11.862 1.00 19.89 ? 76  PRO A CA  1 
ATOM   588  C C   . PRO A 1 76  ? 2.367   5.344   -11.605 1.00 17.62 ? 76  PRO A C   1 
ATOM   589  O O   . PRO A 1 76  ? 3.263   4.502   -11.434 1.00 16.48 ? 76  PRO A O   1 
ATOM   590  C CB  . PRO A 1 76  ? 0.217   4.779   -10.521 1.00 19.46 ? 76  PRO A CB  1 
ATOM   591  C CG  . PRO A 1 76  ? 0.492   3.349   -10.126 1.00 20.47 ? 76  PRO A CG  1 
ATOM   592  C CD  . PRO A 1 76  ? 0.330   2.584   -11.428 1.00 21.76 ? 76  PRO A CD  1 
ATOM   593  N N   . TYR A 1 77  ? 2.574   6.645   -11.491 1.00 16.10 ? 77  TYR A N   1 
ATOM   594  C CA  . TYR A 1 77  ? 3.887   7.084   -11.005 1.00 15.94 ? 77  TYR A CA  1 
ATOM   595  C C   . TYR A 1 77  ? 3.851   8.423   -10.316 1.00 15.24 ? 77  TYR A C   1 
ATOM   596  O O   . TYR A 1 77  ? 2.982   9.249   -10.566 1.00 14.40 ? 77  TYR A O   1 
ATOM   597  C CB  . TYR A 1 77  ? 4.926   7.065   -12.136 1.00 15.80 ? 77  TYR A CB  1 
ATOM   598  C CG  . TYR A 1 77  ? 4.605   7.982   -13.303 1.00 17.67 ? 77  TYR A CG  1 
ATOM   599  C CD1 . TYR A 1 77  ? 3.931   7.496   -14.404 1.00 15.41 ? 77  TYR A CD1 1 
ATOM   600  C CD2 . TYR A 1 77  ? 4.947   9.341   -13.287 1.00 16.86 ? 77  TYR A CD2 1 
ATOM   601  C CE1 . TYR A 1 77  ? 3.643   8.315   -15.487 1.00 16.31 ? 77  TYR A CE1 1 
ATOM   602  C CE2 . TYR A 1 77  ? 4.639   10.168  -14.337 1.00 15.50 ? 77  TYR A CE2 1 
ATOM   603  C CZ  . TYR A 1 77  ? 3.995   9.650   -15.444 1.00 17.09 ? 77  TYR A CZ  1 
ATOM   604  O OH  . TYR A 1 77  ? 3.687   10.503  -16.494 1.00 17.35 ? 77  TYR A OH  1 
ATOM   605  N N   . CYS A 1 78  ? 4.858   8.656   -9.490  1.00 14.82 ? 78  CYS A N   1 
ATOM   606  C CA  . CYS A 1 78  ? 4.993   9.894   -8.725  1.00 16.19 ? 78  CYS A CA  1 
ATOM   607  C C   . CYS A 1 78  ? 5.545   11.093  -9.542  1.00 15.37 ? 78  CYS A C   1 
ATOM   608  O O   . CYS A 1 78  ? 6.460   10.917  -10.357 1.00 16.73 ? 78  CYS A O   1 
ATOM   609  C CB  . CYS A 1 78  ? 5.924   9.592   -7.552  1.00 15.11 ? 78  CYS A CB  1 
ATOM   610  S SG  . CYS A 1 78  ? 5.176   8.312   -6.479  1.00 19.89 ? 78  CYS A SG  1 
ATOM   611  N N   . ARG A 1 79  ? 5.033   12.286  -9.267  1.00 15.82 ? 79  ARG A N   1 
ATOM   612  C CA  . ARG A 1 79  ? 5.404   13.506  -9.991  1.00 17.13 ? 79  ARG A CA  1 
ATOM   613  C C   . ARG A 1 79  ? 6.143   14.593  -9.192  1.00 17.17 ? 79  ARG A C   1 
ATOM   614  O O   . ARG A 1 79  ? 6.866   15.403  -9.812  1.00 18.42 ? 79  ARG A O   1 
ATOM   615  C CB  . ARG A 1 79  ? 4.232   14.045  -10.813 1.00 17.07 ? 79  ARG A CB  1 
ATOM   616  C CG  . ARG A 1 79  ? 3.790   13.005  -11.836 1.00 21.06 ? 79  ARG A CG  1 
ATOM   617  C CD  . ARG A 1 79  ? 2.989   13.587  -12.974 1.00 28.21 ? 79  ARG A CD  1 
ATOM   618  N NE  . ARG A 1 79  ? 3.861   14.143  -14.023 1.00 30.88 ? 79  ARG A NE  1 
ATOM   619  C CZ  . ARG A 1 79  ? 4.141   15.441  -14.166 1.00 31.52 ? 79  ARG A CZ  1 
ATOM   620  N NH1 . ARG A 1 79  ? 3.596   16.329  -13.331 1.00 29.36 ? 79  ARG A NH1 1 
ATOM   621  N NH2 . ARG A 1 79  ? 4.962   15.842  -15.145 1.00 31.40 ? 79  ARG A NH2 1 
ATOM   622  N N   . ASN A 1 80  ? 6.054   14.554  -7.849  1.00 15.40 ? 80  ASN A N   1 
ATOM   623  C CA  . ASN A 1 80  ? 6.862   15.450  -6.997  1.00 15.70 ? 80  ASN A CA  1 
ATOM   624  C C   . ASN A 1 80  ? 8.355   15.290  -7.094  1.00 15.60 ? 80  ASN A C   1 
ATOM   625  O O   . ASN A 1 80  ? 8.876   14.178  -7.072  1.00 14.47 ? 80  ASN A O   1 
ATOM   626  C CB  . ASN A 1 80  ? 6.462   15.329  -5.505  1.00 15.64 ? 80  ASN A CB  1 
ATOM   627  C CG  . ASN A 1 80  ? 5.044   15.746  -5.261  1.00 16.09 ? 80  ASN A CG  1 
ATOM   628  O OD1 . ASN A 1 80  ? 4.198   14.900  -4.954  1.00 12.74 ? 80  ASN A OD1 1 
ATOM   629  N ND2 . ASN A 1 80  ? 4.744   17.051  -5.433  1.00 12.14 ? 80  ASN A ND2 1 
ATOM   630  N N   . ILE A 1 81  ? 9.083   16.407  -7.146  1.00 16.01 ? 81  ILE A N   1 
ATOM   631  C CA  . ILE A 1 81  ? 10.535  16.320  -7.000  1.00 16.44 ? 81  ILE A CA  1 
ATOM   632  C C   . ILE A 1 81  ? 11.029  17.239  -5.904  1.00 17.74 ? 81  ILE A C   1 
ATOM   633  O O   . ILE A 1 81  ? 11.738  16.774  -4.985  1.00 19.06 ? 81  ILE A O   1 
ATOM   634  C CB  . ILE A 1 81  ? 11.334  16.657  -8.297  1.00 16.68 ? 81  ILE A CB  1 
ATOM   635  C CG1 . ILE A 1 81  ? 10.997  15.681  -9.453  1.00 17.90 ? 81  ILE A CG1 1 
ATOM   636  C CG2 . ILE A 1 81  ? 12.813  16.563  -7.977  1.00 16.33 ? 81  ILE A CG2 1 
ATOM   637  C CD1 . ILE A 1 81  ? 11.606  16.130  -10.829 1.00 15.88 ? 81  ILE A CD1 1 
ATOM   638  N N   . LYS A 1 82  ? 10.646  18.518  -6.005  1.00 18.05 ? 82  LYS A N   1 
ATOM   639  C CA  . LYS A 1 82  ? 11.088  19.549  -5.026  1.00 17.98 ? 82  LYS A CA  1 
ATOM   640  C C   . LYS A 1 82  ? 10.490  19.350  -3.630  1.00 17.67 ? 82  LYS A C   1 
ATOM   641  O O   . LYS A 1 82  ? 11.164  19.595  -2.641  1.00 18.08 ? 82  LYS A O   1 
ATOM   642  C CB  . LYS A 1 82  ? 10.786  20.962  -5.516  1.00 17.85 ? 82  LYS A CB  1 
ATOM   643  C CG  . LYS A 1 82  ? 11.367  21.309  -6.893  1.00 17.27 ? 82  LYS A CG  1 
ATOM   644  C CD  . LYS A 1 82  ? 11.142  22.750  -7.244  1.00 19.45 ? 82  LYS A CD  1 
ATOM   645  C CE  . LYS A 1 82  ? 11.696  23.030  -8.672  1.00 18.03 ? 82  LYS A CE  1 
ATOM   646  N NZ  . LYS A 1 82  ? 11.769  24.490  -8.933  1.00 17.45 ? 82  LYS A NZ  1 
ATOM   647  N N   . LYS A 1 83  ? 9.221   18.924  -3.558  1.00 17.92 ? 83  LYS A N   1 
ATOM   648  C CA  . LYS A 1 83  ? 8.528   18.629  -2.298  1.00 17.41 ? 83  LYS A CA  1 
ATOM   649  C C   . LYS A 1 83  ? 8.857   17.179  -1.883  1.00 17.34 ? 83  LYS A C   1 
ATOM   650  O O   . LYS A 1 83  ? 8.196   16.223  -2.332  1.00 16.23 ? 83  LYS A O   1 
ATOM   651  C CB  . LYS A 1 83  ? 7.010   18.824  -2.476  1.00 17.90 ? 83  LYS A CB  1 
ATOM   652  C CG  . LYS A 1 83  ? 6.557   20.286  -2.387  1.00 20.94 ? 83  LYS A CG  1 
ATOM   653  C CD  . LYS A 1 83  ? 5.729   20.680  -3.583  1.00 25.79 ? 83  LYS A CD  1 
ATOM   654  C CE  . LYS A 1 83  ? 4.757   21.815  -3.229  1.00 29.67 ? 83  LYS A CE  1 
ATOM   655  N NZ  . LYS A 1 83  ? 4.274   22.615  -4.424  1.00 30.88 ? 83  LYS A NZ  1 
ATOM   656  N N   . LYS A 1 84  ? 9.908   17.039  -1.069  1.00 17.51 ? 84  LYS A N   1 
ATOM   657  C CA  . LYS A 1 84  ? 10.528  15.741  -0.778  1.00 17.91 ? 84  LYS A CA  1 
ATOM   658  C C   . LYS A 1 84  ? 9.668   14.835  0.097   1.00 17.22 ? 84  LYS A C   1 
ATOM   659  O O   . LYS A 1 84  ? 9.734   13.621  -0.033  1.00 14.38 ? 84  LYS A O   1 
ATOM   660  C CB  . LYS A 1 84  ? 11.872  15.940  -0.084  1.00 18.29 ? 84  LYS A CB  1 
ATOM   661  C CG  . LYS A 1 84  ? 12.935  16.577  -0.992  1.00 22.19 ? 84  LYS A CG  1 
ATOM   662  C CD  . LYS A 1 84  ? 14.164  17.031  -0.216  1.00 30.11 ? 84  LYS A CD  1 
ATOM   663  C CE  . LYS A 1 84  ? 15.248  17.597  -1.174  1.00 34.69 ? 84  LYS A CE  1 
ATOM   664  N NZ  . LYS A 1 84  ? 14.658  18.145  -2.448  1.00 36.44 ? 84  LYS A NZ  1 
ATOM   665  N N   . CYS A 1 85  ? 8.941   15.417  1.054   1.00 17.37 ? 85  CYS A N   1 
ATOM   666  C CA  . CYS A 1 85  ? 8.043   14.613  1.888   1.00 17.91 ? 85  CYS A CA  1 
ATOM   667  C C   . CYS A 1 85  ? 6.935   14.036  1.026   1.00 16.30 ? 85  CYS A C   1 
ATOM   668  O O   . CYS A 1 85  ? 6.670   12.839  1.104   1.00 14.29 ? 85  CYS A O   1 
ATOM   669  C CB  . CYS A 1 85  ? 7.474   15.386  3.086   1.00 18.32 ? 85  CYS A CB  1 
ATOM   670  S SG  . CYS A 1 85  ? 8.446   15.086  4.620   1.00 23.93 ? 85  CYS A SG  1 
ATOM   671  N N   . LEU A 1 86  ? 6.321   14.865  0.181   1.00 16.18 ? 86  LEU A N   1 
ATOM   672  C CA  . LEU A 1 86  ? 5.334   14.382  -0.790  1.00 15.33 ? 86  LEU A CA  1 
ATOM   673  C C   . LEU A 1 86  ? 5.847   13.216  -1.642  1.00 15.01 ? 86  LEU A C   1 
ATOM   674  O O   . LEU A 1 86  ? 5.155   12.202  -1.782  1.00 15.52 ? 86  LEU A O   1 
ATOM   675  C CB  . LEU A 1 86  ? 4.785   15.534  -1.679  1.00 14.71 ? 86  LEU A CB  1 
ATOM   676  C CG  . LEU A 1 86  ? 3.992   16.633  -0.967  1.00 13.46 ? 86  LEU A CG  1 
ATOM   677  C CD1 . LEU A 1 86  ? 3.247   17.515  -1.977  1.00 14.88 ? 86  LEU A CD1 1 
ATOM   678  C CD2 . LEU A 1 86  ? 3.039   15.987  0.037   1.00 17.01 ? 86  LEU A CD2 1 
ATOM   679  N N   . ARG A 1 87  ? 7.056   13.348  -2.174  1.00 15.08 ? 87  ARG A N   1 
ATOM   680  C CA  . ARG A 1 87  ? 7.706   12.291  -2.991  1.00 14.89 ? 87  ARG A CA  1 
ATOM   681  C C   . ARG A 1 87  ? 7.924   10.969  -2.236  1.00 14.20 ? 87  ARG A C   1 
ATOM   682  O O   . ARG A 1 87  ? 7.568   9.880   -2.745  1.00 14.79 ? 87  ARG A O   1 
ATOM   683  C CB  . ARG A 1 87  ? 9.026   12.801  -3.626  1.00 14.55 ? 87  ARG A CB  1 
ATOM   684  C CG  . ARG A 1 87  ? 9.734   11.794  -4.572  1.00 15.82 ? 87  ARG A CG  1 
ATOM   685  C CD  . ARG A 1 87  ? 8.683   11.094  -5.521  1.00 18.92 ? 87  ARG A CD  1 
ATOM   686  N NE  . ARG A 1 87  ? 9.297   10.080  -6.395  1.00 19.37 ? 87  ARG A NE  1 
ATOM   687  C CZ  . ARG A 1 87  ? 9.787   10.332  -7.610  1.00 21.25 ? 87  ARG A CZ  1 
ATOM   688  N NH1 . ARG A 1 87  ? 9.709   11.565  -8.129  1.00 16.39 ? 87  ARG A NH1 1 
ATOM   689  N NH2 . ARG A 1 87  ? 10.297  9.339   -8.326  1.00 18.60 ? 87  ARG A NH2 1 
ATOM   690  N N   . PHE A 1 88  ? 8.450   11.065  -1.009  1.00 13.97 ? 88  PHE A N   1 
ATOM   691  C CA  . PHE A 1 88  ? 8.702   9.882   -0.190  1.00 13.96 ? 88  PHE A CA  1 
ATOM   692  C C   . PHE A 1 88  ? 7.391   9.097   0.047   1.00 14.08 ? 88  PHE A C   1 
ATOM   693  O O   . PHE A 1 88  ? 7.369   7.880   -0.099  1.00 14.21 ? 88  PHE A O   1 
ATOM   694  C CB  . PHE A 1 88  ? 9.326   10.259  1.172   1.00 15.45 ? 88  PHE A CB  1 
ATOM   695  C CG  . PHE A 1 88  ? 9.753   9.058   1.978   1.00 15.85 ? 88  PHE A CG  1 
ATOM   696  C CD1 . PHE A 1 88  ? 8.851   8.381   2.816   1.00 17.08 ? 88  PHE A CD1 1 
ATOM   697  C CD2 . PHE A 1 88  ? 11.055  8.569   1.862   1.00 18.01 ? 88  PHE A CD2 1 
ATOM   698  C CE1 . PHE A 1 88  ? 9.269   7.232   3.575   1.00 18.08 ? 88  PHE A CE1 1 
ATOM   699  C CE2 . PHE A 1 88  ? 11.480  7.446   2.602   1.00 15.59 ? 88  PHE A CE2 1 
ATOM   700  C CZ  . PHE A 1 88  ? 10.551  6.760   3.448   1.00 17.02 ? 88  PHE A CZ  1 
ATOM   701  N N   . VAL A 1 89  ? 6.318   9.805   0.396   1.00 12.94 ? 89  VAL A N   1 
ATOM   702  C CA  . VAL A 1 89  ? 5.026   9.150   0.676   1.00 12.30 ? 89  VAL A CA  1 
ATOM   703  C C   . VAL A 1 89  ? 4.498   8.490   -0.597  1.00 12.20 ? 89  VAL A C   1 
ATOM   704  O O   . VAL A 1 89  ? 4.061   7.320   -0.585  1.00 12.32 ? 89  VAL A O   1 
ATOM   705  C CB  . VAL A 1 89  ? 4.015   10.165  1.287   1.00 12.28 ? 89  VAL A CB  1 
ATOM   706  C CG1 . VAL A 1 89  ? 2.581   9.572   1.407   1.00 14.46 ? 89  VAL A CG1 1 
ATOM   707  C CG2 . VAL A 1 89  ? 4.547   10.661  2.652   1.00 10.72 ? 89  VAL A CG2 1 
ATOM   708  N N   . CYS A 1 90  ? 4.533   9.246   -1.693  1.00 12.12 ? 90  CYS A N   1 
ATOM   709  C CA  . CYS A 1 90  ? 4.033   8.765   -2.963  1.00 12.69 ? 90  CYS A CA  1 
ATOM   710  C C   . CYS A 1 90  ? 4.828   7.518   -3.364  1.00 12.74 ? 90  CYS A C   1 
ATOM   711  O O   . CYS A 1 90  ? 4.229   6.557   -3.847  1.00 13.02 ? 90  CYS A O   1 
ATOM   712  C CB  . CYS A 1 90  ? 4.139   9.858   -4.022  1.00 11.77 ? 90  CYS A CB  1 
ATOM   713  S SG  . CYS A 1 90  ? 3.548   9.322   -5.702  1.00 16.07 ? 90  CYS A SG  1 
ATOM   714  N N   . ASP A 1 91  ? 6.158   7.498   -3.152  1.00 13.33 ? 91  ASP A N   1 
ATOM   715  C CA  . ASP A 1 91  ? 6.947   6.302   -3.494  1.00 13.74 ? 91  ASP A CA  1 
ATOM   716  C C   . ASP A 1 91  ? 6.537   5.049   -2.720  1.00 13.43 ? 91  ASP A C   1 
ATOM   717  O O   . ASP A 1 91  ? 6.667   3.962   -3.272  1.00 14.08 ? 91  ASP A O   1 
ATOM   718  C CB  . ASP A 1 91  ? 8.448   6.491   -3.229  1.00 14.06 ? 91  ASP A CB  1 
ATOM   719  C CG  . ASP A 1 91  ? 9.088   7.510   -4.118  1.00 17.17 ? 91  ASP A CG  1 
ATOM   720  O OD1 . ASP A 1 91  ? 8.546   7.866   -5.212  1.00 18.65 ? 91  ASP A OD1 1 
ATOM   721  O OD2 . ASP A 1 91  ? 10.222  7.901   -3.753  1.00 20.64 ? 91  ASP A OD2 1 
ATOM   722  N N   . CYS A 1 92  ? 6.112   5.208   -1.452  1.00 13.29 ? 92  CYS A N   1 
ATOM   723  C CA  . CYS A 1 92  ? 5.649   4.084   -0.597  1.00 14.48 ? 92  CYS A CA  1 
ATOM   724  C C   . CYS A 1 92  ? 4.418   3.485   -1.262  1.00 12.99 ? 92  CYS A C   1 
ATOM   725  O O   . CYS A 1 92  ? 4.317   2.260   -1.410  1.00 12.05 ? 92  CYS A O   1 
ATOM   726  C CB  . CYS A 1 92  ? 5.191   4.548   0.804   1.00 14.15 ? 92  CYS A CB  1 
ATOM   727  S SG  . CYS A 1 92  ? 6.461   5.243   1.872   1.00 18.59 ? 92  CYS A SG  1 
ATOM   728  N N   . ASP A 1 93  ? 3.521   4.378   -1.680  1.00 12.85 ? 93  ASP A N   1 
ATOM   729  C CA  . ASP A 1 93  ? 2.200   3.988   -2.217  1.00 13.90 ? 93  ASP A CA  1 
ATOM   730  C C   . ASP A 1 93  ? 2.327   3.339   -3.607  1.00 14.95 ? 93  ASP A C   1 
ATOM   731  O O   . ASP A 1 93  ? 1.673   2.316   -3.871  1.00 14.64 ? 93  ASP A O   1 
ATOM   732  C CB  . ASP A 1 93  ? 1.279   5.175   -2.275  1.00 12.48 ? 93  ASP A CB  1 
ATOM   733  C CG  . ASP A 1 93  ? 0.720   5.583   -0.914  1.00 15.69 ? 93  ASP A CG  1 
ATOM   734  O OD1 . ASP A 1 93  ? 1.095   4.981   0.134   1.00 18.98 ? 93  ASP A OD1 1 
ATOM   735  O OD2 . ASP A 1 93  ? -0.124  6.518   -0.906  1.00 18.07 ? 93  ASP A OD2 1 
ATOM   736  N N   . VAL A 1 94  ? 3.147   3.931   -4.482  1.00 15.21 ? 94  VAL A N   1 
ATOM   737  C CA  . VAL A 1 94  ? 3.407   3.376   -5.828  1.00 16.97 ? 94  VAL A CA  1 
ATOM   738  C C   . VAL A 1 94  ? 4.024   1.994   -5.798  1.00 16.00 ? 94  VAL A C   1 
ATOM   739  O O   . VAL A 1 94  ? 3.564   1.091   -6.492  1.00 15.53 ? 94  VAL A O   1 
ATOM   740  C CB  . VAL A 1 94  ? 4.243   4.333   -6.689  1.00 17.01 ? 94  VAL A CB  1 
ATOM   741  C CG1 . VAL A 1 94  ? 4.950   3.584   -7.834  1.00 19.59 ? 94  VAL A CG1 1 
ATOM   742  C CG2 . VAL A 1 94  ? 3.354   5.430   -7.230  1.00 17.52 ? 94  VAL A CG2 1 
ATOM   743  N N   . GLU A 1 95  ? 5.047   1.818   -4.970  1.00 16.55 ? 95  GLU A N   1 
ATOM   744  C CA  . GLU A 1 95  ? 5.662   0.520   -4.812  1.00 17.38 ? 95  GLU A CA  1 
ATOM   745  C C   . GLU A 1 95  ? 4.646   -0.496  -4.342  1.00 16.84 ? 95  GLU A C   1 
ATOM   746  O O   . GLU A 1 95  ? 4.667   -1.609  -4.826  1.00 15.93 ? 95  GLU A O   1 
ATOM   747  C CB  . GLU A 1 95  ? 6.874   0.553   -3.873  1.00 18.79 ? 95  GLU A CB  1 
ATOM   748  C CG  . GLU A 1 95  ? 7.449   -0.867  -3.532  1.00 23.17 ? 95  GLU A CG  1 
ATOM   749  C CD  . GLU A 1 95  ? 8.847   -0.829  -2.841  1.00 33.22 ? 95  GLU A CD  1 
ATOM   750  O OE1 . GLU A 1 95  ? 9.286   -1.864  -2.252  1.00 34.31 ? 95  GLU A OE1 1 
ATOM   751  O OE2 . GLU A 1 95  ? 9.495   0.243   -2.900  1.00 35.36 ? 95  GLU A OE2 1 
ATOM   752  N N   . ALA A 1 96  ? 3.761   -0.112  -3.422  1.00 15.08 ? 96  ALA A N   1 
ATOM   753  C CA  . ALA A 1 96  ? 2.784   -1.073  -2.844  1.00 16.32 ? 96  ALA A CA  1 
ATOM   754  C C   . ALA A 1 96  ? 1.714   -1.414  -3.888  1.00 16.13 ? 96  ALA A C   1 
ATOM   755  O O   . ALA A 1 96  ? 1.296   -2.571  -4.008  1.00 15.97 ? 96  ALA A O   1 
ATOM   756  C CB  . ALA A 1 96  ? 2.110   -0.506  -1.579  1.00 15.57 ? 96  ALA A CB  1 
ATOM   757  N N   . ALA A 1 97  ? 1.292   -0.405  -4.643  1.00 14.79 ? 97  ALA A N   1 
ATOM   758  C CA  . ALA A 1 97  ? 0.292   -0.571  -5.693  1.00 14.70 ? 97  ALA A CA  1 
ATOM   759  C C   . ALA A 1 97  ? 0.766   -1.534  -6.784  1.00 15.34 ? 97  ALA A C   1 
ATOM   760  O O   . ALA A 1 97  ? -0.013  -2.383  -7.247  1.00 15.21 ? 97  ALA A O   1 
ATOM   761  C CB  . ALA A 1 97  ? -0.021  0.752   -6.294  1.00 14.70 ? 97  ALA A CB  1 
ATOM   762  N N   . PHE A 1 98  ? 2.015   -1.410  -7.203  1.00 16.80 ? 98  PHE A N   1 
ATOM   763  C CA  . PHE A 1 98  ? 2.591   -2.436  -8.124  1.00 17.81 ? 98  PHE A CA  1 
ATOM   764  C C   . PHE A 1 98  ? 2.770   -3.813  -7.486  1.00 18.20 ? 98  PHE A C   1 
ATOM   765  O O   . PHE A 1 98  ? 2.521   -4.826  -8.133  1.00 19.47 ? 98  PHE A O   1 
ATOM   766  C CB  . PHE A 1 98  ? 3.892   -1.973  -8.746  1.00 18.75 ? 98  PHE A CB  1 
ATOM   767  C CG  . PHE A 1 98  ? 3.714   -0.979  -9.859  1.00 20.34 ? 98  PHE A CG  1 
ATOM   768  C CD1 . PHE A 1 98  ? 3.191   -1.370  -11.107 1.00 23.13 ? 98  PHE A CD1 1 
ATOM   769  C CD2 . PHE A 1 98  ? 4.063   0.364   -9.674  1.00 20.40 ? 98  PHE A CD2 1 
ATOM   770  C CE1 . PHE A 1 98  ? 3.033   -0.431  -12.153 1.00 22.88 ? 98  PHE A CE1 1 
ATOM   771  C CE2 . PHE A 1 98  ? 3.921   1.316   -10.713 1.00 25.08 ? 98  PHE A CE2 1 
ATOM   772  C CZ  . PHE A 1 98  ? 3.423   0.918   -11.962 1.00 22.08 ? 98  PHE A CZ  1 
ATOM   773  N N   . CYS A 1 99  ? 3.165   -3.839  -6.218  1.00 18.85 ? 99  CYS A N   1 
ATOM   774  C CA  . CYS A 1 99  ? 3.319   -5.073  -5.469  1.00 19.97 ? 99  CYS A CA  1 
ATOM   775  C C   . CYS A 1 99  ? 1.977   -5.805  -5.373  1.00 20.24 ? 99  CYS A C   1 
ATOM   776  O O   . CYS A 1 99  ? 1.924   -7.008  -5.602  1.00 21.48 ? 99  CYS A O   1 
ATOM   777  C CB  . CYS A 1 99  ? 3.893   -4.783  -4.078  1.00 20.60 ? 99  CYS A CB  1 
ATOM   778  S SG  . CYS A 1 99  ? 4.687   -6.188  -3.220  1.00 24.69 ? 99  CYS A SG  1 
ATOM   779  N N   . PHE A 1 100 ? 0.918   -5.075  -5.019  1.00 20.12 ? 100 PHE A N   1 
ATOM   780  C CA  . PHE A 1 100 ? -0.429  -5.617  -4.917  1.00 20.71 ? 100 PHE A CA  1 
ATOM   781  C C   . PHE A 1 100 ? -0.854  -6.176  -6.254  1.00 21.52 ? 100 PHE A C   1 
ATOM   782  O O   . PHE A 1 100 ? -1.328  -7.297  -6.336  1.00 22.09 ? 100 PHE A O   1 
ATOM   783  C CB  . PHE A 1 100 ? -1.444  -4.536  -4.492  1.00 20.55 ? 100 PHE A CB  1 
ATOM   784  C CG  . PHE A 1 100 ? -1.313  -4.096  -3.057  1.00 18.85 ? 100 PHE A CG  1 
ATOM   785  C CD1 . PHE A 1 100 ? -0.210  -4.479  -2.276  1.00 19.86 ? 100 PHE A CD1 1 
ATOM   786  C CD2 . PHE A 1 100 ? -2.279  -3.247  -2.493  1.00 19.62 ? 100 PHE A CD2 1 
ATOM   787  C CE1 . PHE A 1 100 ? -0.072  -4.046  -0.943  1.00 19.55 ? 100 PHE A CE1 1 
ATOM   788  C CE2 . PHE A 1 100 ? -2.179  -2.818  -1.165  1.00 18.04 ? 100 PHE A CE2 1 
ATOM   789  C CZ  . PHE A 1 100 ? -1.070  -3.198  -0.386  1.00 20.90 ? 100 PHE A CZ  1 
ATOM   790  N N   . ALA A 1 101 ? -0.680  -5.392  -7.303  1.00 22.29 ? 101 ALA A N   1 
ATOM   791  C CA  . ALA A 1 101 ? -1.068  -5.841  -8.642  1.00 23.49 ? 101 ALA A CA  1 
ATOM   792  C C   . ALA A 1 101 ? -0.329  -7.081  -9.133  1.00 23.80 ? 101 ALA A C   1 
ATOM   793  O O   . ALA A 1 101 ? -0.901  -7.836  -9.928  1.00 25.74 ? 101 ALA A O   1 
ATOM   794  C CB  . ALA A 1 101 ? -0.976  -4.697  -9.675  1.00 22.75 ? 101 ALA A CB  1 
ATOM   795  N N   . LYS A 1 102 ? 0.917   -7.292  -8.703  1.00 23.93 ? 102 LYS A N   1 
ATOM   796  C CA  . LYS A 1 102 ? 1.688   -8.475  -9.129  1.00 24.32 ? 102 LYS A CA  1 
ATOM   797  C C   . LYS A 1 102 ? 1.446   -9.705  -8.269  1.00 23.29 ? 102 LYS A C   1 
ATOM   798  O O   . LYS A 1 102 ? 1.367   -10.821 -8.800  1.00 23.09 ? 102 LYS A O   1 
ATOM   799  C CB  . LYS A 1 102 ? 3.194   -8.196  -9.243  1.00 25.26 ? 102 LYS A CB  1 
ATOM   800  C CG  . LYS A 1 102 ? 3.529   -7.530  -10.589 1.00 28.41 ? 102 LYS A CG  1 
ATOM   801  C CD  . LYS A 1 102 ? 4.439   -6.285  -10.473 1.00 29.88 ? 102 LYS A CD  1 
ATOM   802  C CE  . LYS A 1 102 ? 3.943   -5.178  -11.419 1.00 30.10 ? 102 LYS A CE  1 
ATOM   803  N NZ  . LYS A 1 102 ? 2.599   -4.685  -10.941 1.00 27.82 ? 102 LYS A NZ  1 
ATOM   804  N N   . ALA A 1 103 ? 1.291   -9.501  -6.964  1.00 21.21 ? 103 ALA A N   1 
ATOM   805  C CA  . ALA A 1 103 ? 0.999   -10.595 -6.036  1.00 20.23 ? 103 ALA A CA  1 
ATOM   806  C C   . ALA A 1 103 ? -0.309  -11.394 -6.278  1.00 19.73 ? 103 ALA A C   1 
ATOM   807  O O   . ALA A 1 103 ? -1.362  -10.836 -6.574  1.00 18.19 ? 103 ALA A O   1 
ATOM   808  C CB  . ALA A 1 103 ? 0.996   -10.070 -4.610  1.00 19.75 ? 103 ALA A CB  1 
ATOM   809  N N   . PRO A 1 104 ? -0.248  -12.711 -6.086  1.00 20.82 ? 104 PRO A N   1 
ATOM   810  C CA  . PRO A 1 104 ? -1.498  -13.474 -6.113  1.00 21.30 ? 104 PRO A CA  1 
ATOM   811  C C   . PRO A 1 104 ? -2.374  -13.185 -4.864  1.00 21.24 ? 104 PRO A C   1 
ATOM   812  O O   . PRO A 1 104 ? -1.865  -13.117 -3.728  1.00 21.85 ? 104 PRO A O   1 
ATOM   813  C CB  . PRO A 1 104 ? -1.028  -14.928 -6.087  1.00 20.95 ? 104 PRO A CB  1 
ATOM   814  C CG  . PRO A 1 104 ? 0.335   -14.888 -5.469  1.00 21.99 ? 104 PRO A CG  1 
ATOM   815  C CD  . PRO A 1 104 ? 0.933   -13.562 -5.819  1.00 20.85 ? 104 PRO A CD  1 
ATOM   816  N N   . TYR A 1 105 ? -3.670  -12.993 -5.103  1.00 20.60 ? 105 TYR A N   1 
ATOM   817  C CA  . TYR A 1 105 ? -4.629  -12.769 -4.013  1.00 20.19 ? 105 TYR A CA  1 
ATOM   818  C C   . TYR A 1 105 ? -5.226  -14.102 -3.520  1.00 20.27 ? 105 TYR A C   1 
ATOM   819  O O   . TYR A 1 105 ? -6.008  -14.720 -4.224  1.00 19.77 ? 105 TYR A O   1 
ATOM   820  C CB  . TYR A 1 105 ? -5.734  -11.819 -4.480  1.00 18.77 ? 105 TYR A CB  1 
ATOM   821  C CG  . TYR A 1 105 ? -6.599  -11.295 -3.367  1.00 18.68 ? 105 TYR A CG  1 
ATOM   822  C CD1 . TYR A 1 105 ? -7.698  -12.043 -2.900  1.00 16.44 ? 105 TYR A CD1 1 
ATOM   823  C CD2 . TYR A 1 105 ? -6.340  -10.048 -2.787  1.00 12.80 ? 105 TYR A CD2 1 
ATOM   824  C CE1 . TYR A 1 105 ? -8.518  -11.568 -1.857  1.00 12.54 ? 105 TYR A CE1 1 
ATOM   825  C CE2 . TYR A 1 105 ? -7.150  -9.553  -1.748  1.00 10.30 ? 105 TYR A CE2 1 
ATOM   826  C CZ  . TYR A 1 105 ? -8.229  -10.309 -1.295  1.00 9.27  ? 105 TYR A CZ  1 
ATOM   827  O OH  . TYR A 1 105 ? -9.016  -9.812  -0.277  1.00 2.00  ? 105 TYR A OH  1 
ATOM   828  N N   . ASN A 1 106 ? -4.842  -14.546 -2.324  1.00 20.55 ? 106 ASN A N   1 
ATOM   829  C CA  . ASN A 1 106 ? -5.319  -15.829 -1.815  1.00 20.70 ? 106 ASN A CA  1 
ATOM   830  C C   . ASN A 1 106 ? -6.515  -15.596 -0.886  1.00 21.42 ? 106 ASN A C   1 
ATOM   831  O O   . ASN A 1 106 ? -6.357  -15.073 0.230   1.00 21.57 ? 106 ASN A O   1 
ATOM   832  C CB  . ASN A 1 106 ? -4.203  -16.595 -1.094  1.00 20.94 ? 106 ASN A CB  1 
ATOM   833  C CG  . ASN A 1 106 ? -4.671  -17.965 -0.570  1.00 23.04 ? 106 ASN A CG  1 
ATOM   834  O OD1 . ASN A 1 106 ? -5.878  -18.271 -0.579  1.00 27.75 ? 106 ASN A OD1 1 
ATOM   835  N ND2 . ASN A 1 106 ? -3.723  -18.799 -0.139  1.00 27.51 ? 106 ASN A ND2 1 
ATOM   836  N N   . ASN A 1 107 ? -7.706  -15.958 -1.369  1.00 21.14 ? 107 ASN A N   1 
ATOM   837  C CA  . ASN A 1 107 ? -8.946  -15.743 -0.631  1.00 22.45 ? 107 ASN A CA  1 
ATOM   838  C C   . ASN A 1 107 ? -8.958  -16.306 0.797   1.00 21.05 ? 107 ASN A C   1 
ATOM   839  O O   . ASN A 1 107 ? -9.624  -15.751 1.676   1.00 21.33 ? 107 ASN A O   1 
ATOM   840  C CB  . ASN A 1 107 ? -10.117 -16.296 -1.437  1.00 23.21 ? 107 ASN A CB  1 
ATOM   841  C CG  . ASN A 1 107 ? -10.388 -15.461 -2.655  1.00 27.89 ? 107 ASN A CG  1 
ATOM   842  O OD1 . ASN A 1 107 ? -10.642 -14.258 -2.525  1.00 31.68 ? 107 ASN A OD1 1 
ATOM   843  N ND2 . ASN A 1 107 ? -10.314 -16.075 -3.852  1.00 31.22 ? 107 ASN A ND2 1 
ATOM   844  N N   . ALA A 1 108 ? -8.213  -17.383 1.014   1.00 19.56 ? 108 ALA A N   1 
ATOM   845  C CA  . ALA A 1 108 ? -8.098  -18.006 2.332   1.00 18.65 ? 108 ALA A CA  1 
ATOM   846  C C   . ALA A 1 108 ? -7.426  -17.081 3.352   1.00 18.59 ? 108 ALA A C   1 
ATOM   847  O O   . ALA A 1 108 ? -7.504  -17.317 4.557   1.00 18.25 ? 108 ALA A O   1 
ATOM   848  C CB  . ALA A 1 108 ? -7.318  -19.329 2.224   1.00 18.77 ? 108 ALA A CB  1 
ATOM   849  N N   . ASN A 1 109 ? -6.780  -16.028 2.852   1.00 17.17 ? 109 ASN A N   1 
ATOM   850  C CA  . ASN A 1 109 ? -6.040  -15.086 3.677   1.00 16.80 ? 109 ASN A CA  1 
ATOM   851  C C   . ASN A 1 109 ? -6.728  -13.755 3.882   1.00 16.71 ? 109 ASN A C   1 
ATOM   852  O O   . ASN A 1 109 ? -6.203  -12.892 4.626   1.00 16.27 ? 109 ASN A O   1 
ATOM   853  C CB  . ASN A 1 109 ? -4.627  -14.879 3.125   1.00 15.79 ? 109 ASN A CB  1 
ATOM   854  C CG  . ASN A 1 109 ? -3.776  -16.088 3.301   1.00 18.22 ? 109 ASN A CG  1 
ATOM   855  O OD1 . ASN A 1 109 ? -3.909  -16.795 4.303   1.00 19.08 ? 109 ASN A OD1 1 
ATOM   856  N ND2 . ASN A 1 109 ? -2.886  -16.353 2.337   1.00 19.08 ? 109 ASN A ND2 1 
ATOM   857  N N   . TRP A 1 110 ? -7.907  -13.599 3.255   1.00 15.03 ? 110 TRP A N   1 
ATOM   858  C CA  . TRP A 1 110 ? -8.789  -12.464 3.531   1.00 16.14 ? 110 TRP A CA  1 
ATOM   859  C C   . TRP A 1 110 ? -9.443  -12.655 4.915   1.00 16.39 ? 110 TRP A C   1 
ATOM   860  O O   . TRP A 1 110 ? -9.972  -13.742 5.219   1.00 16.29 ? 110 TRP A O   1 
ATOM   861  C CB  . TRP A 1 110 ? -9.836  -12.296 2.431   1.00 14.53 ? 110 TRP A CB  1 
ATOM   862  C CG  . TRP A 1 110 ? -11.022 -11.399 2.755   1.00 15.51 ? 110 TRP A CG  1 
ATOM   863  C CD1 . TRP A 1 110 ? -12.290 -11.811 3.006   1.00 11.81 ? 110 TRP A CD1 1 
ATOM   864  C CD2 . TRP A 1 110 ? -11.052 -9.954  2.842   1.00 13.57 ? 110 TRP A CD2 1 
ATOM   865  N NE1 . TRP A 1 110 ? -13.098 -10.740 3.223   1.00 13.11 ? 110 TRP A NE1 1 
ATOM   866  C CE2 . TRP A 1 110 ? -12.379 -9.586  3.154   1.00 15.13 ? 110 TRP A CE2 1 
ATOM   867  C CE3 . TRP A 1 110 ? -10.100 -8.952  2.675   1.00 14.65 ? 110 TRP A CE3 1 
ATOM   868  C CZ2 . TRP A 1 110 ? -12.784 -8.233  3.309   1.00 12.15 ? 110 TRP A CZ2 1 
ATOM   869  C CZ3 . TRP A 1 110 ? -10.489 -7.608  2.831   1.00 11.29 ? 110 TRP A CZ3 1 
ATOM   870  C CH2 . TRP A 1 110 ? -11.814 -7.271  3.157   1.00 14.94 ? 110 TRP A CH2 1 
ATOM   871  N N   . ASN A 1 111 ? -9.390  -11.600 5.734   1.00 18.44 ? 111 ASN A N   1 
ATOM   872  C CA  . ASN A 1 111 ? -10.097 -11.536 7.017   1.00 19.12 ? 111 ASN A CA  1 
ATOM   873  C C   . ASN A 1 111 ? -9.808  -12.773 7.886   1.00 19.88 ? 111 ASN A C   1 
ATOM   874  O O   . ASN A 1 111 ? -10.715 -13.539 8.233   1.00 19.93 ? 111 ASN A O   1 
ATOM   875  C CB  . ASN A 1 111 ? -11.624 -11.318 6.796   1.00 19.39 ? 111 ASN A CB  1 
ATOM   876  C CG  . ASN A 1 111 ? -12.399 -11.057 8.124   1.00 21.16 ? 111 ASN A CG  1 
ATOM   877  O OD1 . ASN A 1 111 ? -11.784 -10.879 9.191   1.00 22.21 ? 111 ASN A OD1 1 
ATOM   878  N ND2 . ASN A 1 111 ? -13.745 -11.057 8.053   1.00 18.93 ? 111 ASN A ND2 1 
ATOM   879  N N   . ILE A 1 112 ? -8.539  -12.978 8.230   1.00 22.12 ? 112 ILE A N   1 
ATOM   880  C CA  . ILE A 1 112 ? -8.174  -14.144 9.025   1.00 24.35 ? 112 ILE A CA  1 
ATOM   881  C C   . ILE A 1 112 ? -8.297  -13.829 10.511  1.00 26.47 ? 112 ILE A C   1 
ATOM   882  O O   . ILE A 1 112 ? -8.559  -12.673 10.882  1.00 26.09 ? 112 ILE A O   1 
ATOM   883  C CB  . ILE A 1 112 ? -6.757  -14.683 8.712   1.00 24.78 ? 112 ILE A CB  1 
ATOM   884  C CG1 . ILE A 1 112 ? -5.659  -13.663 9.109   1.00 23.89 ? 112 ILE A CG1 1 
ATOM   885  C CG2 . ILE A 1 112 ? -6.686  -15.160 7.245   1.00 25.33 ? 112 ILE A CG2 1 
ATOM   886  C CD1 . ILE A 1 112 ? -4.217  -14.210 8.861   1.00 25.30 ? 112 ILE A CD1 1 
ATOM   887  N N   . ASP A 1 113 ? -8.111  -14.872 11.323  1.00 29.85 ? 113 ASP A N   1 
ATOM   888  C CA  . ASP A 1 113 ? -8.042  -14.769 12.784  1.00 33.38 ? 113 ASP A CA  1 
ATOM   889  C C   . ASP A 1 113 ? -6.648  -14.278 13.148  1.00 33.99 ? 113 ASP A C   1 
ATOM   890  O O   . ASP A 1 113 ? -5.748  -15.081 13.345  1.00 34.53 ? 113 ASP A O   1 
ATOM   891  C CB  . ASP A 1 113 ? -8.331  -16.140 13.431  1.00 33.61 ? 113 ASP A CB  1 
ATOM   892  C CG  . ASP A 1 113 ? -8.643  -16.051 14.957  1.00 37.97 ? 113 ASP A CG  1 
ATOM   893  O OD1 . ASP A 1 113 ? -8.774  -14.930 15.525  1.00 40.84 ? 113 ASP A OD1 1 
ATOM   894  O OD2 . ASP A 1 113 ? -8.752  -17.131 15.591  1.00 40.93 ? 113 ASP A OD2 1 
ATOM   895  N N   . THR A 1 114 ? -6.471  -12.955 13.208  1.00 36.23 ? 114 THR A N   1 
ATOM   896  C CA  . THR A 1 114 ? -5.140  -12.360 13.435  1.00 38.32 ? 114 THR A CA  1 
ATOM   897  C C   . THR A 1 114 ? -4.543  -12.724 14.812  1.00 39.53 ? 114 THR A C   1 
ATOM   898  O O   . THR A 1 114 ? -3.327  -12.890 14.939  1.00 39.81 ? 114 THR A O   1 
ATOM   899  C CB  . THR A 1 114 ? -5.098  -10.814 13.220  1.00 38.55 ? 114 THR A CB  1 
ATOM   900  O OG1 . THR A 1 114 ? -6.176  -10.196 13.925  1.00 39.02 ? 114 THR A OG1 1 
ATOM   901  C CG2 . THR A 1 114 ? -5.159  -10.429 11.702  1.00 38.60 ? 114 THR A CG2 1 
ATOM   902  N N   . LYS A 1 115 ? -5.403  -12.856 15.823  1.00 40.90 ? 115 LYS A N   1 
ATOM   903  C CA  . LYS A 1 115 ? -4.975  -13.300 17.161  1.00 42.41 ? 115 LYS A CA  1 
ATOM   904  C C   . LYS A 1 115 ? -4.397  -14.723 17.144  1.00 42.98 ? 115 LYS A C   1 
ATOM   905  O O   . LYS A 1 115 ? -3.310  -14.963 17.677  1.00 43.53 ? 115 LYS A O   1 
ATOM   906  C CB  . LYS A 1 115 ? -6.120  -13.153 18.167  1.00 42.50 ? 115 LYS A CB  1 
ATOM   907  C CG  . LYS A 1 115 ? -6.704  -11.727 18.178  1.00 44.40 ? 115 LYS A CG  1 
ATOM   908  C CD  . LYS A 1 115 ? -7.968  -11.564 19.054  1.00 46.79 ? 115 LYS A CD  1 
ATOM   909  C CE  . LYS A 1 115 ? -8.480  -10.116 18.987  1.00 48.39 ? 115 LYS A CE  1 
ATOM   910  N NZ  . LYS A 1 115 ? -8.746  -9.619  17.578  1.00 46.99 ? 115 LYS A NZ  1 
ATOM   911  N N   . LYS A 1 116 ? -5.090  -15.649 16.490  1.00 43.93 ? 116 LYS A N   1 
ATOM   912  C CA  . LYS A 1 116 ? -4.601  -17.022 16.348  1.00 44.83 ? 116 LYS A CA  1 
ATOM   913  C C   . LYS A 1 116 ? -3.394  -17.158 15.405  1.00 45.18 ? 116 LYS A C   1 
ATOM   914  O O   . LYS A 1 116 ? -2.609  -18.091 15.577  1.00 45.96 ? 116 LYS A O   1 
ATOM   915  C CB  . LYS A 1 116 ? -5.739  -17.965 15.903  1.00 45.26 ? 116 LYS A CB  1 
ATOM   916  C CG  . LYS A 1 116 ? -5.311  -19.326 15.319  1.00 46.61 ? 116 LYS A CG  1 
ATOM   917  C CD  . LYS A 1 116 ? -6.486  -20.045 14.616  1.00 50.19 ? 116 LYS A CD  1 
ATOM   918  C CE  . LYS A 1 116 ? -6.974  -21.326 15.353  1.00 51.57 ? 116 LYS A CE  1 
ATOM   919  N NZ  . LYS A 1 116 ? -7.615  -21.128 16.696  1.00 52.80 ? 116 LYS A NZ  1 
ATOM   920  N N   . ARG A 1 117 ? -3.242  -16.254 14.427  1.00 44.78 ? 117 ARG A N   1 
ATOM   921  C CA  . ARG A 1 117 ? -2.301  -16.487 13.308  1.00 44.36 ? 117 ARG A CA  1 
ATOM   922  C C   . ARG A 1 117 ? -1.159  -15.480 13.124  1.00 43.72 ? 117 ARG A C   1 
ATOM   923  O O   . ARG A 1 117 ? -0.365  -15.616 12.175  1.00 44.27 ? 117 ARG A O   1 
ATOM   924  C CB  . ARG A 1 117 ? -3.050  -16.635 11.971  1.00 44.34 ? 117 ARG A CB  1 
ATOM   925  C CG  . ARG A 1 117 ? -3.776  -17.950 11.789  1.00 45.66 ? 117 ARG A CG  1 
ATOM   926  C CD  . ARG A 1 117 ? -3.354  -18.593 10.490  1.00 48.85 ? 117 ARG A CD  1 
ATOM   927  N NE  . ARG A 1 117 ? -4.183  -18.186 9.357   1.00 51.08 ? 117 ARG A NE  1 
ATOM   928  C CZ  . ARG A 1 117 ? -3.747  -18.059 8.103   1.00 50.50 ? 117 ARG A CZ  1 
ATOM   929  N NH1 . ARG A 1 117 ? -2.475  -18.279 7.788   1.00 51.26 ? 117 ARG A NH1 1 
ATOM   930  N NH2 . ARG A 1 117 ? -4.595  -17.703 7.158   1.00 50.75 ? 117 ARG A NH2 1 
ATOM   931  N N   . CYS A 1 118 ? -1.058  -14.482 14.000  1.00 43.02 ? 118 CYS A N   1 
ATOM   932  C CA  . CYS A 1 118 ? -0.106  -13.368 13.778  1.00 41.75 ? 118 CYS A CA  1 
ATOM   933  C C   . CYS A 1 118 ? 0.735   -13.001 15.018  1.00 42.16 ? 118 CYS A C   1 
ATOM   934  O O   . CYS A 1 118 ? 1.478   -12.008 15.014  1.00 41.82 ? 118 CYS A O   1 
ATOM   935  C CB  . CYS A 1 118 ? -0.839  -12.126 13.220  1.00 40.87 ? 118 CYS A CB  1 
ATOM   936  S SG  . CYS A 1 118 ? -1.852  -12.424 11.697  1.00 36.38 ? 118 CYS A SG  1 
HETATM 937  S S   . SO4 B 2 .   ? 7.141   19.358  -6.935  1.00 15.56 ? 201 SO4 A S   1 
HETATM 938  O O1  . SO4 B 2 .   ? 7.181   20.789  -6.610  1.00 16.47 ? 201 SO4 A O1  1 
HETATM 939  O O2  . SO4 B 2 .   ? 7.155   18.555  -5.714  1.00 16.16 ? 201 SO4 A O2  1 
HETATM 940  O O3  . SO4 B 2 .   ? 5.903   19.150  -7.684  1.00 15.95 ? 201 SO4 A O3  1 
HETATM 941  O O4  . SO4 B 2 .   ? 8.337   19.032  -7.715  1.00 17.07 ? 201 SO4 A O4  1 
HETATM 942  S S   . SO4 C 2 .   ? -11.247 -13.781 -6.602  1.00 33.74 ? 202 SO4 A S   1 
HETATM 943  O O1  . SO4 C 2 .   ? -11.529 -12.480 -6.023  1.00 30.56 ? 202 SO4 A O1  1 
HETATM 944  O O2  . SO4 C 2 .   ? -11.577 -14.818 -5.598  1.00 30.01 ? 202 SO4 A O2  1 
HETATM 945  O O3  . SO4 C 2 .   ? -11.977 -13.840 -7.860  1.00 30.08 ? 202 SO4 A O3  1 
HETATM 946  O O4  . SO4 C 2 .   ? -9.791  -13.814 -6.854  1.00 35.39 ? 202 SO4 A O4  1 
HETATM 947  O O1  . MES D 3 .   ? -12.518 7.155   -1.559  1.00 32.79 ? 203 MES A O1  1 
HETATM 948  C C2  . MES D 3 .   ? -13.855 6.747   -1.200  1.00 32.24 ? 203 MES A C2  1 
HETATM 949  C C3  . MES D 3 .   ? -13.947 5.221   -1.144  1.00 28.35 ? 203 MES A C3  1 
HETATM 950  N N4  . MES D 3 .   ? -13.139 4.560   -2.190  1.00 29.70 ? 203 MES A N4  1 
HETATM 951  C C5  . MES D 3 .   ? -11.915 5.158   -2.756  1.00 31.64 ? 203 MES A C5  1 
HETATM 952  C C6  . MES D 3 .   ? -12.149 6.675   -2.856  1.00 34.13 ? 203 MES A C6  1 
HETATM 953  C C7  . MES D 3 .   ? -13.613 3.233   -2.617  1.00 28.22 ? 203 MES A C7  1 
HETATM 954  C C8  . MES D 3 .   ? -12.560 2.481   -3.431  1.00 24.88 ? 203 MES A C8  1 
HETATM 955  S S   . MES D 3 .   ? -12.835 0.815   -3.552  1.00 22.86 ? 203 MES A S   1 
HETATM 956  O O1S . MES D 3 .   ? -12.437 0.172   -2.260  1.00 20.45 ? 203 MES A O1S 1 
HETATM 957  O O2S . MES D 3 .   ? -14.257 0.548   -3.874  1.00 27.29 ? 203 MES A O2S 1 
HETATM 958  O O3S . MES D 3 .   ? -11.969 0.358   -4.672  1.00 23.87 ? 203 MES A O3S 1 
HETATM 959  O O   . HOH E 4 .   ? -0.048  10.602  8.919   1.00 9.76  ? 301 HOH A O   1 
HETATM 960  O O   . HOH E 4 .   ? -7.305  10.115  2.270   1.00 18.80 ? 302 HOH A O   1 
HETATM 961  O O   . HOH E 4 .   ? 0.026   17.665  1.696   1.00 30.03 ? 303 HOH A O   1 
HETATM 962  O O   . HOH E 4 .   ? 4.969   -2.432  -0.839  1.00 15.41 ? 304 HOH A O   1 
HETATM 963  O O   . HOH E 4 .   ? 3.020   1.627   9.802   1.00 29.83 ? 305 HOH A O   1 
HETATM 964  O O   . HOH E 4 .   ? -10.093 4.605   -6.034  1.00 15.56 ? 306 HOH A O   1 
HETATM 965  O O   . HOH E 4 .   ? -7.460  -17.939 10.087  1.00 31.25 ? 307 HOH A O   1 
HETATM 966  O O   . HOH E 4 .   ? 7.723   23.071  -5.236  1.00 14.91 ? 308 HOH A O   1 
HETATM 967  O O   . HOH E 4 .   ? -16.235 -8.056  -3.866  1.00 23.72 ? 309 HOH A O   1 
HETATM 968  O O   . HOH E 4 .   ? -7.689  -15.324 -6.133  0.50 23.21 ? 310 HOH A O   1 
HETATM 969  O O   . HOH E 4 .   ? -1.507  -8.726  12.730  1.00 35.16 ? 311 HOH A O   1 
HETATM 970  O O   . HOH E 4 .   ? -4.457  -7.355  8.243   1.00 23.70 ? 312 HOH A O   1 
HETATM 971  O O   . HOH E 4 .   ? -12.326 -1.786  -8.716  1.00 20.27 ? 313 HOH A O   1 
HETATM 972  O O   . HOH E 4 .   ? -17.263 -3.017  -3.665  1.00 21.76 ? 314 HOH A O   1 
HETATM 973  O O   . HOH E 4 .   ? 4.393   12.580  10.387  1.00 21.19 ? 315 HOH A O   1 
HETATM 974  O O   . HOH E 4 .   ? 5.115   12.343  -5.918  1.00 16.00 ? 316 HOH A O   1 
HETATM 975  O O   . HOH E 4 .   ? 9.378   5.882   0.009   1.00 26.24 ? 317 HOH A O   1 
HETATM 976  O O   . HOH E 4 .   ? -6.811  -10.537 7.964   1.00 14.98 ? 318 HOH A O   1 
HETATM 977  O O   . HOH E 4 .   ? -8.374  12.694  1.534   1.00 24.39 ? 319 HOH A O   1 
HETATM 978  O O   . HOH E 4 .   ? -2.915  -2.697  -7.425  1.00 22.83 ? 320 HOH A O   1 
HETATM 979  O O   . HOH E 4 .   ? -13.414 -14.758 -3.493  1.00 24.57 ? 321 HOH A O   1 
HETATM 980  O O   . HOH E 4 .   ? -15.731 -10.651 -4.459  1.00 36.39 ? 322 HOH A O   1 
HETATM 981  O O   . HOH E 4 .   ? -6.567  14.002  -2.449  1.00 24.54 ? 323 HOH A O   1 
HETATM 982  O O   . HOH E 4 .   ? -11.727 -13.698 -0.142  1.00 19.73 ? 324 HOH A O   1 
HETATM 983  O O   . HOH E 4 .   ? 12.737  26.286  -7.178  1.00 19.95 ? 325 HOH A O   1 
HETATM 984  O O   . HOH E 4 .   ? -14.819 -8.867  6.064   1.00 17.22 ? 326 HOH A O   1 
HETATM 985  O O   . HOH E 4 .   ? 9.605   3.428   -1.174  1.00 17.94 ? 327 HOH A O   1 
HETATM 986  O O   . HOH E 4 .   ? -8.588  14.002  -0.887  1.00 24.56 ? 328 HOH A O   1 
HETATM 987  O O   . HOH E 4 .   ? -6.803  4.666   -11.174 1.00 22.65 ? 329 HOH A O   1 
HETATM 988  O O   . HOH E 4 .   ? -3.353  -5.534  9.970   1.00 27.98 ? 330 HOH A O   1 
HETATM 989  O O   . HOH E 4 .   ? -0.546  8.607   0.917   1.00 13.60 ? 331 HOH A O   1 
HETATM 990  O O   . HOH E 4 .   ? 6.541   -4.077  10.037  1.00 41.76 ? 332 HOH A O   1 
HETATM 991  O O   . HOH E 4 .   ? 3.411   19.545  -7.717  1.00 44.50 ? 333 HOH A O   1 
HETATM 992  O O   . HOH E 4 .   ? 2.159   18.596  -4.910  1.00 28.12 ? 334 HOH A O   1 
HETATM 993  O O   . HOH E 4 .   ? -0.285  -1.891  3.821   1.00 31.65 ? 335 HOH A O   1 
HETATM 994  O O   . HOH E 4 .   ? -4.555  15.365  1.784   1.00 28.83 ? 336 HOH A O   1 
HETATM 995  O O   . HOH E 4 .   ? -3.234  -9.142  -5.137  1.00 22.72 ? 337 HOH A O   1 
HETATM 996  O O   . HOH E 4 .   ? 6.914   -2.729  -6.245  1.00 28.27 ? 338 HOH A O   1 
HETATM 997  O O   . HOH E 4 .   ? 8.284   0.636   -0.382  1.00 21.31 ? 339 HOH A O   1 
HETATM 998  O O   . HOH E 4 .   ? 7.243   17.818  1.175   1.00 23.27 ? 340 HOH A O   1 
HETATM 999  O O   . HOH E 4 .   ? -6.508  12.987  -5.805  1.00 19.31 ? 341 HOH A O   1 
HETATM 1000 O O   . HOH E 4 .   ? 0.106   -13.529 -2.237  1.00 16.25 ? 342 HOH A O   1 
HETATM 1001 O O   . HOH E 4 .   ? 6.825   6.791   -9.356  1.00 18.92 ? 343 HOH A O   1 
HETATM 1002 O O   . HOH E 4 .   ? -0.701  -2.750  8.191   1.00 16.76 ? 344 HOH A O   1 
HETATM 1003 O O   . HOH E 4 .   ? 12.813  8.235   9.851   1.00 19.05 ? 345 HOH A O   1 
HETATM 1004 O O   . HOH E 4 .   ? 10.917  2.144   5.551   1.00 15.98 ? 346 HOH A O   1 
HETATM 1005 O O   . HOH E 4 .   ? -3.585  7.006   -11.403 1.00 28.93 ? 347 HOH A O   1 
HETATM 1006 O O   . HOH E 4 .   ? -1.970  14.698  -8.853  1.00 21.87 ? 348 HOH A O   1 
HETATM 1007 O O   . HOH E 4 .   ? 10.367  18.978  1.712   1.00 20.42 ? 349 HOH A O   1 
HETATM 1008 O O   . HOH E 4 .   ? 4.140   15.231  3.758   1.00 33.32 ? 350 HOH A O   1 
HETATM 1009 O O   . HOH E 4 .   ? -4.151  10.667  -13.285 1.00 25.58 ? 351 HOH A O   1 
HETATM 1010 O O   . HOH E 4 .   ? -6.234  8.315   -10.769 1.00 29.63 ? 352 HOH A O   1 
HETATM 1011 O O   . HOH E 4 .   ? 8.183   5.934   -7.236  1.00 27.51 ? 353 HOH A O   1 
HETATM 1012 O O   . HOH E 4 .   ? 0.430   0.739   5.581   1.00 27.34 ? 354 HOH A O   1 
HETATM 1013 O O   . HOH E 4 .   ? 14.850  3.147   4.267   1.00 45.21 ? 355 HOH A O   1 
HETATM 1014 O O   . HOH E 4 .   ? -16.589 0.604   -2.398  1.00 30.16 ? 356 HOH A O   1 
HETATM 1015 O O   . HOH E 4 .   ? -16.568 -1.978  1.346   1.00 28.71 ? 357 HOH A O   1 
HETATM 1016 O O   . HOH E 4 .   ? -15.903 -1.226  -6.069  1.00 29.17 ? 358 HOH A O   1 
HETATM 1017 O O   . HOH E 4 .   ? 5.479   6.679   12.786  1.00 18.48 ? 359 HOH A O   1 
HETATM 1018 O O   . HOH E 4 .   ? 5.649   9.002   14.963  1.00 19.43 ? 360 HOH A O   1 
HETATM 1019 O O   . HOH E 4 .   ? 2.993   4.048   10.620  1.00 31.07 ? 361 HOH A O   1 
HETATM 1020 O O   . HOH E 4 .   ? -11.230 1.316   -10.837 1.00 30.93 ? 362 HOH A O   1 
HETATM 1021 O O   . HOH E 4 .   ? 5.777   0.187   -0.021  1.00 16.36 ? 363 HOH A O   1 
HETATM 1022 O O   . HOH E 4 .   ? 7.028   -4.049  -1.934  1.00 29.96 ? 364 HOH A O   1 
HETATM 1023 O O   . HOH E 4 .   ? 6.278   -9.481  -1.689  1.00 25.99 ? 365 HOH A O   1 
HETATM 1024 O O   . HOH E 4 .   ? 8.662   -11.933 -2.114  1.00 34.65 ? 366 HOH A O   1 
HETATM 1025 O O   . HOH E 4 .   ? 4.816   22.112  -6.889  1.00 22.68 ? 367 HOH A O   1 
HETATM 1026 O O   . HOH E 4 .   ? -6.801  0.162   6.697   1.00 38.43 ? 368 HOH A O   1 
HETATM 1027 O O   . HOH E 4 .   ? 11.369  14.162  12.015  1.00 33.93 ? 369 HOH A O   1 
HETATM 1028 O O   . HOH E 4 .   ? -8.878  -10.098 10.134  1.00 27.33 ? 370 HOH A O   1 
HETATM 1029 O O   . HOH E 4 .   ? -8.638  -11.408 14.884  1.00 41.22 ? 371 HOH A O   1 
HETATM 1030 O O   . HOH E 4 .   ? 1.446   -16.086 10.106  1.00 35.17 ? 372 HOH A O   1 
HETATM 1031 O O   . HOH E 4 .   ? 4.317   -8.747  -5.674  1.00 25.67 ? 373 HOH A O   1 
HETATM 1032 O O   . HOH E 4 .   ? 16.973  7.509   4.837   1.00 28.18 ? 374 HOH A O   1 
HETATM 1033 O O   . HOH E 4 .   ? 2.885   11.534  12.594  1.00 29.48 ? 375 HOH A O   1 
HETATM 1034 O O   . HOH E 4 .   ? 6.667   17.945  9.581   1.00 27.25 ? 376 HOH A O   1 
HETATM 1035 O O   . HOH E 4 .   ? 5.597   17.130  6.039   1.00 27.28 ? 377 HOH A O   1 
HETATM 1036 O O   . HOH E 4 .   ? -4.051  19.131  0.561   1.00 41.54 ? 378 HOH A O   1 
HETATM 1037 O O   . HOH E 4 .   ? 3.016   0.269   -20.556 1.00 34.93 ? 379 HOH A O   1 
HETATM 1038 O O   . HOH E 4 .   ? 13.456  20.819  -2.701  1.00 25.02 ? 380 HOH A O   1 
HETATM 1039 O O   . HOH E 4 .   ? 12.274  8.903   -5.030  1.00 26.49 ? 381 HOH A O   1 
HETATM 1040 O O   . HOH E 4 .   ? -2.885  -17.649 -4.338  1.00 27.48 ? 382 HOH A O   1 
HETATM 1041 O O   . HOH E 4 .   ? -6.930  -20.629 -1.189  1.00 30.44 ? 383 HOH A O   1 
HETATM 1042 O O   . HOH E 4 .   ? -9.594  7.117   -4.556  1.00 27.42 ? 384 HOH A O   1 
HETATM 1043 O O   . HOH E 4 .   ? -10.960 11.105  -5.120  1.00 43.96 ? 385 HOH A O   1 
HETATM 1044 O O   . HOH E 4 .   ? 9.140   23.195  -3.078  1.00 30.51 ? 386 HOH A O   1 
# 
